data_6SLY
#
_entry.id   6SLY
#
_entity_poly.entity_id   1
_entity_poly.type   'polypeptide(L)'
_entity_poly.pdbx_seq_one_letter_code
;SEGATSEAQAYNPGVSNEFLMKIQTAISSKNRYPKMAQIRGIEGEVLVSFTINADGSVTDIKVVKSNTTDILNHAALEAI
KSAAHLFPKPEETVHLKIPIAYSLKED
;
_entity_poly.pdbx_strand_id   A
#
# COMPACT_ATOMS: atom_id res chain seq x y z
N SER A 1 -20.75 -2.79 3.67
CA SER A 1 -20.79 -1.33 3.92
C SER A 1 -20.33 -1.02 5.34
N GLU A 2 -19.80 0.18 5.59
CA GLU A 2 -19.49 0.73 6.92
C GLU A 2 -18.66 -0.20 7.84
N GLY A 3 -17.50 -0.65 7.35
CA GLY A 3 -16.45 -1.27 8.14
C GLY A 3 -15.53 -0.24 8.81
N ALA A 4 -14.25 -0.58 8.95
CA ALA A 4 -13.20 0.24 9.55
C ALA A 4 -11.87 0.15 8.76
N THR A 5 -10.88 0.96 9.13
CA THR A 5 -9.57 1.08 8.47
C THR A 5 -8.55 -0.04 8.76
N SER A 6 -9.01 -1.29 8.69
CA SER A 6 -8.51 -2.41 9.51
C SER A 6 -8.08 -3.70 8.79
N GLU A 7 -8.43 -3.88 7.52
CA GLU A 7 -8.03 -5.08 6.74
C GLU A 7 -6.52 -5.18 6.50
N ALA A 8 -5.82 -4.05 6.46
CA ALA A 8 -4.37 -3.99 6.35
C ALA A 8 -3.65 -4.38 7.65
N GLN A 9 -4.20 -4.03 8.82
CA GLN A 9 -3.61 -4.47 10.09
C GLN A 9 -3.80 -5.99 10.23
N ALA A 10 -4.91 -6.56 9.74
CA ALA A 10 -5.18 -7.99 9.73
C ALA A 10 -4.13 -8.81 8.94
N TYR A 11 -3.47 -8.20 7.94
CA TYR A 11 -2.27 -8.73 7.27
C TYR A 11 -0.97 -8.77 8.08
N ASN A 12 -0.86 -7.89 9.07
CA ASN A 12 0.28 -7.75 10.00
C ASN A 12 -0.16 -7.97 11.47
N PRO A 13 -0.64 -9.19 11.83
CA PRO A 13 -1.12 -9.50 13.17
C PRO A 13 -0.03 -9.19 14.21
N GLY A 14 -0.39 -8.35 15.18
CA GLY A 14 0.52 -7.74 16.14
C GLY A 14 0.73 -6.23 15.97
N VAL A 15 0.36 -5.63 14.84
CA VAL A 15 0.43 -4.16 14.66
C VAL A 15 -0.74 -3.36 15.25
N SER A 16 -0.46 -2.22 15.87
CA SER A 16 -1.50 -1.25 16.29
C SER A 16 -2.20 -0.65 15.08
N ASN A 17 -3.54 -0.53 15.11
CA ASN A 17 -4.25 0.12 14.01
C ASN A 17 -3.94 1.62 13.96
N GLU A 18 -3.72 2.29 15.10
CA GLU A 18 -3.39 3.71 15.15
C GLU A 18 -2.05 4.02 14.45
N PHE A 19 -1.07 3.12 14.53
CA PHE A 19 0.18 3.19 13.77
C PHE A 19 -0.08 2.88 12.29
N LEU A 20 -0.74 1.75 12.01
CA LEU A 20 -0.89 1.20 10.65
C LEU A 20 -1.77 2.08 9.76
N MET A 21 -2.78 2.73 10.34
CA MET A 21 -3.64 3.71 9.67
C MET A 21 -2.83 4.88 9.10
N LYS A 22 -1.73 5.29 9.76
CA LYS A 22 -0.87 6.39 9.26
C LYS A 22 -0.18 6.03 7.94
N ILE A 23 0.13 4.75 7.73
CA ILE A 23 0.69 4.23 6.49
C ILE A 23 -0.32 4.38 5.34
N GLN A 24 -1.57 3.97 5.58
CA GLN A 24 -2.62 3.94 4.55
C GLN A 24 -2.91 5.33 3.97
N THR A 25 -3.05 6.33 4.83
CA THR A 25 -3.22 7.75 4.44
C THR A 25 -1.98 8.39 3.81
N ALA A 26 -0.77 7.94 4.17
CA ALA A 26 0.47 8.38 3.51
C ALA A 26 0.57 7.86 2.06
N ILE A 27 0.28 6.57 1.82
CA ILE A 27 0.25 6.01 0.45
C ILE A 27 -0.85 6.66 -0.37
N SER A 28 -2.08 6.61 0.15
CA SER A 28 -3.28 7.09 -0.56
C SER A 28 -3.14 8.54 -1.02
N SER A 29 -2.38 9.35 -0.29
CA SER A 29 -2.12 10.76 -0.63
C SER A 29 -1.34 10.92 -1.96
N LYS A 30 -0.36 10.04 -2.23
CA LYS A 30 0.45 10.03 -3.48
C LYS A 30 -0.01 9.00 -4.50
N ASN A 31 -0.96 8.13 -4.12
CA ASN A 31 -1.58 7.15 -4.99
C ASN A 31 -2.37 7.84 -6.12
N ARG A 32 -2.20 7.29 -7.33
CA ARG A 32 -2.73 7.76 -8.62
C ARG A 32 -3.19 6.58 -9.47
N TYR A 33 -4.32 6.73 -10.15
CA TYR A 33 -4.80 5.76 -11.15
C TYR A 33 -4.05 5.82 -12.51
N PRO A 34 -3.53 4.70 -13.06
CA PRO A 34 -2.86 4.70 -14.36
C PRO A 34 -3.87 4.98 -15.48
N LYS A 35 -3.79 6.14 -16.12
CA LYS A 35 -4.82 6.66 -17.05
C LYS A 35 -5.10 5.69 -18.21
N MET A 36 -4.07 5.00 -18.70
CA MET A 36 -4.13 3.95 -19.73
C MET A 36 -5.08 2.79 -19.40
N ALA A 37 -5.19 2.38 -18.13
CA ALA A 37 -6.09 1.30 -17.71
C ALA A 37 -7.56 1.75 -17.68
N GLN A 38 -7.82 3.04 -17.46
CA GLN A 38 -9.19 3.57 -17.30
C GLN A 38 -9.92 3.70 -18.65
N ILE A 39 -9.17 3.73 -19.76
CA ILE A 39 -9.67 3.70 -21.15
C ILE A 39 -10.55 2.46 -21.41
N ARG A 40 -10.14 1.31 -20.84
CA ARG A 40 -10.85 0.02 -20.87
C ARG A 40 -11.55 -0.35 -19.55
N GLY A 41 -11.14 0.26 -18.43
CA GLY A 41 -11.73 0.01 -17.11
C GLY A 41 -11.17 -1.23 -16.40
N ILE A 42 -9.87 -1.52 -16.55
CA ILE A 42 -9.21 -2.56 -15.72
C ILE A 42 -9.31 -2.19 -14.23
N GLU A 43 -9.56 -3.17 -13.36
CA GLU A 43 -9.58 -2.99 -11.89
C GLU A 43 -8.97 -4.19 -11.15
N GLY A 44 -8.71 -4.04 -9.85
CA GLY A 44 -8.45 -5.16 -8.95
C GLY A 44 -7.72 -4.74 -7.67
N GLU A 45 -6.90 -5.64 -7.13
CA GLU A 45 -6.17 -5.44 -5.88
C GLU A 45 -4.70 -5.88 -5.99
N VAL A 46 -3.86 -5.17 -5.24
CA VAL A 46 -2.41 -5.33 -5.13
C VAL A 46 -1.91 -5.38 -3.68
N LEU A 47 -1.47 -6.54 -3.19
CA LEU A 47 -0.88 -6.69 -1.86
C LEU A 47 0.62 -6.37 -1.89
N VAL A 48 0.92 -5.11 -1.62
CA VAL A 48 2.30 -4.56 -1.63
C VAL A 48 2.91 -4.68 -0.22
N SER A 49 4.22 -4.94 -0.17
CA SER A 49 5.02 -4.99 1.05
C SER A 49 6.28 -4.12 0.99
N PHE A 50 6.88 -3.90 2.16
CA PHE A 50 8.11 -3.15 2.38
C PHE A 50 8.76 -3.48 3.73
N THR A 51 10.05 -3.14 3.89
CA THR A 51 10.77 -3.18 5.17
C THR A 51 11.23 -1.79 5.59
N ILE A 52 11.01 -1.42 6.84
CA ILE A 52 11.58 -0.21 7.45
C ILE A 52 12.73 -0.63 8.37
N ASN A 53 13.99 -0.32 8.05
CA ASN A 53 15.16 -0.57 8.91
C ASN A 53 15.22 0.34 10.14
N ALA A 54 16.02 -0.05 11.13
CA ALA A 54 16.23 0.70 12.37
C ALA A 54 17.02 2.02 12.15
N ASP A 55 17.49 2.27 10.93
CA ASP A 55 18.05 3.54 10.47
C ASP A 55 16.99 4.63 10.21
N GLY A 56 15.70 4.25 10.26
CA GLY A 56 14.58 5.16 10.05
C GLY A 56 14.42 5.51 8.57
N SER A 57 14.39 4.49 7.72
CA SER A 57 14.24 4.61 6.26
C SER A 57 13.57 3.35 5.69
N VAL A 58 13.03 3.42 4.47
CA VAL A 58 12.27 2.31 3.85
C VAL A 58 13.03 1.66 2.70
N THR A 59 12.90 0.34 2.57
CA THR A 59 13.65 -0.53 1.64
C THR A 59 12.79 -1.76 1.34
N ASP A 60 13.24 -2.58 0.40
CA ASP A 60 12.67 -3.89 0.04
C ASP A 60 11.20 -3.76 -0.43
N ILE A 61 10.86 -2.64 -1.08
CA ILE A 61 9.52 -2.31 -1.57
C ILE A 61 9.16 -3.19 -2.78
N LYS A 62 8.11 -4.01 -2.67
CA LYS A 62 7.74 -5.05 -3.63
C LYS A 62 6.25 -5.43 -3.61
N VAL A 63 5.72 -5.98 -4.71
CA VAL A 63 4.40 -6.65 -4.74
C VAL A 63 4.55 -8.11 -4.33
N VAL A 64 3.95 -8.51 -3.21
CA VAL A 64 3.97 -9.90 -2.72
C VAL A 64 2.87 -10.72 -3.39
N LYS A 65 1.64 -10.21 -3.38
CA LYS A 65 0.49 -10.86 -4.06
C LYS A 65 -0.30 -9.84 -4.89
N SER A 66 -0.99 -10.31 -5.94
CA SER A 66 -1.86 -9.46 -6.76
C SER A 66 -3.01 -10.22 -7.43
N ASN A 67 -4.10 -9.51 -7.68
CA ASN A 67 -5.21 -9.92 -8.56
C ASN A 67 -5.63 -8.78 -9.52
N THR A 68 -4.63 -8.16 -10.16
CA THR A 68 -4.81 -7.21 -11.26
C THR A 68 -3.64 -7.21 -12.26
N THR A 69 -3.76 -6.46 -13.36
CA THR A 69 -2.70 -6.32 -14.39
C THR A 69 -1.41 -5.66 -13.89
N ASP A 70 -0.26 -6.01 -14.49
CA ASP A 70 1.03 -5.51 -14.03
C ASP A 70 1.24 -3.98 -14.04
N ILE A 71 0.59 -3.25 -14.94
CA ILE A 71 0.55 -1.77 -14.94
C ILE A 71 -0.13 -1.22 -13.67
N LEU A 72 -1.24 -1.83 -13.22
CA LEU A 72 -1.90 -1.48 -11.96
C LEU A 72 -1.06 -1.94 -10.75
N ASN A 73 -0.44 -3.13 -10.81
CA ASN A 73 0.47 -3.61 -9.76
C ASN A 73 1.64 -2.64 -9.51
N HIS A 74 2.19 -2.06 -10.58
CA HIS A 74 3.31 -1.12 -10.50
C HIS A 74 2.84 0.26 -10.03
N ALA A 75 1.64 0.70 -10.43
CA ALA A 75 1.05 1.96 -9.98
C ALA A 75 0.73 1.94 -8.47
N ALA A 76 0.34 0.80 -7.93
CA ALA A 76 0.14 0.65 -6.49
C ALA A 76 1.48 0.76 -5.75
N LEU A 77 2.51 0.12 -6.29
CA LEU A 77 3.85 0.14 -5.72
C LEU A 77 4.56 1.50 -5.84
N GLU A 78 4.29 2.28 -6.90
CA GLU A 78 4.73 3.68 -6.99
C GLU A 78 4.24 4.55 -5.83
N ALA A 79 3.06 4.26 -5.27
CA ALA A 79 2.57 4.98 -4.11
C ALA A 79 3.33 4.57 -2.84
N ILE A 80 3.78 3.31 -2.71
CA ILE A 80 4.72 2.90 -1.65
C ILE A 80 6.06 3.59 -1.82
N LYS A 81 6.65 3.60 -3.02
CA LYS A 81 7.90 4.33 -3.31
C LYS A 81 7.80 5.83 -3.02
N SER A 82 6.64 6.42 -3.28
CA SER A 82 6.34 7.85 -3.04
C SER A 82 6.04 8.18 -1.57
N ALA A 83 5.50 7.22 -0.81
CA ALA A 83 5.22 7.33 0.61
C ALA A 83 6.36 6.83 1.52
N ALA A 84 7.37 6.14 0.98
CA ALA A 84 8.53 5.65 1.73
C ALA A 84 9.19 6.71 2.63
N HIS A 85 9.50 7.88 2.09
CA HIS A 85 10.01 9.02 2.88
C HIS A 85 9.00 9.58 3.90
N LEU A 86 7.70 9.36 3.68
CA LEU A 86 6.60 9.86 4.53
C LEU A 86 6.27 8.94 5.74
N PHE A 87 6.70 7.67 5.70
CA PHE A 87 6.49 6.72 6.80
C PHE A 87 7.27 7.05 8.11
N PRO A 88 6.81 6.63 9.30
CA PRO A 88 7.51 6.83 10.57
C PRO A 88 8.83 6.03 10.68
N LYS A 89 9.68 6.40 11.65
CA LYS A 89 11.02 5.86 11.91
C LYS A 89 11.05 4.99 13.18
N PRO A 90 11.15 3.65 13.05
CA PRO A 90 11.20 2.69 14.17
C PRO A 90 12.60 2.57 14.80
N GLU A 91 12.65 1.93 15.98
CA GLU A 91 13.88 1.57 16.72
C GLU A 91 14.41 0.17 16.34
N GLU A 92 13.97 -0.36 15.20
CA GLU A 92 14.05 -1.78 14.83
C GLU A 92 13.84 -1.94 13.32
N THR A 93 14.44 -2.97 12.70
CA THR A 93 13.96 -3.44 11.39
C THR A 93 12.57 -4.10 11.47
N VAL A 94 11.59 -3.63 10.72
CA VAL A 94 10.20 -4.12 10.73
C VAL A 94 9.60 -4.25 9.32
N HIS A 95 8.83 -5.31 9.05
CA HIS A 95 8.33 -5.67 7.72
C HIS A 95 6.79 -5.69 7.66
N LEU A 96 6.22 -4.90 6.77
CA LEU A 96 4.79 -4.57 6.68
C LEU A 96 4.22 -4.86 5.30
N LYS A 97 2.90 -5.10 5.23
CA LYS A 97 2.12 -5.39 4.01
C LYS A 97 0.82 -4.59 4.02
N ILE A 98 0.48 -3.94 2.91
CA ILE A 98 -0.75 -3.16 2.71
C ILE A 98 -1.45 -3.64 1.42
N PRO A 99 -2.72 -4.05 1.47
CA PRO A 99 -3.52 -4.26 0.27
C PRO A 99 -4.04 -2.93 -0.30
N ILE A 100 -3.51 -2.53 -1.46
CA ILE A 100 -4.03 -1.42 -2.28
C ILE A 100 -5.11 -1.95 -3.24
N ALA A 101 -6.14 -1.14 -3.50
CA ALA A 101 -7.21 -1.46 -4.44
C ALA A 101 -7.40 -0.33 -5.47
N TYR A 102 -7.70 -0.72 -6.70
CA TYR A 102 -8.12 0.14 -7.79
C TYR A 102 -9.50 -0.28 -8.33
N SER A 103 -10.46 0.64 -8.42
CA SER A 103 -11.78 0.42 -9.05
C SER A 103 -12.43 1.74 -9.48
N LEU A 104 -13.27 1.68 -10.51
CA LEU A 104 -14.04 2.85 -11.02
C LEU A 104 -15.46 2.94 -10.42
N LYS A 105 -16.06 1.79 -10.10
CA LYS A 105 -17.41 1.64 -9.52
C LYS A 105 -17.56 2.25 -8.10
N GLU A 106 -18.77 2.19 -7.53
CA GLU A 106 -19.01 2.34 -6.09
C GLU A 106 -19.44 1.01 -5.44
N ASP A 107 -18.51 0.33 -4.77
CA ASP A 107 -18.76 -0.87 -3.95
C ASP A 107 -17.70 -1.17 -2.88
N SER A 1 -15.09 4.41 9.51
CA SER A 1 -14.17 4.05 8.41
C SER A 1 -14.89 4.11 7.07
N GLU A 2 -14.14 4.33 5.99
CA GLU A 2 -14.66 4.44 4.61
C GLU A 2 -14.87 3.07 3.92
N GLY A 3 -14.58 1.96 4.61
CA GLY A 3 -14.51 0.59 4.08
C GLY A 3 -13.48 -0.26 4.81
N ALA A 4 -12.73 -1.09 4.09
CA ALA A 4 -11.74 -2.04 4.63
C ALA A 4 -10.41 -1.39 5.14
N THR A 5 -10.51 -0.25 5.81
CA THR A 5 -9.37 0.56 6.34
C THR A 5 -8.58 -0.01 7.52
N SER A 6 -8.79 -1.27 7.89
CA SER A 6 -7.98 -1.98 8.90
C SER A 6 -7.50 -3.37 8.46
N GLU A 7 -7.87 -3.83 7.26
CA GLU A 7 -7.37 -5.09 6.66
C GLU A 7 -5.83 -5.12 6.59
N ALA A 8 -5.19 -3.97 6.40
CA ALA A 8 -3.74 -3.81 6.42
C ALA A 8 -3.11 -4.10 7.79
N GLN A 9 -3.76 -3.71 8.90
CA GLN A 9 -3.27 -4.10 10.24
C GLN A 9 -3.55 -5.59 10.49
N ALA A 10 -4.65 -6.13 9.96
CA ALA A 10 -4.99 -7.55 10.03
C ALA A 10 -4.03 -8.47 9.24
N TYR A 11 -3.29 -7.91 8.27
CA TYR A 11 -2.12 -8.55 7.66
C TYR A 11 -0.84 -8.63 8.50
N ASN A 12 -0.69 -7.70 9.42
CA ASN A 12 0.45 -7.58 10.35
C ASN A 12 -0.05 -7.73 11.81
N PRO A 13 -0.65 -8.88 12.18
CA PRO A 13 -1.39 -9.05 13.43
C PRO A 13 -0.52 -8.75 14.65
N GLY A 14 -1.05 -7.87 15.50
CA GLY A 14 -0.38 -7.31 16.68
C GLY A 14 0.32 -5.96 16.47
N VAL A 15 0.44 -5.44 15.23
CA VAL A 15 0.89 -4.05 14.97
C VAL A 15 -0.02 -3.00 15.62
N SER A 16 0.57 -1.91 16.12
CA SER A 16 -0.19 -0.77 16.67
C SER A 16 -0.98 -0.08 15.56
N ASN A 17 -2.29 0.10 15.72
CA ASN A 17 -3.08 0.78 14.68
C ASN A 17 -2.69 2.26 14.57
N GLU A 18 -2.22 2.92 15.63
CA GLU A 18 -1.65 4.28 15.61
C GLU A 18 -0.50 4.44 14.58
N PHE A 19 0.28 3.38 14.38
CA PHE A 19 1.37 3.28 13.41
C PHE A 19 0.80 2.91 12.03
N LEU A 20 0.01 1.84 11.94
CA LEU A 20 -0.48 1.30 10.65
C LEU A 20 -1.45 2.26 9.94
N MET A 21 -2.25 3.01 10.70
CA MET A 21 -3.11 4.08 10.19
C MET A 21 -2.30 5.13 9.43
N LYS A 22 -1.12 5.51 9.96
CA LYS A 22 -0.24 6.51 9.33
C LYS A 22 0.23 6.03 7.96
N ILE A 23 0.56 4.75 7.86
CA ILE A 23 1.02 4.14 6.61
C ILE A 23 -0.06 4.24 5.54
N GLN A 24 -1.28 3.78 5.86
CA GLN A 24 -2.38 3.70 4.89
C GLN A 24 -2.73 5.06 4.29
N THR A 25 -2.85 6.07 5.14
CA THR A 25 -3.12 7.45 4.73
C THR A 25 -1.95 8.13 4.01
N ALA A 26 -0.69 7.82 4.36
CA ALA A 26 0.47 8.34 3.64
C ALA A 26 0.55 7.81 2.19
N ILE A 27 0.26 6.52 1.97
CA ILE A 27 0.17 5.95 0.62
C ILE A 27 -1.05 6.50 -0.12
N SER A 28 -2.22 6.40 0.53
CA SER A 28 -3.51 6.83 -0.04
C SER A 28 -3.54 8.33 -0.42
N SER A 29 -2.63 9.13 0.13
CA SER A 29 -2.38 10.51 -0.29
C SER A 29 -1.82 10.61 -1.70
N LYS A 30 -0.83 9.77 -2.05
CA LYS A 30 -0.14 9.76 -3.36
C LYS A 30 -0.69 8.74 -4.35
N ASN A 31 -1.52 7.82 -3.86
CA ASN A 31 -2.16 6.77 -4.65
C ASN A 31 -3.16 7.35 -5.65
N ARG A 32 -3.03 6.87 -6.89
CA ARG A 32 -3.83 7.25 -8.06
C ARG A 32 -3.86 6.15 -9.12
N TYR A 33 -5.04 5.97 -9.73
CA TYR A 33 -5.29 5.13 -10.91
C TYR A 33 -4.40 5.35 -12.16
N PRO A 34 -3.85 4.31 -12.83
CA PRO A 34 -3.09 4.46 -14.07
C PRO A 34 -4.02 4.75 -15.26
N LYS A 35 -3.95 5.95 -15.83
CA LYS A 35 -4.85 6.41 -16.92
C LYS A 35 -4.93 5.42 -18.10
N MET A 36 -3.80 4.85 -18.50
CA MET A 36 -3.68 3.85 -19.58
C MET A 36 -4.56 2.59 -19.39
N ALA A 37 -4.87 2.19 -18.16
CA ALA A 37 -5.84 1.12 -17.89
C ALA A 37 -7.29 1.62 -17.87
N GLN A 38 -7.54 2.88 -17.50
CA GLN A 38 -8.90 3.45 -17.41
C GLN A 38 -9.53 3.72 -18.79
N ILE A 39 -8.76 3.66 -19.87
CA ILE A 39 -9.25 3.71 -21.27
C ILE A 39 -10.28 2.60 -21.51
N ARG A 40 -9.92 1.35 -21.15
CA ARG A 40 -10.82 0.17 -21.15
C ARG A 40 -11.48 -0.10 -19.79
N GLY A 41 -10.95 0.46 -18.72
CA GLY A 41 -11.51 0.38 -17.36
C GLY A 41 -11.07 -0.85 -16.57
N ILE A 42 -9.85 -1.36 -16.79
CA ILE A 42 -9.31 -2.51 -16.05
C ILE A 42 -9.34 -2.23 -14.53
N GLU A 43 -9.69 -3.25 -13.73
CA GLU A 43 -9.89 -3.15 -12.28
C GLU A 43 -9.44 -4.42 -11.54
N GLY A 44 -9.06 -4.29 -10.27
CA GLY A 44 -8.71 -5.42 -9.41
C GLY A 44 -8.08 -4.99 -8.09
N GLU A 45 -7.21 -5.84 -7.55
CA GLU A 45 -6.56 -5.63 -6.24
C GLU A 45 -5.08 -6.04 -6.27
N VAL A 46 -4.26 -5.34 -5.49
CA VAL A 46 -2.81 -5.52 -5.31
C VAL A 46 -2.44 -5.68 -3.82
N LEU A 47 -1.42 -6.46 -3.49
CA LEU A 47 -0.83 -6.52 -2.15
C LEU A 47 0.68 -6.20 -2.22
N VAL A 48 1.03 -5.02 -1.75
CA VAL A 48 2.41 -4.49 -1.77
C VAL A 48 3.02 -4.63 -0.38
N SER A 49 4.32 -4.92 -0.36
CA SER A 49 5.14 -5.03 0.84
C SER A 49 6.39 -4.14 0.81
N PHE A 50 7.01 -4.00 1.98
CA PHE A 50 8.22 -3.23 2.22
C PHE A 50 8.93 -3.59 3.52
N THR A 51 10.19 -3.19 3.66
CA THR A 51 10.97 -3.29 4.90
C THR A 51 11.28 -1.90 5.45
N ILE A 52 11.09 -1.69 6.75
CA ILE A 52 11.56 -0.50 7.46
C ILE A 52 12.71 -0.94 8.38
N ASN A 53 13.93 -0.47 8.16
CA ASN A 53 15.07 -0.64 9.07
C ASN A 53 14.93 0.19 10.37
N ALA A 54 15.72 -0.13 11.40
CA ALA A 54 15.76 0.62 12.65
C ALA A 54 16.24 2.08 12.47
N ASP A 55 16.86 2.42 11.33
CA ASP A 55 17.16 3.80 10.93
C ASP A 55 15.93 4.70 10.64
N GLY A 56 14.75 4.08 10.52
CA GLY A 56 13.48 4.73 10.22
C GLY A 56 13.17 4.92 8.71
N SER A 57 14.10 4.58 7.83
CA SER A 57 13.98 4.75 6.38
C SER A 57 13.39 3.49 5.72
N VAL A 58 12.60 3.63 4.65
CA VAL A 58 11.93 2.48 4.02
C VAL A 58 12.71 1.92 2.83
N THR A 59 12.68 0.61 2.61
CA THR A 59 13.53 -0.12 1.67
C THR A 59 12.85 -1.44 1.26
N ASP A 60 13.40 -2.14 0.27
CA ASP A 60 12.94 -3.47 -0.20
C ASP A 60 11.46 -3.47 -0.64
N ILE A 61 10.97 -2.34 -1.16
CA ILE A 61 9.58 -2.13 -1.62
C ILE A 61 9.27 -3.00 -2.85
N LYS A 62 8.18 -3.78 -2.81
CA LYS A 62 7.78 -4.74 -3.87
C LYS A 62 6.27 -5.06 -3.87
N VAL A 63 5.78 -5.70 -4.94
CA VAL A 63 4.50 -6.44 -4.95
C VAL A 63 4.75 -7.88 -4.53
N VAL A 64 3.91 -8.43 -3.64
CA VAL A 64 3.94 -9.84 -3.19
C VAL A 64 2.79 -10.64 -3.82
N LYS A 65 1.57 -10.11 -3.71
CA LYS A 65 0.34 -10.73 -4.25
C LYS A 65 -0.39 -9.81 -5.23
N SER A 66 -1.00 -10.39 -6.27
CA SER A 66 -1.62 -9.66 -7.39
C SER A 66 -2.91 -10.33 -7.88
N ASN A 67 -4.01 -9.60 -7.76
CA ASN A 67 -5.33 -9.91 -8.32
C ASN A 67 -5.68 -8.96 -9.50
N THR A 68 -4.65 -8.46 -10.18
CA THR A 68 -4.75 -7.56 -11.34
C THR A 68 -3.50 -7.55 -12.24
N THR A 69 -3.53 -6.83 -13.36
CA THR A 69 -2.41 -6.71 -14.31
C THR A 69 -1.19 -5.95 -13.77
N ASP A 70 0.01 -6.25 -14.29
CA ASP A 70 1.24 -5.54 -13.93
C ASP A 70 1.27 -4.01 -14.13
N ILE A 71 0.35 -3.45 -14.93
CA ILE A 71 0.14 -2.00 -15.03
C ILE A 71 -0.44 -1.46 -13.72
N LEU A 72 -1.50 -2.10 -13.23
CA LEU A 72 -2.19 -1.73 -11.99
C LEU A 72 -1.37 -2.14 -10.76
N ASN A 73 -0.67 -3.27 -10.79
CA ASN A 73 0.28 -3.66 -9.73
C ASN A 73 1.40 -2.63 -9.52
N HIS A 74 1.87 -2.00 -10.61
CA HIS A 74 2.92 -0.97 -10.54
C HIS A 74 2.37 0.34 -9.99
N ALA A 75 1.15 0.72 -10.37
CA ALA A 75 0.52 1.95 -9.87
C ALA A 75 0.34 1.92 -8.35
N ALA A 76 0.02 0.73 -7.79
CA ALA A 76 -0.06 0.52 -6.34
C ALA A 76 1.32 0.67 -5.68
N LEU A 77 2.36 0.09 -6.27
CA LEU A 77 3.72 0.15 -5.76
C LEU A 77 4.33 1.55 -5.81
N GLU A 78 4.09 2.34 -6.86
CA GLU A 78 4.58 3.72 -6.98
C GLU A 78 4.04 4.64 -5.86
N ALA A 79 2.86 4.35 -5.30
CA ALA A 79 2.34 5.05 -4.13
C ALA A 79 3.17 4.68 -2.88
N ILE A 80 3.68 3.45 -2.77
CA ILE A 80 4.65 3.07 -1.73
C ILE A 80 6.01 3.78 -1.96
N LYS A 81 6.57 3.72 -3.18
CA LYS A 81 7.86 4.35 -3.53
C LYS A 81 7.94 5.83 -3.19
N SER A 82 6.83 6.55 -3.37
CA SER A 82 6.70 7.98 -3.09
C SER A 82 6.23 8.30 -1.67
N ALA A 83 5.44 7.44 -1.00
CA ALA A 83 5.09 7.60 0.41
C ALA A 83 6.18 7.15 1.40
N ALA A 84 7.17 6.36 0.97
CA ALA A 84 8.28 5.86 1.79
C ALA A 84 9.05 6.95 2.58
N HIS A 85 9.22 8.14 2.04
CA HIS A 85 9.84 9.29 2.74
C HIS A 85 9.00 9.83 3.93
N LEU A 86 7.73 9.43 4.05
CA LEU A 86 6.75 9.96 5.00
C LEU A 86 6.48 9.06 6.22
N PHE A 87 6.86 7.78 6.15
CA PHE A 87 6.51 6.77 7.15
C PHE A 87 7.04 7.04 8.58
N PRO A 88 6.33 6.65 9.65
CA PRO A 88 6.81 6.77 11.03
C PRO A 88 8.00 5.85 11.29
N LYS A 89 8.88 6.23 12.23
CA LYS A 89 10.18 5.57 12.46
C LYS A 89 10.10 4.56 13.62
N PRO A 90 10.19 3.24 13.36
CA PRO A 90 10.31 2.20 14.38
C PRO A 90 11.73 2.17 14.99
N GLU A 91 11.90 1.40 16.06
CA GLU A 91 13.18 1.20 16.76
C GLU A 91 13.84 -0.16 16.40
N GLU A 92 13.43 -0.78 15.28
CA GLU A 92 13.79 -2.14 14.87
C GLU A 92 13.72 -2.24 13.34
N THR A 93 14.50 -3.14 12.74
CA THR A 93 14.14 -3.66 11.41
C THR A 93 12.86 -4.50 11.43
N VAL A 94 11.90 -4.19 10.58
CA VAL A 94 10.61 -4.89 10.47
C VAL A 94 10.03 -4.80 9.05
N HIS A 95 9.42 -5.87 8.53
CA HIS A 95 8.80 -5.90 7.19
C HIS A 95 7.28 -6.12 7.25
N LEU A 96 6.56 -5.38 6.41
CA LEU A 96 5.12 -5.12 6.48
C LEU A 96 4.46 -5.24 5.10
N LYS A 97 3.13 -5.41 5.08
CA LYS A 97 2.31 -5.57 3.87
C LYS A 97 1.03 -4.73 3.97
N ILE A 98 0.65 -4.04 2.89
CA ILE A 98 -0.52 -3.18 2.76
C ILE A 98 -1.25 -3.52 1.43
N PRO A 99 -2.56 -3.83 1.43
CA PRO A 99 -3.36 -3.97 0.22
C PRO A 99 -3.78 -2.61 -0.37
N ILE A 100 -3.83 -2.55 -1.70
CA ILE A 100 -4.29 -1.42 -2.53
C ILE A 100 -5.28 -1.94 -3.59
N ALA A 101 -6.28 -1.15 -3.98
CA ALA A 101 -7.32 -1.56 -4.93
C ALA A 101 -7.68 -0.45 -5.93
N TYR A 102 -8.05 -0.86 -7.14
CA TYR A 102 -8.44 0.00 -8.25
C TYR A 102 -9.73 -0.49 -8.92
N SER A 103 -10.75 0.36 -8.97
CA SER A 103 -11.97 0.09 -9.75
C SER A 103 -12.78 1.37 -9.96
N LEU A 104 -13.35 1.53 -11.17
CA LEU A 104 -14.16 2.70 -11.53
C LEU A 104 -15.56 2.72 -10.90
N LYS A 105 -16.09 1.55 -10.49
CA LYS A 105 -17.33 1.46 -9.68
C LYS A 105 -17.15 2.19 -8.35
N GLU A 106 -18.24 2.73 -7.79
CA GLU A 106 -18.23 3.34 -6.45
C GLU A 106 -18.43 2.35 -5.28
N ASP A 107 -18.79 1.10 -5.58
CA ASP A 107 -19.04 -0.03 -4.66
C ASP A 107 -17.82 -0.60 -3.92
N SER A 1 -15.78 -5.29 4.50
CA SER A 1 -14.58 -4.55 4.93
C SER A 1 -13.84 -4.00 3.73
N GLU A 2 -13.63 -2.67 3.74
CA GLU A 2 -13.24 -1.89 2.58
C GLU A 2 -12.65 -0.52 3.01
N GLY A 3 -12.14 0.30 2.08
CA GLY A 3 -11.69 1.67 2.39
C GLY A 3 -10.54 1.72 3.40
N ALA A 4 -10.76 2.39 4.54
CA ALA A 4 -9.84 2.49 5.69
C ALA A 4 -9.70 1.16 6.49
N THR A 5 -9.38 0.08 5.77
CA THR A 5 -9.55 -1.31 6.18
C THR A 5 -8.65 -1.82 7.32
N SER A 6 -9.23 -2.46 8.35
CA SER A 6 -8.47 -3.14 9.41
C SER A 6 -7.86 -4.47 8.95
N GLU A 7 -8.27 -4.98 7.79
CA GLU A 7 -7.73 -6.18 7.15
C GLU A 7 -6.23 -6.03 6.86
N ALA A 8 -5.77 -4.80 6.62
CA ALA A 8 -4.38 -4.44 6.40
C ALA A 8 -3.51 -4.66 7.66
N GLN A 9 -4.01 -4.33 8.85
CA GLN A 9 -3.27 -4.61 10.08
C GLN A 9 -3.29 -6.12 10.39
N ALA A 10 -4.38 -6.83 10.02
CA ALA A 10 -4.48 -8.28 10.19
C ALA A 10 -3.48 -9.10 9.34
N TYR A 11 -2.95 -8.55 8.24
CA TYR A 11 -1.79 -9.12 7.53
C TYR A 11 -0.45 -9.08 8.29
N ASN A 12 -0.36 -8.17 9.27
CA ASN A 12 0.86 -7.81 9.99
C ASN A 12 0.66 -7.93 11.51
N PRO A 13 0.33 -9.13 12.04
CA PRO A 13 0.06 -9.33 13.46
C PRO A 13 1.20 -8.79 14.33
N GLY A 14 0.80 -8.07 15.36
CA GLY A 14 1.63 -7.23 16.22
C GLY A 14 1.72 -5.76 15.79
N VAL A 15 1.22 -5.36 14.61
CA VAL A 15 1.16 -3.94 14.22
C VAL A 15 0.07 -3.11 14.89
N SER A 16 0.45 -1.95 15.39
CA SER A 16 -0.44 -0.91 15.91
C SER A 16 -1.39 -0.40 14.82
N ASN A 17 -2.70 -0.34 15.08
CA ASN A 17 -3.62 0.27 14.11
C ASN A 17 -3.38 1.78 14.01
N GLU A 18 -2.90 2.48 15.05
CA GLU A 18 -2.53 3.91 14.94
C GLU A 18 -1.40 4.12 13.92
N PHE A 19 -0.40 3.22 13.95
CA PHE A 19 0.72 3.20 13.00
C PHE A 19 0.17 2.85 11.62
N LEU A 20 -0.57 1.74 11.47
CA LEU A 20 -1.05 1.24 10.18
C LEU A 20 -2.05 2.21 9.51
N MET A 21 -2.89 2.86 10.29
CA MET A 21 -3.80 3.93 9.86
C MET A 21 -3.02 5.11 9.24
N LYS A 22 -1.88 5.48 9.86
CA LYS A 22 -0.99 6.56 9.39
C LYS A 22 -0.35 6.25 8.04
N ILE A 23 -0.08 4.96 7.80
CA ILE A 23 0.41 4.46 6.51
C ILE A 23 -0.67 4.54 5.41
N GLN A 24 -1.90 4.08 5.70
CA GLN A 24 -2.97 3.94 4.69
C GLN A 24 -3.30 5.26 3.98
N THR A 25 -3.47 6.33 4.75
CA THR A 25 -3.74 7.68 4.22
C THR A 25 -2.53 8.24 3.45
N ALA A 26 -1.31 7.99 3.93
CA ALA A 26 -0.09 8.56 3.35
C ALA A 26 0.16 8.04 1.92
N ILE A 27 -0.01 6.74 1.69
CA ILE A 27 0.11 6.18 0.33
C ILE A 27 -1.01 6.70 -0.57
N SER A 28 -2.26 6.54 -0.11
CA SER A 28 -3.46 6.96 -0.84
C SER A 28 -3.40 8.43 -1.29
N SER A 29 -2.68 9.26 -0.53
CA SER A 29 -2.48 10.68 -0.81
C SER A 29 -1.47 10.96 -1.94
N LYS A 30 -0.47 10.10 -2.14
CA LYS A 30 0.51 10.16 -3.25
C LYS A 30 0.13 9.23 -4.41
N ASN A 31 -0.85 8.35 -4.22
CA ASN A 31 -1.28 7.35 -5.19
C ASN A 31 -2.02 8.00 -6.38
N ARG A 32 -1.63 7.59 -7.59
CA ARG A 32 -2.11 8.04 -8.90
C ARG A 32 -2.53 6.84 -9.77
N TYR A 33 -3.71 6.88 -10.37
CA TYR A 33 -4.20 5.87 -11.33
C TYR A 33 -3.55 5.86 -12.73
N PRO A 34 -3.29 4.68 -13.36
CA PRO A 34 -2.74 4.57 -14.72
C PRO A 34 -3.81 4.88 -15.77
N LYS A 35 -3.70 6.00 -16.51
CA LYS A 35 -4.76 6.45 -17.43
C LYS A 35 -5.09 5.45 -18.55
N MET A 36 -4.10 4.71 -19.05
CA MET A 36 -4.24 3.63 -20.03
C MET A 36 -5.15 2.46 -19.61
N ALA A 37 -5.29 2.18 -18.31
CA ALA A 37 -6.19 1.12 -17.83
C ALA A 37 -7.67 1.55 -17.85
N GLN A 38 -7.95 2.83 -17.61
CA GLN A 38 -9.31 3.35 -17.45
C GLN A 38 -10.07 3.41 -18.80
N ILE A 39 -9.36 3.30 -19.93
CA ILE A 39 -9.90 3.20 -21.30
C ILE A 39 -10.74 1.92 -21.48
N ARG A 40 -10.22 0.77 -21.01
CA ARG A 40 -10.92 -0.53 -20.99
C ARG A 40 -11.68 -0.79 -19.68
N GLY A 41 -11.27 -0.12 -18.59
CA GLY A 41 -11.88 -0.25 -17.26
C GLY A 41 -11.32 -1.43 -16.47
N ILE A 42 -10.00 -1.66 -16.52
CA ILE A 42 -9.33 -2.62 -15.60
C ILE A 42 -9.46 -2.14 -14.13
N GLU A 43 -9.73 -3.06 -13.22
CA GLU A 43 -9.91 -2.80 -11.78
C GLU A 43 -9.62 -4.05 -10.93
N GLY A 44 -9.13 -3.89 -9.69
CA GLY A 44 -8.83 -5.03 -8.79
C GLY A 44 -8.17 -4.65 -7.47
N GLU A 45 -7.28 -5.51 -6.95
CA GLU A 45 -6.49 -5.29 -5.72
C GLU A 45 -5.01 -5.66 -5.92
N VAL A 46 -4.11 -4.95 -5.23
CA VAL A 46 -2.66 -5.14 -5.16
C VAL A 46 -2.14 -5.27 -3.72
N LEU A 47 -1.55 -6.40 -3.33
CA LEU A 47 -0.98 -6.59 -2.00
C LEU A 47 0.53 -6.29 -2.01
N VAL A 48 0.85 -5.02 -1.71
CA VAL A 48 2.23 -4.50 -1.72
C VAL A 48 2.85 -4.64 -0.32
N SER A 49 4.16 -4.90 -0.26
CA SER A 49 4.94 -4.95 0.99
C SER A 49 6.23 -4.14 0.94
N PHE A 50 6.78 -3.92 2.14
CA PHE A 50 8.03 -3.19 2.39
C PHE A 50 8.65 -3.52 3.75
N THR A 51 9.92 -3.17 3.93
CA THR A 51 10.61 -3.17 5.22
C THR A 51 11.03 -1.78 5.69
N ILE A 52 10.68 -1.42 6.92
CA ILE A 52 11.21 -0.24 7.60
C ILE A 52 12.37 -0.71 8.50
N ASN A 53 13.60 -0.34 8.19
CA ASN A 53 14.79 -0.65 9.00
C ASN A 53 14.87 0.17 10.29
N ALA A 54 15.70 -0.28 11.23
CA ALA A 54 15.95 0.37 12.51
C ALA A 54 16.59 1.76 12.38
N ASP A 55 17.13 2.08 11.19
CA ASP A 55 17.55 3.42 10.80
C ASP A 55 16.42 4.45 10.59
N GLY A 56 15.15 4.02 10.69
CA GLY A 56 13.99 4.91 10.60
C GLY A 56 13.63 5.32 9.16
N SER A 57 13.94 4.47 8.18
CA SER A 57 13.71 4.67 6.74
C SER A 57 13.18 3.39 6.08
N VAL A 58 12.67 3.45 4.85
CA VAL A 58 11.99 2.35 4.15
C VAL A 58 12.79 1.79 2.98
N THR A 59 12.74 0.46 2.80
CA THR A 59 13.57 -0.32 1.88
C THR A 59 12.82 -1.64 1.57
N ASP A 60 13.33 -2.50 0.68
CA ASP A 60 12.67 -3.77 0.34
C ASP A 60 11.23 -3.70 -0.21
N ILE A 61 10.89 -2.59 -0.86
CA ILE A 61 9.55 -2.35 -1.40
C ILE A 61 9.32 -3.25 -2.63
N LYS A 62 8.25 -4.06 -2.62
CA LYS A 62 7.83 -4.96 -3.72
C LYS A 62 6.32 -5.30 -3.69
N VAL A 63 5.78 -5.81 -4.79
CA VAL A 63 4.51 -6.54 -4.79
C VAL A 63 4.76 -7.97 -4.32
N VAL A 64 4.00 -8.45 -3.34
CA VAL A 64 4.01 -9.85 -2.89
C VAL A 64 2.94 -10.66 -3.59
N LYS A 65 1.71 -10.14 -3.56
CA LYS A 65 0.52 -10.78 -4.13
C LYS A 65 -0.29 -9.78 -4.96
N SER A 66 -0.95 -10.25 -6.03
CA SER A 66 -1.86 -9.42 -6.82
C SER A 66 -3.15 -10.12 -7.23
N ASN A 67 -4.16 -9.29 -7.43
CA ASN A 67 -5.52 -9.58 -7.89
C ASN A 67 -5.89 -8.65 -9.09
N THR A 68 -4.86 -8.17 -9.80
CA THR A 68 -4.94 -7.28 -10.96
C THR A 68 -3.70 -7.36 -11.88
N THR A 69 -3.71 -6.62 -12.99
CA THR A 69 -2.64 -6.60 -14.02
C THR A 69 -1.39 -5.79 -13.68
N ASP A 70 -0.25 -6.07 -14.33
CA ASP A 70 1.03 -5.46 -13.93
C ASP A 70 1.08 -3.92 -13.94
N ILE A 71 0.38 -3.28 -14.88
CA ILE A 71 0.24 -1.82 -14.96
C ILE A 71 -0.33 -1.24 -13.66
N LEU A 72 -1.41 -1.83 -13.14
CA LEU A 72 -2.05 -1.44 -11.89
C LEU A 72 -1.21 -1.85 -10.68
N ASN A 73 -0.58 -3.04 -10.70
CA ASN A 73 0.34 -3.48 -9.64
C ASN A 73 1.48 -2.48 -9.40
N HIS A 74 2.03 -1.93 -10.48
CA HIS A 74 3.16 -1.00 -10.42
C HIS A 74 2.71 0.42 -10.07
N ALA A 75 1.52 0.83 -10.49
CA ALA A 75 0.94 2.10 -10.07
C ALA A 75 0.66 2.11 -8.55
N ALA A 76 0.25 0.97 -7.98
CA ALA A 76 0.07 0.82 -6.54
C ALA A 76 1.43 0.87 -5.81
N LEU A 77 2.41 0.12 -6.30
CA LEU A 77 3.74 0.08 -5.70
C LEU A 77 4.49 1.40 -5.78
N GLU A 78 4.38 2.15 -6.89
CA GLU A 78 4.96 3.50 -7.00
C GLU A 78 4.46 4.47 -5.94
N ALA A 79 3.24 4.31 -5.44
CA ALA A 79 2.77 5.09 -4.30
C ALA A 79 3.54 4.70 -3.01
N ILE A 80 3.88 3.42 -2.81
CA ILE A 80 4.79 3.00 -1.71
C ILE A 80 6.19 3.60 -1.90
N LYS A 81 6.78 3.55 -3.10
CA LYS A 81 8.11 4.11 -3.38
C LYS A 81 8.26 5.58 -2.97
N SER A 82 7.23 6.39 -3.23
CA SER A 82 7.17 7.80 -2.84
C SER A 82 6.72 8.03 -1.38
N ALA A 83 5.70 7.31 -0.91
CA ALA A 83 5.22 7.42 0.48
C ALA A 83 6.21 6.89 1.52
N ALA A 84 7.20 6.08 1.11
CA ALA A 84 8.34 5.68 1.92
C ALA A 84 9.01 6.85 2.66
N HIS A 85 9.14 8.01 2.01
CA HIS A 85 9.72 9.23 2.58
C HIS A 85 8.87 9.89 3.70
N LEU A 86 7.64 9.42 3.91
CA LEU A 86 6.68 9.94 4.91
C LEU A 86 6.64 9.08 6.19
N PHE A 87 6.90 7.77 6.09
CA PHE A 87 6.53 6.78 7.12
C PHE A 87 7.17 6.97 8.52
N PRO A 88 6.49 6.56 9.61
CA PRO A 88 7.03 6.60 10.98
C PRO A 88 8.32 5.78 11.18
N LYS A 89 9.08 6.10 12.24
CA LYS A 89 10.40 5.52 12.55
C LYS A 89 10.31 4.51 13.71
N PRO A 90 10.55 3.20 13.47
CA PRO A 90 10.80 2.21 14.50
C PRO A 90 12.27 2.26 15.00
N GLU A 91 12.58 1.49 16.04
CA GLU A 91 13.95 1.25 16.52
C GLU A 91 14.46 -0.16 16.12
N GLU A 92 13.76 -0.83 15.19
CA GLU A 92 14.01 -2.19 14.73
C GLU A 92 13.69 -2.32 13.24
N THR A 93 14.28 -3.31 12.55
CA THR A 93 13.79 -3.72 11.22
C THR A 93 12.45 -4.46 11.27
N VAL A 94 11.41 -3.93 10.62
CA VAL A 94 10.04 -4.48 10.64
C VAL A 94 9.39 -4.43 9.26
N HIS A 95 8.67 -5.49 8.89
CA HIS A 95 8.03 -5.67 7.59
C HIS A 95 6.53 -5.45 7.67
N LEU A 96 5.97 -4.80 6.66
CA LEU A 96 4.57 -4.38 6.58
C LEU A 96 4.00 -4.64 5.18
N LYS A 97 2.69 -4.91 5.12
CA LYS A 97 1.95 -5.23 3.89
C LYS A 97 0.64 -4.45 3.87
N ILE A 98 0.36 -3.72 2.79
CA ILE A 98 -0.84 -2.92 2.57
C ILE A 98 -1.56 -3.41 1.30
N PRO A 99 -2.84 -3.81 1.36
CA PRO A 99 -3.65 -4.06 0.18
C PRO A 99 -4.20 -2.75 -0.41
N ILE A 100 -3.66 -2.33 -1.54
CA ILE A 100 -4.15 -1.20 -2.34
C ILE A 100 -5.24 -1.69 -3.30
N ALA A 101 -6.23 -0.85 -3.60
CA ALA A 101 -7.29 -1.19 -4.56
C ALA A 101 -7.59 -0.04 -5.55
N TYR A 102 -8.01 -0.42 -6.76
CA TYR A 102 -8.40 0.46 -7.85
C TYR A 102 -9.76 0.09 -8.46
N SER A 103 -10.71 1.02 -8.51
CA SER A 103 -12.01 0.85 -9.19
C SER A 103 -12.61 2.18 -9.64
N LEU A 104 -13.20 2.22 -10.84
CA LEU A 104 -13.99 3.36 -11.34
C LEU A 104 -15.40 3.39 -10.73
N LYS A 105 -15.99 2.21 -10.50
CA LYS A 105 -17.24 2.04 -9.73
C LYS A 105 -17.02 2.35 -8.25
N GLU A 106 -18.09 2.72 -7.54
CA GLU A 106 -18.15 2.71 -6.08
C GLU A 106 -18.75 1.37 -5.60
N ASP A 107 -17.97 0.60 -4.84
CA ASP A 107 -18.29 -0.77 -4.38
C ASP A 107 -17.85 -1.12 -2.96
N SER A 1 -22.69 -0.21 5.68
CA SER A 1 -21.67 -0.28 6.75
C SER A 1 -20.42 0.47 6.29
N GLU A 2 -19.57 0.93 7.20
CA GLU A 2 -18.24 1.47 6.86
C GLU A 2 -17.20 1.27 7.98
N GLY A 3 -15.92 1.30 7.60
CA GLY A 3 -14.78 1.27 8.50
C GLY A 3 -13.47 1.67 7.82
N ALA A 4 -12.42 1.86 8.63
CA ALA A 4 -11.06 2.10 8.18
C ALA A 4 -10.41 0.84 7.55
N THR A 5 -9.29 1.04 6.86
CA THR A 5 -8.41 0.02 6.26
C THR A 5 -7.66 -0.90 7.23
N SER A 6 -8.26 -1.24 8.38
CA SER A 6 -7.62 -2.01 9.45
C SER A 6 -7.27 -3.46 9.04
N GLU A 7 -7.82 -3.95 7.93
CA GLU A 7 -7.35 -5.20 7.30
C GLU A 7 -5.84 -5.16 7.02
N ALA A 8 -5.28 -3.98 6.74
CA ALA A 8 -3.84 -3.76 6.57
C ALA A 8 -3.02 -4.04 7.85
N GLN A 9 -3.55 -3.74 9.04
CA GLN A 9 -2.88 -4.13 10.29
C GLN A 9 -3.15 -5.62 10.60
N ALA A 10 -4.29 -6.18 10.21
CA ALA A 10 -4.57 -7.61 10.30
C ALA A 10 -3.64 -8.49 9.42
N TYR A 11 -3.14 -7.94 8.29
CA TYR A 11 -2.02 -8.52 7.54
C TYR A 11 -0.65 -8.52 8.23
N ASN A 12 -0.49 -7.59 9.17
CA ASN A 12 0.71 -7.38 10.00
C ASN A 12 0.40 -7.56 11.51
N PRO A 13 -0.14 -8.72 11.93
CA PRO A 13 -0.71 -8.89 13.26
C PRO A 13 0.33 -8.61 14.36
N GLY A 14 -0.12 -7.90 15.39
CA GLY A 14 0.71 -7.39 16.48
C GLY A 14 1.26 -5.97 16.28
N VAL A 15 1.24 -5.40 15.06
CA VAL A 15 1.58 -3.99 14.84
C VAL A 15 0.64 -3.03 15.57
N SER A 16 1.15 -1.91 16.08
CA SER A 16 0.34 -0.85 16.68
C SER A 16 -0.54 -0.17 15.62
N ASN A 17 -1.86 -0.10 15.82
CA ASN A 17 -2.73 0.55 14.83
C ASN A 17 -2.45 2.05 14.76
N GLU A 18 -2.01 2.68 15.85
CA GLU A 18 -1.61 4.09 15.86
C GLU A 18 -0.42 4.38 14.92
N PHE A 19 0.40 3.37 14.61
CA PHE A 19 1.50 3.42 13.63
C PHE A 19 0.95 3.07 12.23
N LEU A 20 0.25 1.93 12.10
CA LEU A 20 -0.21 1.41 10.80
C LEU A 20 -1.26 2.31 10.13
N MET A 21 -2.07 2.99 10.94
CA MET A 21 -3.01 4.02 10.47
C MET A 21 -2.29 5.12 9.67
N LYS A 22 -1.08 5.52 10.09
CA LYS A 22 -0.32 6.60 9.44
C LYS A 22 0.16 6.18 8.04
N ILE A 23 0.48 4.89 7.87
CA ILE A 23 0.85 4.27 6.58
C ILE A 23 -0.31 4.33 5.58
N GLN A 24 -1.52 3.95 6.00
CA GLN A 24 -2.69 3.83 5.12
C GLN A 24 -2.98 5.16 4.41
N THR A 25 -3.02 6.24 5.20
CA THR A 25 -3.22 7.60 4.72
C THR A 25 -2.03 8.21 3.96
N ALA A 26 -0.79 7.81 4.29
CA ALA A 26 0.41 8.25 3.58
C ALA A 26 0.45 7.74 2.14
N ILE A 27 0.14 6.46 1.90
CA ILE A 27 0.09 5.90 0.54
C ILE A 27 -1.09 6.51 -0.21
N SER A 28 -2.27 6.47 0.39
CA SER A 28 -3.51 7.03 -0.20
C SER A 28 -3.39 8.52 -0.59
N SER A 29 -2.49 9.26 0.04
CA SER A 29 -2.19 10.66 -0.25
C SER A 29 -1.43 10.87 -1.57
N LYS A 30 -0.67 9.86 -2.02
CA LYS A 30 0.13 9.84 -3.26
C LYS A 30 -0.39 8.80 -4.27
N ASN A 31 -1.38 7.98 -3.89
CA ASN A 31 -2.02 6.99 -4.74
C ASN A 31 -2.96 7.64 -5.77
N ARG A 32 -2.85 7.18 -7.00
CA ARG A 32 -3.52 7.71 -8.19
C ARG A 32 -3.64 6.63 -9.28
N TYR A 33 -4.81 6.53 -9.92
CA TYR A 33 -5.02 5.67 -11.08
C TYR A 33 -4.06 5.83 -12.29
N PRO A 34 -3.71 4.75 -13.00
CA PRO A 34 -2.99 4.84 -14.29
C PRO A 34 -3.99 5.17 -15.42
N LYS A 35 -3.88 6.36 -16.04
CA LYS A 35 -4.85 6.81 -17.07
C LYS A 35 -4.99 5.85 -18.25
N MET A 36 -3.91 5.15 -18.63
CA MET A 36 -3.90 4.13 -19.68
C MET A 36 -4.90 2.99 -19.45
N ALA A 37 -5.03 2.47 -18.22
CA ALA A 37 -5.96 1.37 -17.93
C ALA A 37 -7.43 1.81 -17.96
N GLN A 38 -7.73 3.09 -17.68
CA GLN A 38 -9.11 3.59 -17.58
C GLN A 38 -9.77 3.73 -18.97
N ILE A 39 -8.98 3.76 -20.05
CA ILE A 39 -9.42 3.78 -21.45
C ILE A 39 -10.32 2.58 -21.75
N ARG A 40 -9.94 1.38 -21.27
CA ARG A 40 -10.80 0.18 -21.26
C ARG A 40 -11.54 -0.05 -19.94
N GLY A 41 -11.04 0.49 -18.82
CA GLY A 41 -11.63 0.37 -17.50
C GLY A 41 -11.16 -0.83 -16.69
N ILE A 42 -9.90 -1.28 -16.85
CA ILE A 42 -9.34 -2.41 -16.08
C ILE A 42 -9.44 -2.17 -14.56
N GLU A 43 -9.81 -3.21 -13.81
CA GLU A 43 -10.00 -3.21 -12.35
C GLU A 43 -9.35 -4.43 -11.68
N GLY A 44 -9.02 -4.32 -10.38
CA GLY A 44 -8.62 -5.45 -9.54
C GLY A 44 -7.93 -5.02 -8.24
N GLU A 45 -7.14 -5.91 -7.65
CA GLU A 45 -6.51 -5.71 -6.34
C GLU A 45 -5.03 -6.12 -6.34
N VAL A 46 -4.25 -5.41 -5.53
CA VAL A 46 -2.80 -5.55 -5.34
C VAL A 46 -2.43 -5.66 -3.87
N LEU A 47 -1.43 -6.47 -3.48
CA LEU A 47 -0.88 -6.50 -2.13
C LEU A 47 0.63 -6.22 -2.17
N VAL A 48 0.97 -4.99 -1.82
CA VAL A 48 2.36 -4.47 -1.82
C VAL A 48 2.93 -4.63 -0.42
N SER A 49 4.22 -4.97 -0.35
CA SER A 49 5.00 -5.05 0.90
C SER A 49 6.30 -4.25 0.85
N PHE A 50 6.84 -4.03 2.04
CA PHE A 50 8.09 -3.33 2.29
C PHE A 50 8.69 -3.71 3.66
N THR A 51 9.85 -3.15 3.97
CA THR A 51 10.48 -3.26 5.30
C THR A 51 10.94 -1.88 5.76
N ILE A 52 10.53 -1.48 6.96
CA ILE A 52 11.05 -0.29 7.63
C ILE A 52 12.14 -0.73 8.62
N ASN A 53 13.42 -0.49 8.33
CA ASN A 53 14.53 -0.79 9.24
C ASN A 53 14.54 0.10 10.49
N ALA A 54 15.23 -0.36 11.53
CA ALA A 54 15.44 0.35 12.80
C ALA A 54 16.19 1.70 12.63
N ASP A 55 16.79 1.94 11.47
CA ASP A 55 17.35 3.24 11.06
C ASP A 55 16.31 4.36 10.80
N GLY A 56 15.02 4.02 10.72
CA GLY A 56 13.93 4.96 10.45
C GLY A 56 13.68 5.24 8.95
N SER A 57 13.98 4.26 8.09
CA SER A 57 13.96 4.39 6.63
C SER A 57 13.29 3.17 6.00
N VAL A 58 12.72 3.30 4.80
CA VAL A 58 12.00 2.23 4.09
C VAL A 58 12.83 1.61 2.96
N THR A 59 12.78 0.28 2.83
CA THR A 59 13.58 -0.52 1.92
C THR A 59 12.82 -1.80 1.56
N ASP A 60 13.33 -2.65 0.66
CA ASP A 60 12.69 -3.91 0.28
C ASP A 60 11.25 -3.80 -0.30
N ILE A 61 10.92 -2.64 -0.91
CA ILE A 61 9.61 -2.36 -1.48
C ILE A 61 9.33 -3.28 -2.68
N LYS A 62 8.18 -3.97 -2.70
CA LYS A 62 7.75 -4.87 -3.79
C LYS A 62 6.23 -5.15 -3.83
N VAL A 63 5.80 -5.86 -4.87
CA VAL A 63 4.52 -6.59 -4.89
C VAL A 63 4.75 -8.04 -4.44
N VAL A 64 3.94 -8.53 -3.50
CA VAL A 64 3.99 -9.93 -3.02
C VAL A 64 2.88 -10.76 -3.63
N LYS A 65 1.66 -10.20 -3.61
CA LYS A 65 0.42 -10.85 -4.08
C LYS A 65 -0.34 -9.94 -5.05
N SER A 66 -0.99 -10.51 -6.06
CA SER A 66 -1.75 -9.75 -7.06
C SER A 66 -2.98 -10.48 -7.60
N ASN A 67 -3.99 -9.68 -7.92
CA ASN A 67 -5.29 -10.03 -8.51
C ASN A 67 -5.66 -9.02 -9.64
N THR A 68 -4.62 -8.44 -10.27
CA THR A 68 -4.70 -7.53 -11.41
C THR A 68 -3.44 -7.53 -12.28
N THR A 69 -3.51 -6.90 -13.46
CA THR A 69 -2.42 -6.81 -14.45
C THR A 69 -1.18 -6.07 -13.90
N ASP A 70 0.00 -6.43 -14.43
CA ASP A 70 1.27 -5.70 -14.23
C ASP A 70 1.24 -4.18 -14.47
N ILE A 71 0.28 -3.65 -15.22
CA ILE A 71 0.05 -2.20 -15.37
C ILE A 71 -0.48 -1.59 -14.06
N LEU A 72 -1.48 -2.20 -13.43
CA LEU A 72 -2.14 -1.71 -12.22
C LEU A 72 -1.33 -2.06 -10.95
N ASN A 73 -0.69 -3.23 -10.92
CA ASN A 73 0.24 -3.60 -9.84
C ASN A 73 1.38 -2.57 -9.65
N HIS A 74 1.79 -1.93 -10.75
CA HIS A 74 2.87 -0.93 -10.75
C HIS A 74 2.37 0.43 -10.26
N ALA A 75 1.12 0.80 -10.58
CA ALA A 75 0.50 2.03 -10.09
C ALA A 75 0.31 1.99 -8.56
N ALA A 76 0.07 0.79 -8.01
CA ALA A 76 0.02 0.57 -6.57
C ALA A 76 1.41 0.73 -5.93
N LEU A 77 2.44 0.11 -6.51
CA LEU A 77 3.82 0.23 -6.02
C LEU A 77 4.40 1.65 -6.15
N GLU A 78 4.06 2.41 -7.20
CA GLU A 78 4.42 3.82 -7.34
C GLU A 78 3.98 4.69 -6.14
N ALA A 79 2.87 4.35 -5.48
CA ALA A 79 2.43 5.07 -4.29
C ALA A 79 3.31 4.72 -3.08
N ILE A 80 3.77 3.46 -2.93
CA ILE A 80 4.76 3.09 -1.91
C ILE A 80 6.11 3.79 -2.15
N LYS A 81 6.63 3.83 -3.40
CA LYS A 81 7.87 4.56 -3.75
C LYS A 81 7.89 6.04 -3.34
N SER A 82 6.75 6.71 -3.37
CA SER A 82 6.62 8.09 -2.89
C SER A 82 6.35 8.17 -1.38
N ALA A 83 5.43 7.34 -0.87
CA ALA A 83 4.99 7.37 0.52
C ALA A 83 6.06 6.86 1.51
N ALA A 84 7.05 6.09 1.05
CA ALA A 84 8.17 5.62 1.87
C ALA A 84 8.80 6.73 2.74
N HIS A 85 9.11 7.87 2.12
CA HIS A 85 9.72 9.04 2.77
C HIS A 85 8.81 9.76 3.78
N LEU A 86 7.54 9.37 3.89
CA LEU A 86 6.56 9.86 4.86
C LEU A 86 6.42 8.97 6.10
N PHE A 87 6.76 7.68 6.00
CA PHE A 87 6.42 6.68 7.02
C PHE A 87 7.04 6.91 8.41
N PRO A 88 6.33 6.61 9.53
CA PRO A 88 6.85 6.71 10.89
C PRO A 88 8.04 5.77 11.13
N LYS A 89 8.88 6.13 12.11
CA LYS A 89 10.26 5.66 12.21
C LYS A 89 10.45 4.77 13.45
N PRO A 90 10.49 3.43 13.28
CA PRO A 90 10.52 2.45 14.36
C PRO A 90 11.90 2.35 15.04
N GLU A 91 11.94 1.60 16.15
CA GLU A 91 13.16 1.20 16.86
C GLU A 91 13.40 -0.33 16.73
N GLU A 92 13.06 -0.87 15.55
CA GLU A 92 13.23 -2.25 15.10
C GLU A 92 13.14 -2.30 13.56
N THR A 93 13.69 -3.32 12.90
CA THR A 93 13.23 -3.67 11.54
C THR A 93 11.82 -4.28 11.57
N VAL A 94 10.90 -3.74 10.77
CA VAL A 94 9.50 -4.15 10.70
C VAL A 94 9.03 -4.35 9.24
N HIS A 95 8.66 -5.59 8.91
CA HIS A 95 8.03 -5.96 7.64
C HIS A 95 6.55 -5.55 7.66
N LEU A 96 6.09 -4.82 6.65
CA LEU A 96 4.67 -4.48 6.47
C LEU A 96 4.17 -4.88 5.08
N LYS A 97 2.89 -5.23 5.01
CA LYS A 97 2.12 -5.43 3.78
C LYS A 97 0.87 -4.56 3.84
N ILE A 98 0.52 -3.86 2.77
CA ILE A 98 -0.65 -2.98 2.63
C ILE A 98 -1.37 -3.31 1.31
N PRO A 99 -2.68 -3.57 1.32
CA PRO A 99 -3.48 -3.76 0.11
C PRO A 99 -3.89 -2.44 -0.56
N ILE A 100 -3.81 -2.41 -1.89
CA ILE A 100 -4.25 -1.32 -2.78
C ILE A 100 -5.22 -1.90 -3.84
N ALA A 101 -6.29 -1.17 -4.18
CA ALA A 101 -7.36 -1.65 -5.05
C ALA A 101 -7.87 -0.58 -6.01
N TYR A 102 -8.24 -0.99 -7.22
CA TYR A 102 -8.59 -0.14 -8.35
C TYR A 102 -9.92 -0.51 -9.02
N SER A 103 -10.80 0.46 -9.26
CA SER A 103 -12.14 0.27 -9.84
C SER A 103 -12.74 1.62 -10.27
N LEU A 104 -13.42 1.67 -11.41
CA LEU A 104 -14.21 2.85 -11.81
C LEU A 104 -15.60 2.89 -11.14
N LYS A 105 -16.22 1.73 -10.94
CA LYS A 105 -17.46 1.58 -10.17
C LYS A 105 -17.15 1.45 -8.66
N GLU A 106 -18.19 1.55 -7.83
CA GLU A 106 -18.09 1.30 -6.38
C GLU A 106 -18.65 -0.09 -6.04
N ASP A 107 -17.86 -1.13 -6.32
CA ASP A 107 -18.14 -2.55 -6.00
C ASP A 107 -17.68 -3.04 -4.62
N SER A 1 -24.03 -0.64 3.47
CA SER A 1 -22.86 -1.14 4.21
C SER A 1 -21.61 -0.80 3.42
N GLU A 2 -20.69 -0.03 3.98
CA GLU A 2 -19.60 0.61 3.21
C GLU A 2 -18.41 1.04 4.10
N GLY A 3 -17.25 1.31 3.48
CA GLY A 3 -16.08 1.89 4.14
C GLY A 3 -15.27 0.93 5.02
N ALA A 4 -15.04 -0.30 4.57
CA ALA A 4 -14.28 -1.32 5.30
C ALA A 4 -12.82 -0.88 5.55
N THR A 5 -12.47 -0.65 6.82
CA THR A 5 -11.17 -0.09 7.26
C THR A 5 -10.31 -1.01 8.13
N SER A 6 -8.98 -0.94 7.97
CA SER A 6 -7.97 -1.60 8.81
C SER A 6 -7.82 -3.12 8.66
N GLU A 7 -8.34 -3.72 7.59
CA GLU A 7 -7.90 -5.05 7.13
C GLU A 7 -6.37 -5.10 6.89
N ALA A 8 -5.76 -3.96 6.57
CA ALA A 8 -4.31 -3.82 6.50
C ALA A 8 -3.59 -4.16 7.82
N GLN A 9 -4.11 -3.72 8.97
CA GLN A 9 -3.56 -4.15 10.26
C GLN A 9 -3.83 -5.65 10.48
N ALA A 10 -4.95 -6.18 9.97
CA ALA A 10 -5.29 -7.60 10.07
C ALA A 10 -4.32 -8.52 9.30
N TYR A 11 -3.64 -8.03 8.27
CA TYR A 11 -2.44 -8.64 7.68
C TYR A 11 -1.17 -8.68 8.54
N ASN A 12 -1.06 -7.74 9.47
CA ASN A 12 0.10 -7.52 10.35
C ASN A 12 -0.30 -7.61 11.86
N PRO A 13 -0.92 -8.71 12.34
CA PRO A 13 -1.46 -8.78 13.69
C PRO A 13 -0.34 -8.61 14.75
N GLY A 14 -0.49 -7.60 15.60
CA GLY A 14 0.54 -7.10 16.51
C GLY A 14 1.23 -5.80 16.06
N VAL A 15 0.85 -5.24 14.91
CA VAL A 15 1.03 -3.79 14.64
C VAL A 15 0.06 -2.95 15.47
N SER A 16 0.52 -1.78 15.92
CA SER A 16 -0.37 -0.75 16.49
C SER A 16 -1.30 -0.20 15.40
N ASN A 17 -2.61 -0.09 15.67
CA ASN A 17 -3.51 0.60 14.74
C ASN A 17 -3.08 2.04 14.51
N GLU A 18 -2.62 2.79 15.52
CA GLU A 18 -2.20 4.18 15.32
C GLU A 18 -0.97 4.27 14.41
N PHE A 19 -0.02 3.34 14.53
CA PHE A 19 1.15 3.25 13.65
C PHE A 19 0.77 2.89 12.22
N LEU A 20 -0.08 1.87 12.05
CA LEU A 20 -0.59 1.40 10.76
C LEU A 20 -1.46 2.47 10.08
N MET A 21 -2.20 3.25 10.87
CA MET A 21 -2.99 4.39 10.40
C MET A 21 -2.09 5.42 9.69
N LYS A 22 -0.87 5.67 10.20
CA LYS A 22 0.10 6.57 9.55
C LYS A 22 0.45 6.11 8.13
N ILE A 23 0.54 4.78 7.94
CA ILE A 23 0.85 4.12 6.67
C ILE A 23 -0.32 4.24 5.67
N GLN A 24 -1.55 3.92 6.10
CA GLN A 24 -2.73 3.92 5.22
C GLN A 24 -2.92 5.29 4.56
N THR A 25 -2.93 6.33 5.40
CA THR A 25 -3.10 7.72 4.96
C THR A 25 -1.98 8.23 4.06
N ALA A 26 -0.73 7.82 4.31
CA ALA A 26 0.42 8.22 3.49
C ALA A 26 0.37 7.62 2.07
N ILE A 27 0.08 6.32 1.93
CA ILE A 27 -0.05 5.70 0.61
C ILE A 27 -1.27 6.25 -0.12
N SER A 28 -2.42 6.25 0.55
CA SER A 28 -3.69 6.82 0.06
C SER A 28 -3.59 8.29 -0.37
N SER A 29 -2.56 9.00 0.10
CA SER A 29 -2.23 10.37 -0.30
C SER A 29 -1.40 10.43 -1.58
N LYS A 30 -0.42 9.53 -1.76
CA LYS A 30 0.48 9.48 -2.94
C LYS A 30 -0.01 8.53 -4.04
N ASN A 31 -1.05 7.75 -3.77
CA ASN A 31 -1.70 6.89 -4.74
C ASN A 31 -2.42 7.72 -5.82
N ARG A 32 -2.44 7.12 -7.00
CA ARG A 32 -2.92 7.68 -8.28
C ARG A 32 -3.25 6.54 -9.24
N TYR A 33 -4.42 6.59 -9.87
CA TYR A 33 -4.83 5.65 -10.90
C TYR A 33 -4.07 5.76 -12.24
N PRO A 34 -3.57 4.66 -12.83
CA PRO A 34 -2.88 4.70 -14.12
C PRO A 34 -3.88 4.99 -15.24
N LYS A 35 -3.83 6.18 -15.85
CA LYS A 35 -4.86 6.66 -16.80
C LYS A 35 -5.04 5.72 -18.00
N MET A 36 -3.96 5.11 -18.48
CA MET A 36 -3.95 4.07 -19.52
C MET A 36 -4.97 2.94 -19.28
N ALA A 37 -5.10 2.44 -18.04
CA ALA A 37 -6.08 1.42 -17.70
C ALA A 37 -7.51 1.99 -17.60
N GLN A 38 -7.66 3.25 -17.17
CA GLN A 38 -8.98 3.89 -16.99
C GLN A 38 -9.69 4.23 -18.32
N ILE A 39 -8.96 4.27 -19.44
CA ILE A 39 -9.52 4.42 -20.81
C ILE A 39 -10.56 3.33 -21.12
N ARG A 40 -10.33 2.12 -20.60
CA ARG A 40 -11.23 0.95 -20.67
C ARG A 40 -11.85 0.59 -19.31
N GLY A 41 -11.24 1.00 -18.20
CA GLY A 41 -11.70 0.74 -16.84
C GLY A 41 -11.27 -0.62 -16.29
N ILE A 42 -10.06 -1.09 -16.61
CA ILE A 42 -9.46 -2.29 -15.98
C ILE A 42 -9.38 -2.12 -14.45
N GLU A 43 -9.72 -3.15 -13.71
CA GLU A 43 -9.83 -3.13 -12.25
C GLU A 43 -9.42 -4.47 -11.60
N GLY A 44 -8.88 -4.39 -10.38
CA GLY A 44 -8.37 -5.53 -9.61
C GLY A 44 -7.68 -5.09 -8.33
N GLU A 45 -6.79 -5.93 -7.77
CA GLU A 45 -6.17 -5.73 -6.46
C GLU A 45 -4.71 -6.19 -6.43
N VAL A 46 -3.91 -5.45 -5.65
CA VAL A 46 -2.47 -5.59 -5.43
C VAL A 46 -2.08 -5.65 -3.94
N LEU A 47 -1.42 -6.71 -3.49
CA LEU A 47 -0.89 -6.84 -2.12
C LEU A 47 0.61 -6.51 -2.08
N VAL A 48 0.91 -5.25 -1.76
CA VAL A 48 2.29 -4.73 -1.72
C VAL A 48 2.86 -4.83 -0.30
N SER A 49 4.16 -5.09 -0.22
CA SER A 49 4.94 -5.11 1.03
C SER A 49 6.21 -4.26 0.97
N PHE A 50 6.79 -4.03 2.15
CA PHE A 50 8.04 -3.29 2.35
C PHE A 50 8.73 -3.61 3.69
N THR A 51 10.01 -3.26 3.84
CA THR A 51 10.74 -3.29 5.12
C THR A 51 11.09 -1.86 5.53
N ILE A 52 10.72 -1.47 6.75
CA ILE A 52 11.23 -0.28 7.43
C ILE A 52 12.38 -0.71 8.35
N ASN A 53 13.63 -0.40 7.98
CA ASN A 53 14.83 -0.63 8.79
C ASN A 53 14.94 0.29 10.02
N ALA A 54 15.89 -0.03 10.91
CA ALA A 54 16.18 0.77 12.10
C ALA A 54 16.72 2.18 11.78
N ASP A 55 17.15 2.43 10.54
CA ASP A 55 17.38 3.77 10.01
C ASP A 55 16.14 4.68 9.91
N GLY A 56 14.95 4.14 10.14
CA GLY A 56 13.67 4.83 9.95
C GLY A 56 13.29 5.05 8.47
N SER A 57 14.15 4.65 7.54
CA SER A 57 13.93 4.74 6.10
C SER A 57 13.16 3.50 5.63
N VAL A 58 12.60 3.54 4.42
CA VAL A 58 11.82 2.45 3.85
C VAL A 58 12.48 1.91 2.59
N THR A 59 12.52 0.59 2.49
CA THR A 59 13.18 -0.15 1.41
C THR A 59 12.51 -1.53 1.24
N ASP A 60 13.11 -2.40 0.43
CA ASP A 60 12.61 -3.76 0.17
C ASP A 60 11.20 -3.81 -0.45
N ILE A 61 10.79 -2.69 -1.05
CA ILE A 61 9.43 -2.45 -1.58
C ILE A 61 9.16 -3.39 -2.76
N LYS A 62 8.07 -4.17 -2.68
CA LYS A 62 7.74 -5.24 -3.64
C LYS A 62 6.23 -5.52 -3.69
N VAL A 63 5.77 -6.18 -4.76
CA VAL A 63 4.47 -6.88 -4.75
C VAL A 63 4.69 -8.31 -4.26
N VAL A 64 4.05 -8.69 -3.15
CA VAL A 64 4.06 -10.09 -2.67
C VAL A 64 3.02 -10.91 -3.42
N LYS A 65 1.80 -10.38 -3.50
CA LYS A 65 0.66 -11.07 -4.14
C LYS A 65 -0.19 -10.11 -4.97
N SER A 66 -0.91 -10.62 -5.97
CA SER A 66 -1.73 -9.81 -6.88
C SER A 66 -2.74 -10.66 -7.64
N ASN A 67 -3.72 -10.00 -8.23
CA ASN A 67 -4.60 -10.59 -9.26
C ASN A 67 -4.56 -9.85 -10.61
N THR A 68 -4.06 -8.61 -10.62
CA THR A 68 -4.29 -7.63 -11.68
C THR A 68 -3.14 -7.41 -12.68
N THR A 69 -3.30 -6.53 -13.67
CA THR A 69 -2.25 -6.25 -14.67
C THR A 69 -0.91 -5.80 -14.11
N ASP A 70 0.19 -6.14 -14.80
CA ASP A 70 1.54 -5.70 -14.40
C ASP A 70 1.69 -4.17 -14.35
N ILE A 71 0.86 -3.43 -15.12
CA ILE A 71 0.73 -1.96 -15.10
C ILE A 71 0.04 -1.48 -13.81
N LEU A 72 -1.10 -2.08 -13.44
CA LEU A 72 -1.84 -1.74 -12.23
C LEU A 72 -1.05 -2.14 -10.97
N ASN A 73 -0.37 -3.29 -10.98
CA ASN A 73 0.56 -3.71 -9.92
C ASN A 73 1.63 -2.67 -9.61
N HIS A 74 2.19 -2.07 -10.67
CA HIS A 74 3.25 -1.07 -10.53
C HIS A 74 2.74 0.31 -10.13
N ALA A 75 1.50 0.66 -10.51
CA ALA A 75 0.88 1.90 -10.03
C ALA A 75 0.61 1.83 -8.51
N ALA A 76 0.23 0.65 -7.99
CA ALA A 76 0.02 0.44 -6.56
C ALA A 76 1.36 0.52 -5.80
N LEU A 77 2.37 -0.19 -6.28
CA LEU A 77 3.73 -0.15 -5.73
C LEU A 77 4.36 1.26 -5.79
N GLU A 78 4.13 2.03 -6.85
CA GLU A 78 4.57 3.42 -6.95
C GLU A 78 4.03 4.34 -5.84
N ALA A 79 2.82 4.06 -5.32
CA ALA A 79 2.31 4.78 -4.17
C ALA A 79 3.12 4.44 -2.90
N ILE A 80 3.57 3.18 -2.73
CA ILE A 80 4.51 2.83 -1.66
C ILE A 80 5.84 3.55 -1.85
N LYS A 81 6.41 3.56 -3.06
CA LYS A 81 7.70 4.23 -3.35
C LYS A 81 7.72 5.73 -3.04
N SER A 82 6.61 6.43 -3.27
CA SER A 82 6.45 7.85 -2.90
C SER A 82 6.05 8.07 -1.44
N ALA A 83 5.24 7.19 -0.85
CA ALA A 83 4.86 7.24 0.57
C ALA A 83 5.98 6.79 1.53
N ALA A 84 6.97 6.03 1.05
CA ALA A 84 8.17 5.61 1.77
C ALA A 84 8.86 6.78 2.51
N HIS A 85 9.00 7.90 1.83
CA HIS A 85 9.56 9.15 2.37
C HIS A 85 8.73 9.78 3.50
N LEU A 86 7.49 9.33 3.73
CA LEU A 86 6.53 9.87 4.70
C LEU A 86 6.36 8.99 5.96
N PHE A 87 6.70 7.71 5.91
CA PHE A 87 6.38 6.73 6.97
C PHE A 87 6.97 7.01 8.37
N PRO A 88 6.34 6.57 9.48
CA PRO A 88 6.90 6.65 10.83
C PRO A 88 8.21 5.85 10.97
N LYS A 89 9.05 6.23 11.94
CA LYS A 89 10.41 5.69 12.14
C LYS A 89 10.48 4.73 13.34
N PRO A 90 10.53 3.40 13.13
CA PRO A 90 10.69 2.41 14.19
C PRO A 90 12.11 2.44 14.78
N GLU A 91 12.31 1.76 15.91
CA GLU A 91 13.61 1.65 16.60
C GLU A 91 14.38 0.37 16.21
N GLU A 92 13.90 -0.36 15.20
CA GLU A 92 14.36 -1.68 14.76
C GLU A 92 13.91 -1.92 13.32
N THR A 93 14.42 -2.96 12.65
CA THR A 93 13.81 -3.42 11.40
C THR A 93 12.44 -4.09 11.59
N VAL A 94 11.46 -3.72 10.77
CA VAL A 94 10.10 -4.29 10.75
C VAL A 94 9.55 -4.35 9.32
N HIS A 95 8.78 -5.38 8.99
CA HIS A 95 8.23 -5.61 7.64
C HIS A 95 6.71 -5.73 7.64
N LEU A 96 6.07 -5.09 6.65
CA LEU A 96 4.64 -4.77 6.61
C LEU A 96 4.04 -5.06 5.23
N LYS A 97 2.72 -5.30 5.17
CA LYS A 97 1.97 -5.56 3.94
C LYS A 97 0.67 -4.76 3.95
N ILE A 98 0.34 -4.05 2.86
CA ILE A 98 -0.87 -3.23 2.70
C ILE A 98 -1.55 -3.59 1.35
N PRO A 99 -2.82 -4.01 1.32
CA PRO A 99 -3.57 -4.23 0.08
C PRO A 99 -4.12 -2.93 -0.52
N ILE A 100 -3.81 -2.70 -1.80
CA ILE A 100 -4.29 -1.58 -2.64
C ILE A 100 -5.25 -2.13 -3.71
N ALA A 101 -6.34 -1.39 -3.98
CA ALA A 101 -7.34 -1.77 -4.98
C ALA A 101 -7.55 -0.64 -6.00
N TYR A 102 -7.81 -1.01 -7.25
CA TYR A 102 -8.16 -0.10 -8.34
C TYR A 102 -9.49 -0.43 -9.02
N SER A 103 -10.41 0.53 -9.05
CA SER A 103 -11.69 0.47 -9.78
C SER A 103 -12.33 1.86 -9.90
N LEU A 104 -13.06 2.10 -10.98
CA LEU A 104 -13.81 3.36 -11.19
C LEU A 104 -15.16 3.38 -10.48
N LYS A 105 -15.78 2.20 -10.29
CA LYS A 105 -17.08 2.02 -9.61
C LYS A 105 -16.97 2.01 -8.08
N GLU A 106 -18.10 2.14 -7.39
CA GLU A 106 -18.23 1.95 -5.94
C GLU A 106 -19.02 0.67 -5.63
N ASP A 107 -18.35 -0.38 -5.12
CA ASP A 107 -18.95 -1.65 -4.70
C ASP A 107 -18.37 -2.30 -3.43
N SER A 1 -20.70 5.83 8.07
CA SER A 1 -19.91 5.60 6.84
C SER A 1 -18.43 5.46 7.18
N GLU A 2 -17.82 4.33 6.83
CA GLU A 2 -16.39 4.02 7.05
C GLU A 2 -15.80 3.09 5.99
N GLY A 3 -14.47 3.01 5.89
CA GLY A 3 -13.76 1.90 5.25
C GLY A 3 -13.41 0.78 6.25
N ALA A 4 -13.36 -0.47 5.80
CA ALA A 4 -13.03 -1.65 6.62
C ALA A 4 -11.49 -1.90 6.74
N THR A 5 -10.70 -0.82 6.67
CA THR A 5 -9.25 -0.80 6.42
C THR A 5 -8.32 -1.44 7.46
N SER A 6 -8.86 -1.85 8.63
CA SER A 6 -8.11 -2.61 9.64
C SER A 6 -7.57 -3.96 9.14
N GLU A 7 -8.09 -4.48 8.03
CA GLU A 7 -7.54 -5.65 7.31
C GLU A 7 -6.03 -5.50 6.99
N ALA A 8 -5.53 -4.28 6.85
CA ALA A 8 -4.10 -4.00 6.69
C ALA A 8 -3.25 -4.29 7.94
N GLN A 9 -3.75 -3.99 9.15
CA GLN A 9 -3.01 -4.32 10.38
C GLN A 9 -3.00 -5.84 10.60
N ALA A 10 -4.04 -6.55 10.15
CA ALA A 10 -4.17 -7.99 10.27
C ALA A 10 -3.10 -8.80 9.50
N TYR A 11 -2.48 -8.22 8.47
CA TYR A 11 -1.26 -8.77 7.82
C TYR A 11 0.03 -8.74 8.67
N ASN A 12 0.08 -7.84 9.64
CA ASN A 12 1.27 -7.43 10.39
C ASN A 12 1.09 -7.62 11.92
N PRO A 13 0.66 -8.81 12.38
CA PRO A 13 0.05 -9.04 13.69
C PRO A 13 0.95 -8.61 14.84
N GLY A 14 0.39 -7.75 15.69
CA GLY A 14 1.07 -7.04 16.78
C GLY A 14 1.21 -5.53 16.54
N VAL A 15 1.07 -5.04 15.30
CA VAL A 15 1.04 -3.59 15.03
C VAL A 15 -0.22 -2.87 15.55
N SER A 16 -0.03 -1.70 16.16
CA SER A 16 -1.12 -0.84 16.63
C SER A 16 -1.86 -0.18 15.47
N ASN A 17 -3.19 -0.20 15.45
CA ASN A 17 -3.95 0.34 14.31
C ASN A 17 -3.80 1.87 14.23
N GLU A 18 -3.72 2.59 15.36
CA GLU A 18 -3.50 4.03 15.43
C GLU A 18 -2.21 4.47 14.71
N PHE A 19 -1.19 3.60 14.73
CA PHE A 19 0.09 3.76 14.04
C PHE A 19 -0.04 3.29 12.57
N LEU A 20 -0.60 2.10 12.32
CA LEU A 20 -0.72 1.50 10.98
C LEU A 20 -1.60 2.34 10.04
N MET A 21 -2.64 2.95 10.58
CA MET A 21 -3.54 3.87 9.87
C MET A 21 -2.75 5.03 9.21
N LYS A 22 -1.63 5.47 9.80
CA LYS A 22 -0.77 6.54 9.26
C LYS A 22 -0.14 6.16 7.91
N ILE A 23 0.16 4.88 7.73
CA ILE A 23 0.63 4.30 6.46
C ILE A 23 -0.44 4.41 5.37
N GLN A 24 -1.70 4.09 5.70
CA GLN A 24 -2.82 4.05 4.75
C GLN A 24 -3.03 5.43 4.09
N THR A 25 -3.08 6.48 4.91
CA THR A 25 -3.21 7.88 4.48
C THR A 25 -1.96 8.49 3.83
N ALA A 26 -0.78 7.95 4.12
CA ALA A 26 0.47 8.32 3.43
C ALA A 26 0.50 7.81 1.98
N ILE A 27 0.23 6.53 1.73
CA ILE A 27 0.22 5.97 0.36
C ILE A 27 -0.92 6.59 -0.44
N SER A 28 -2.11 6.61 0.15
CA SER A 28 -3.31 7.25 -0.43
C SER A 28 -3.10 8.73 -0.81
N SER A 29 -2.11 9.42 -0.23
CA SER A 29 -1.75 10.80 -0.60
C SER A 29 -0.94 10.88 -1.90
N LYS A 30 -0.20 9.82 -2.24
CA LYS A 30 0.68 9.70 -3.43
C LYS A 30 0.12 8.79 -4.52
N ASN A 31 -0.80 7.89 -4.17
CA ASN A 31 -1.52 6.96 -5.05
C ASN A 31 -2.29 7.71 -6.15
N ARG A 32 -2.10 7.29 -7.40
CA ARG A 32 -2.87 7.72 -8.57
C ARG A 32 -3.26 6.54 -9.46
N TYR A 33 -4.28 6.72 -10.31
CA TYR A 33 -4.67 5.73 -11.32
C TYR A 33 -3.77 5.74 -12.57
N PRO A 34 -3.42 4.59 -13.20
CA PRO A 34 -2.80 4.57 -14.51
C PRO A 34 -3.83 4.96 -15.59
N LYS A 35 -3.71 6.16 -16.18
CA LYS A 35 -4.73 6.75 -17.08
C LYS A 35 -5.19 5.82 -18.20
N MET A 36 -4.24 5.09 -18.82
CA MET A 36 -4.46 4.09 -19.86
C MET A 36 -5.49 3.00 -19.52
N ALA A 37 -5.54 2.55 -18.25
CA ALA A 37 -6.51 1.54 -17.82
C ALA A 37 -7.94 2.11 -17.69
N GLN A 38 -8.09 3.41 -17.41
CA GLN A 38 -9.39 4.02 -17.12
C GLN A 38 -10.24 4.24 -18.39
N ILE A 39 -9.59 4.27 -19.56
CA ILE A 39 -10.23 4.39 -20.87
C ILE A 39 -11.21 3.20 -21.11
N ARG A 40 -10.79 1.99 -20.73
CA ARG A 40 -11.59 0.74 -20.73
C ARG A 40 -12.21 0.38 -19.38
N GLY A 41 -11.62 0.82 -18.26
CA GLY A 41 -12.06 0.50 -16.91
C GLY A 41 -11.49 -0.78 -16.30
N ILE A 42 -10.22 -1.13 -16.59
CA ILE A 42 -9.53 -2.25 -15.91
C ILE A 42 -9.52 -2.01 -14.38
N GLU A 43 -9.71 -3.07 -13.59
CA GLU A 43 -9.85 -2.99 -12.13
C GLU A 43 -9.40 -4.26 -11.39
N GLY A 44 -8.87 -4.12 -10.17
CA GLY A 44 -8.45 -5.23 -9.31
C GLY A 44 -7.78 -4.79 -8.00
N GLU A 45 -6.98 -5.67 -7.39
CA GLU A 45 -6.29 -5.43 -6.11
C GLU A 45 -4.82 -5.92 -6.13
N VAL A 46 -3.96 -5.11 -5.52
CA VAL A 46 -2.50 -5.29 -5.39
C VAL A 46 -2.04 -5.38 -3.93
N LEU A 47 -1.39 -6.46 -3.49
CA LEU A 47 -0.90 -6.60 -2.12
C LEU A 47 0.62 -6.37 -2.08
N VAL A 48 0.97 -5.13 -1.71
CA VAL A 48 2.35 -4.61 -1.71
C VAL A 48 2.95 -4.73 -0.31
N SER A 49 4.26 -4.98 -0.27
CA SER A 49 5.07 -5.03 0.96
C SER A 49 6.32 -4.16 0.90
N PHE A 50 6.88 -3.95 2.09
CA PHE A 50 8.13 -3.24 2.35
C PHE A 50 8.72 -3.61 3.71
N THR A 51 9.97 -3.21 3.97
CA THR A 51 10.62 -3.30 5.28
C THR A 51 11.09 -1.93 5.72
N ILE A 52 10.81 -1.59 6.98
CA ILE A 52 11.35 -0.42 7.66
C ILE A 52 12.44 -0.89 8.64
N ASN A 53 13.72 -0.64 8.36
CA ASN A 53 14.86 -0.88 9.27
C ASN A 53 14.82 0.00 10.53
N ALA A 54 15.60 -0.37 11.55
CA ALA A 54 15.73 0.38 12.79
C ALA A 54 16.35 1.78 12.59
N ASP A 55 16.99 2.00 11.44
CA ASP A 55 17.49 3.30 10.99
C ASP A 55 16.41 4.31 10.54
N GLY A 56 15.14 3.89 10.51
CA GLY A 56 13.98 4.74 10.22
C GLY A 56 13.66 4.95 8.72
N SER A 57 14.43 4.35 7.82
CA SER A 57 14.23 4.43 6.37
C SER A 57 13.49 3.20 5.82
N VAL A 58 12.73 3.34 4.75
CA VAL A 58 12.05 2.21 4.09
C VAL A 58 12.91 1.59 2.97
N THR A 59 12.85 0.27 2.81
CA THR A 59 13.67 -0.54 1.90
C THR A 59 12.87 -1.80 1.50
N ASP A 60 13.38 -2.59 0.56
CA ASP A 60 12.75 -3.86 0.11
C ASP A 60 11.34 -3.76 -0.51
N ILE A 61 10.96 -2.60 -1.04
CA ILE A 61 9.62 -2.34 -1.57
C ILE A 61 9.30 -3.20 -2.81
N LYS A 62 8.26 -4.03 -2.75
CA LYS A 62 7.79 -4.91 -3.87
C LYS A 62 6.29 -5.29 -3.77
N VAL A 63 5.73 -5.82 -4.86
CA VAL A 63 4.47 -6.58 -4.83
C VAL A 63 4.75 -8.02 -4.39
N VAL A 64 4.03 -8.49 -3.38
CA VAL A 64 4.08 -9.90 -2.94
C VAL A 64 2.97 -10.72 -3.59
N LYS A 65 1.72 -10.29 -3.41
CA LYS A 65 0.54 -10.91 -4.04
C LYS A 65 -0.25 -9.94 -4.92
N SER A 66 -1.01 -10.48 -5.85
CA SER A 66 -1.81 -9.71 -6.82
C SER A 66 -3.01 -10.50 -7.35
N ASN A 67 -4.00 -9.76 -7.86
CA ASN A 67 -5.08 -10.30 -8.71
C ASN A 67 -5.12 -9.63 -10.10
N THR A 68 -4.42 -8.51 -10.26
CA THR A 68 -4.60 -7.55 -11.36
C THR A 68 -3.44 -7.46 -12.35
N THR A 69 -3.66 -6.79 -13.47
CA THR A 69 -2.68 -6.65 -14.56
C THR A 69 -1.41 -5.86 -14.20
N ASP A 70 -0.29 -6.13 -14.86
CA ASP A 70 1.02 -5.57 -14.49
C ASP A 70 1.06 -4.04 -14.41
N ILE A 71 0.39 -3.35 -15.33
CA ILE A 71 0.25 -1.88 -15.34
C ILE A 71 -0.38 -1.34 -14.04
N LEU A 72 -1.41 -2.02 -13.51
CA LEU A 72 -2.05 -1.65 -12.24
C LEU A 72 -1.19 -2.06 -11.03
N ASN A 73 -0.54 -3.23 -11.07
CA ASN A 73 0.43 -3.63 -10.03
C ASN A 73 1.56 -2.61 -9.86
N HIS A 74 2.04 -2.03 -10.97
CA HIS A 74 3.12 -1.05 -10.98
C HIS A 74 2.69 0.29 -10.37
N ALA A 75 1.48 0.73 -10.69
CA ALA A 75 0.94 2.00 -10.21
C ALA A 75 0.70 1.97 -8.69
N ALA A 76 0.30 0.82 -8.14
CA ALA A 76 0.13 0.66 -6.69
C ALA A 76 1.49 0.72 -5.98
N LEU A 77 2.49 0.04 -6.53
CA LEU A 77 3.84 0.02 -5.95
C LEU A 77 4.58 1.37 -6.07
N GLU A 78 4.36 2.14 -7.14
CA GLU A 78 4.90 3.51 -7.24
C GLU A 78 4.44 4.43 -6.10
N ALA A 79 3.26 4.19 -5.54
CA ALA A 79 2.76 4.92 -4.39
C ALA A 79 3.51 4.52 -3.11
N ILE A 80 3.93 3.25 -2.97
CA ILE A 80 4.85 2.85 -1.88
C ILE A 80 6.24 3.47 -2.07
N LYS A 81 6.81 3.44 -3.28
CA LYS A 81 8.11 4.09 -3.59
C LYS A 81 8.12 5.60 -3.27
N SER A 82 6.99 6.28 -3.46
CA SER A 82 6.82 7.72 -3.16
C SER A 82 6.41 8.00 -1.70
N ALA A 83 5.59 7.14 -1.07
CA ALA A 83 5.20 7.27 0.33
C ALA A 83 6.29 6.83 1.32
N ALA A 84 7.32 6.10 0.86
CA ALA A 84 8.44 5.64 1.67
C ALA A 84 9.09 6.76 2.52
N HIS A 85 9.36 7.95 1.94
CA HIS A 85 9.92 9.08 2.70
C HIS A 85 8.94 9.74 3.71
N LEU A 86 7.65 9.37 3.68
CA LEU A 86 6.61 9.82 4.61
C LEU A 86 6.46 8.93 5.85
N PHE A 87 6.89 7.66 5.80
CA PHE A 87 6.61 6.67 6.84
C PHE A 87 7.28 6.93 8.22
N PRO A 88 6.65 6.52 9.34
CA PRO A 88 7.22 6.69 10.69
C PRO A 88 8.46 5.81 10.94
N LYS A 89 9.28 6.22 11.91
CA LYS A 89 10.61 5.65 12.20
C LYS A 89 10.59 4.73 13.43
N PRO A 90 10.72 3.39 13.26
CA PRO A 90 10.73 2.42 14.34
C PRO A 90 12.09 2.34 15.08
N GLU A 91 12.10 1.61 16.19
CA GLU A 91 13.28 1.31 17.03
C GLU A 91 13.93 -0.07 16.69
N GLU A 92 13.51 -0.68 15.57
CA GLU A 92 13.82 -2.04 15.16
C GLU A 92 13.45 -2.23 13.68
N THR A 93 13.88 -3.33 13.06
CA THR A 93 13.36 -3.74 11.75
C THR A 93 11.91 -4.26 11.83
N VAL A 94 11.03 -3.75 10.98
CA VAL A 94 9.64 -4.22 10.85
C VAL A 94 9.20 -4.26 9.38
N HIS A 95 8.74 -5.43 8.92
CA HIS A 95 8.12 -5.60 7.62
C HIS A 95 6.61 -5.37 7.71
N LEU A 96 6.05 -4.63 6.74
CA LEU A 96 4.60 -4.40 6.62
C LEU A 96 4.10 -4.84 5.23
N LYS A 97 2.81 -5.18 5.20
CA LYS A 97 2.01 -5.41 4.00
C LYS A 97 0.78 -4.50 4.03
N ILE A 98 0.45 -3.94 2.88
CA ILE A 98 -0.74 -3.11 2.64
C ILE A 98 -1.40 -3.54 1.32
N PRO A 99 -2.71 -3.88 1.31
CA PRO A 99 -3.46 -4.02 0.07
C PRO A 99 -3.87 -2.64 -0.50
N ILE A 100 -3.71 -2.47 -1.81
CA ILE A 100 -4.17 -1.32 -2.61
C ILE A 100 -5.21 -1.81 -3.63
N ALA A 101 -6.25 -1.01 -3.89
CA ALA A 101 -7.37 -1.39 -4.75
C ALA A 101 -7.69 -0.33 -5.80
N TYR A 102 -7.79 -0.73 -7.07
CA TYR A 102 -8.16 0.11 -8.20
C TYR A 102 -9.46 -0.30 -8.87
N SER A 103 -10.46 0.59 -8.90
CA SER A 103 -11.67 0.45 -9.73
C SER A 103 -12.34 1.82 -9.94
N LEU A 104 -13.23 1.90 -10.94
CA LEU A 104 -14.05 3.08 -11.22
C LEU A 104 -15.51 2.93 -10.75
N LYS A 105 -16.02 1.70 -10.71
CA LYS A 105 -17.39 1.35 -10.26
C LYS A 105 -17.55 1.49 -8.74
N GLU A 106 -18.76 1.33 -8.20
CA GLU A 106 -18.95 1.12 -6.76
C GLU A 106 -18.60 -0.32 -6.38
N ASP A 107 -17.44 -0.46 -5.75
CA ASP A 107 -16.75 -1.68 -5.30
C ASP A 107 -16.19 -1.62 -3.87
N SER A 1 -13.89 -12.66 1.91
CA SER A 1 -13.04 -11.66 2.57
C SER A 1 -13.33 -10.28 2.02
N GLU A 2 -14.02 -9.44 2.79
CA GLU A 2 -14.33 -8.05 2.42
C GLU A 2 -14.70 -7.22 3.66
N GLY A 3 -14.59 -5.89 3.57
CA GLY A 3 -14.91 -4.96 4.65
C GLY A 3 -13.96 -3.75 4.72
N ALA A 4 -13.80 -3.20 5.92
CA ALA A 4 -12.87 -2.12 6.22
C ALA A 4 -11.40 -2.53 5.99
N THR A 5 -10.53 -1.53 5.83
CA THR A 5 -9.08 -1.66 5.59
C THR A 5 -8.25 -2.32 6.71
N SER A 6 -8.87 -2.72 7.82
CA SER A 6 -8.24 -3.40 8.95
C SER A 6 -7.61 -4.75 8.59
N GLU A 7 -8.01 -5.35 7.47
CA GLU A 7 -7.35 -6.49 6.82
C GLU A 7 -5.83 -6.27 6.63
N ALA A 8 -5.42 -5.01 6.44
CA ALA A 8 -4.03 -4.60 6.38
C ALA A 8 -3.27 -4.79 7.71
N GLN A 9 -3.88 -4.48 8.86
CA GLN A 9 -3.24 -4.77 10.16
C GLN A 9 -3.29 -6.28 10.45
N ALA A 10 -4.31 -7.01 9.97
CA ALA A 10 -4.38 -8.47 10.09
C ALA A 10 -3.29 -9.22 9.30
N TYR A 11 -2.70 -8.61 8.26
CA TYR A 11 -1.44 -9.07 7.65
C TYR A 11 -0.17 -8.92 8.49
N ASN A 12 -0.22 -8.03 9.49
CA ASN A 12 0.88 -7.66 10.38
C ASN A 12 0.49 -7.82 11.87
N PRO A 13 0.07 -9.02 12.32
CA PRO A 13 -0.51 -9.25 13.63
C PRO A 13 0.45 -8.89 14.77
N GLY A 14 0.00 -7.98 15.63
CA GLY A 14 0.78 -7.31 16.67
C GLY A 14 0.94 -5.80 16.44
N VAL A 15 0.70 -5.29 15.22
CA VAL A 15 0.73 -3.84 14.94
C VAL A 15 -0.44 -3.02 15.51
N SER A 16 -0.17 -1.80 15.98
CA SER A 16 -1.19 -0.79 16.27
C SER A 16 -1.95 -0.40 15.01
N ASN A 17 -3.29 -0.33 15.04
CA ASN A 17 -4.05 0.15 13.88
C ASN A 17 -3.83 1.66 13.69
N GLU A 18 -3.60 2.47 14.73
CA GLU A 18 -3.27 3.89 14.57
C GLU A 18 -1.96 4.07 13.76
N PHE A 19 -0.95 3.24 14.04
CA PHE A 19 0.31 3.20 13.29
C PHE A 19 0.13 2.69 11.86
N LEU A 20 -0.63 1.60 11.68
CA LEU A 20 -0.88 1.01 10.35
C LEU A 20 -1.73 1.94 9.46
N MET A 21 -2.72 2.61 10.05
CA MET A 21 -3.55 3.63 9.41
C MET A 21 -2.72 4.87 8.99
N LYS A 22 -1.62 5.17 9.70
CA LYS A 22 -0.68 6.23 9.32
C LYS A 22 0.01 5.91 7.99
N ILE A 23 0.32 4.64 7.77
CA ILE A 23 0.89 4.19 6.49
C ILE A 23 -0.13 4.32 5.36
N GLN A 24 -1.37 3.87 5.61
CA GLN A 24 -2.45 3.82 4.61
C GLN A 24 -2.70 5.20 3.98
N THR A 25 -2.83 6.21 4.86
CA THR A 25 -3.04 7.61 4.48
C THR A 25 -1.88 8.28 3.75
N ALA A 26 -0.63 7.96 4.11
CA ALA A 26 0.56 8.50 3.46
C ALA A 26 0.73 7.98 2.03
N ILE A 27 0.52 6.67 1.79
CA ILE A 27 0.49 6.14 0.41
C ILE A 27 -0.64 6.78 -0.38
N SER A 28 -1.82 6.83 0.23
CA SER A 28 -3.02 7.47 -0.34
C SER A 28 -2.83 8.96 -0.70
N SER A 29 -1.81 9.62 -0.14
CA SER A 29 -1.44 11.01 -0.46
C SER A 29 -0.61 11.13 -1.76
N LYS A 30 0.01 10.06 -2.23
CA LYS A 30 0.85 10.01 -3.45
C LYS A 30 0.32 9.02 -4.50
N ASN A 31 -0.63 8.16 -4.14
CA ASN A 31 -1.30 7.21 -5.02
C ASN A 31 -2.13 7.92 -6.09
N ARG A 32 -1.99 7.41 -7.32
CA ARG A 32 -2.72 7.82 -8.52
C ARG A 32 -3.03 6.63 -9.44
N TYR A 33 -4.08 6.74 -10.24
CA TYR A 33 -4.42 5.73 -11.26
C TYR A 33 -3.53 5.77 -12.52
N PRO A 34 -3.17 4.63 -13.14
CA PRO A 34 -2.60 4.58 -14.49
C PRO A 34 -3.69 4.90 -15.51
N LYS A 35 -3.66 6.06 -16.17
CA LYS A 35 -4.83 6.59 -16.91
C LYS A 35 -5.23 5.74 -18.12
N MET A 36 -4.29 4.97 -18.67
CA MET A 36 -4.51 3.96 -19.71
C MET A 36 -5.50 2.86 -19.30
N ALA A 37 -5.54 2.46 -18.01
CA ALA A 37 -6.43 1.41 -17.56
C ALA A 37 -7.91 1.83 -17.62
N GLN A 38 -8.21 3.10 -17.35
CA GLN A 38 -9.59 3.64 -17.39
C GLN A 38 -10.18 3.72 -18.82
N ILE A 39 -9.37 3.60 -19.87
CA ILE A 39 -9.84 3.56 -21.27
C ILE A 39 -10.70 2.31 -21.51
N ARG A 40 -10.20 1.12 -21.10
CA ARG A 40 -10.96 -0.15 -21.09
C ARG A 40 -11.78 -0.36 -19.81
N GLY A 41 -11.35 0.23 -18.70
CA GLY A 41 -11.97 0.07 -17.38
C GLY A 41 -11.39 -1.05 -16.52
N ILE A 42 -10.09 -1.34 -16.60
CA ILE A 42 -9.44 -2.33 -15.70
C ILE A 42 -9.52 -1.85 -14.23
N GLU A 43 -9.91 -2.74 -13.31
CA GLU A 43 -10.05 -2.48 -11.87
C GLU A 43 -9.91 -3.78 -11.06
N GLY A 44 -9.31 -3.71 -9.86
CA GLY A 44 -8.91 -4.86 -9.05
C GLY A 44 -8.08 -4.47 -7.82
N GLU A 45 -7.31 -5.41 -7.26
CA GLU A 45 -6.57 -5.22 -6.00
C GLU A 45 -5.11 -5.68 -6.13
N VAL A 46 -4.26 -5.02 -5.36
CA VAL A 46 -2.81 -5.27 -5.20
C VAL A 46 -2.43 -5.48 -3.72
N LEU A 47 -1.44 -6.33 -3.40
CA LEU A 47 -0.88 -6.46 -2.05
C LEU A 47 0.63 -6.21 -2.07
N VAL A 48 1.02 -5.02 -1.60
CA VAL A 48 2.41 -4.53 -1.61
C VAL A 48 3.00 -4.67 -0.21
N SER A 49 4.29 -5.00 -0.16
CA SER A 49 5.09 -5.14 1.07
C SER A 49 6.33 -4.25 1.04
N PHE A 50 6.93 -4.09 2.22
CA PHE A 50 8.18 -3.35 2.47
C PHE A 50 8.82 -3.71 3.80
N THR A 51 10.06 -3.25 4.03
CA THR A 51 10.74 -3.23 5.34
C THR A 51 11.10 -1.82 5.77
N ILE A 52 10.78 -1.45 7.00
CA ILE A 52 11.29 -0.24 7.65
C ILE A 52 12.42 -0.66 8.60
N ASN A 53 13.67 -0.30 8.30
CA ASN A 53 14.83 -0.53 9.18
C ASN A 53 14.84 0.37 10.42
N ALA A 54 15.65 0.03 11.42
CA ALA A 54 15.85 0.83 12.63
C ALA A 54 16.44 2.23 12.35
N ASP A 55 17.02 2.44 11.15
CA ASP A 55 17.37 3.78 10.66
C ASP A 55 16.14 4.71 10.42
N GLY A 56 14.92 4.16 10.51
CA GLY A 56 13.65 4.85 10.27
C GLY A 56 13.28 4.99 8.78
N SER A 57 14.13 4.53 7.87
CA SER A 57 13.97 4.64 6.42
C SER A 57 13.35 3.36 5.84
N VAL A 58 12.86 3.38 4.60
CA VAL A 58 12.13 2.25 3.99
C VAL A 58 12.87 1.60 2.82
N THR A 59 12.82 0.27 2.73
CA THR A 59 13.55 -0.59 1.80
C THR A 59 12.73 -1.88 1.55
N ASP A 60 13.20 -2.80 0.71
CA ASP A 60 12.57 -4.08 0.35
C ASP A 60 11.14 -3.91 -0.21
N ILE A 61 10.87 -2.77 -0.89
CA ILE A 61 9.56 -2.41 -1.42
C ILE A 61 9.23 -3.24 -2.66
N LYS A 62 8.16 -4.05 -2.61
CA LYS A 62 7.80 -5.02 -3.67
C LYS A 62 6.30 -5.40 -3.66
N VAL A 63 5.78 -5.95 -4.76
CA VAL A 63 4.48 -6.63 -4.81
C VAL A 63 4.67 -8.11 -4.45
N VAL A 64 3.97 -8.58 -3.41
CA VAL A 64 3.98 -9.98 -2.95
C VAL A 64 2.84 -10.80 -3.57
N LYS A 65 1.65 -10.20 -3.59
CA LYS A 65 0.40 -10.79 -4.11
C LYS A 65 -0.37 -9.76 -4.95
N SER A 66 -1.08 -10.22 -5.97
CA SER A 66 -1.86 -9.37 -6.88
C SER A 66 -3.13 -10.05 -7.41
N ASN A 67 -4.14 -9.23 -7.70
CA ASN A 67 -5.45 -9.57 -8.26
C ASN A 67 -5.83 -8.58 -9.39
N THR A 68 -4.82 -8.06 -10.09
CA THR A 68 -4.99 -7.14 -11.23
C THR A 68 -3.80 -7.14 -12.20
N THR A 69 -3.93 -6.40 -13.29
CA THR A 69 -2.94 -6.27 -14.36
C THR A 69 -1.62 -5.62 -13.94
N ASP A 70 -0.51 -6.00 -14.57
CA ASP A 70 0.84 -5.53 -14.23
C ASP A 70 1.04 -4.00 -14.17
N ILE A 71 0.37 -3.25 -15.05
CA ILE A 71 0.32 -1.78 -15.07
C ILE A 71 -0.33 -1.19 -13.80
N LEU A 72 -1.40 -1.81 -13.29
CA LEU A 72 -2.06 -1.41 -12.03
C LEU A 72 -1.23 -1.83 -10.82
N ASN A 73 -0.65 -3.04 -10.82
CA ASN A 73 0.24 -3.50 -9.74
C ASN A 73 1.43 -2.56 -9.51
N HIS A 74 1.98 -2.03 -10.60
CA HIS A 74 3.12 -1.10 -10.59
C HIS A 74 2.69 0.31 -10.14
N ALA A 75 1.48 0.74 -10.51
CA ALA A 75 0.93 2.02 -10.08
C ALA A 75 0.68 2.04 -8.55
N ALA A 76 0.27 0.92 -7.97
CA ALA A 76 0.13 0.78 -6.53
C ALA A 76 1.50 0.80 -5.84
N LEU A 77 2.50 0.12 -6.41
CA LEU A 77 3.85 0.07 -5.85
C LEU A 77 4.59 1.41 -5.93
N GLU A 78 4.46 2.19 -7.02
CA GLU A 78 5.02 3.54 -7.09
C GLU A 78 4.54 4.47 -5.95
N ALA A 79 3.32 4.23 -5.44
CA ALA A 79 2.82 4.97 -4.28
C ALA A 79 3.56 4.56 -3.01
N ILE A 80 3.96 3.29 -2.85
CA ILE A 80 4.87 2.86 -1.76
C ILE A 80 6.26 3.48 -1.95
N LYS A 81 6.87 3.35 -3.13
CA LYS A 81 8.24 3.83 -3.40
C LYS A 81 8.43 5.32 -3.12
N SER A 82 7.40 6.12 -3.43
CA SER A 82 7.36 7.55 -3.13
C SER A 82 6.92 7.87 -1.69
N ALA A 83 5.87 7.23 -1.15
CA ALA A 83 5.43 7.46 0.24
C ALA A 83 6.44 6.95 1.29
N ALA A 84 7.36 6.06 0.92
CA ALA A 84 8.48 5.58 1.73
C ALA A 84 9.28 6.70 2.42
N HIS A 85 9.44 7.84 1.74
CA HIS A 85 10.12 9.03 2.29
C HIS A 85 9.34 9.73 3.43
N LEU A 86 8.03 9.47 3.55
CA LEU A 86 7.09 10.10 4.48
C LEU A 86 6.91 9.31 5.79
N PHE A 87 7.17 7.99 5.78
CA PHE A 87 6.80 7.06 6.86
C PHE A 87 7.38 7.34 8.27
N PRO A 88 6.69 6.95 9.36
CA PRO A 88 7.21 7.04 10.74
C PRO A 88 8.44 6.15 10.99
N LYS A 89 9.20 6.47 12.05
CA LYS A 89 10.54 5.92 12.31
C LYS A 89 10.59 5.00 13.56
N PRO A 90 10.57 3.66 13.39
CA PRO A 90 10.62 2.67 14.48
C PRO A 90 12.02 2.53 15.12
N GLU A 91 12.08 1.81 16.24
CA GLU A 91 13.30 1.56 17.04
C GLU A 91 14.02 0.23 16.67
N GLU A 92 13.56 -0.45 15.62
CA GLU A 92 13.98 -1.80 15.19
C GLU A 92 13.61 -1.98 13.70
N THR A 93 14.24 -2.93 13.00
CA THR A 93 13.80 -3.30 11.65
C THR A 93 12.50 -4.11 11.79
N VAL A 94 11.50 -3.75 10.99
CA VAL A 94 10.18 -4.40 10.92
C VAL A 94 9.64 -4.41 9.48
N HIS A 95 9.04 -5.54 9.07
CA HIS A 95 8.51 -5.79 7.72
C HIS A 95 6.98 -5.80 7.74
N LEU A 96 6.38 -5.12 6.75
CA LEU A 96 4.94 -4.82 6.69
C LEU A 96 4.33 -5.18 5.31
N LYS A 97 3.00 -5.16 5.26
CA LYS A 97 2.15 -5.39 4.09
C LYS A 97 0.93 -4.46 4.12
N ILE A 98 0.59 -3.86 2.98
CA ILE A 98 -0.56 -2.99 2.77
C ILE A 98 -1.28 -3.40 1.47
N PRO A 99 -2.58 -3.70 1.47
CA PRO A 99 -3.38 -3.81 0.26
C PRO A 99 -3.78 -2.44 -0.29
N ILE A 100 -3.69 -2.30 -1.62
CA ILE A 100 -4.15 -1.14 -2.40
C ILE A 100 -5.21 -1.61 -3.41
N ALA A 101 -6.26 -0.81 -3.62
CA ALA A 101 -7.39 -1.17 -4.46
C ALA A 101 -7.73 -0.05 -5.46
N TYR A 102 -7.92 -0.45 -6.71
CA TYR A 102 -8.39 0.41 -7.79
C TYR A 102 -9.82 0.07 -8.22
N SER A 103 -10.72 1.06 -8.23
CA SER A 103 -12.14 0.89 -8.56
C SER A 103 -12.70 2.09 -9.32
N LEU A 104 -13.69 1.82 -10.17
CA LEU A 104 -14.32 2.80 -11.05
C LEU A 104 -15.86 2.81 -10.88
N LYS A 105 -16.46 1.62 -10.75
CA LYS A 105 -17.89 1.44 -10.46
C LYS A 105 -18.19 1.42 -8.96
N GLU A 106 -19.38 1.88 -8.60
CA GLU A 106 -19.90 1.89 -7.22
C GLU A 106 -21.45 1.81 -7.17
N ASP A 107 -22.10 1.56 -8.31
CA ASP A 107 -23.54 1.73 -8.60
C ASP A 107 -24.18 3.12 -8.48
N SER A 1 -11.48 3.17 -3.24
CA SER A 1 -11.66 2.63 -1.88
C SER A 1 -11.84 3.75 -0.87
N GLU A 2 -13.02 3.86 -0.26
CA GLU A 2 -13.21 4.75 0.90
C GLU A 2 -12.78 4.07 2.21
N GLY A 3 -12.02 4.80 3.03
CA GLY A 3 -11.55 4.39 4.37
C GLY A 3 -10.23 3.63 4.40
N ALA A 4 -9.41 3.93 5.42
CA ALA A 4 -8.28 3.10 5.82
C ALA A 4 -8.81 1.78 6.42
N THR A 5 -8.56 0.66 5.74
CA THR A 5 -9.09 -0.67 6.09
C THR A 5 -8.32 -1.34 7.23
N SER A 6 -9.05 -2.01 8.14
CA SER A 6 -8.41 -2.84 9.19
C SER A 6 -7.79 -4.12 8.64
N GLU A 7 -8.20 -4.56 7.45
CA GLU A 7 -7.66 -5.77 6.79
C GLU A 7 -6.13 -5.67 6.62
N ALA A 8 -5.62 -4.45 6.44
CA ALA A 8 -4.21 -4.13 6.33
C ALA A 8 -3.43 -4.40 7.63
N GLN A 9 -4.00 -4.13 8.81
CA GLN A 9 -3.37 -4.50 10.07
C GLN A 9 -3.47 -6.02 10.27
N ALA A 10 -4.57 -6.65 9.85
CA ALA A 10 -4.79 -8.09 9.96
C ALA A 10 -3.82 -8.95 9.10
N TYR A 11 -3.13 -8.37 8.10
CA TYR A 11 -1.97 -8.95 7.42
C TYR A 11 -0.63 -8.97 8.19
N ASN A 12 -0.56 -8.14 9.22
CA ASN A 12 0.63 -7.87 10.04
C ASN A 12 0.30 -8.00 11.55
N PRO A 13 -0.04 -9.21 12.06
CA PRO A 13 -0.46 -9.42 13.45
C PRO A 13 0.50 -8.81 14.47
N GLY A 14 -0.04 -8.05 15.43
CA GLY A 14 0.75 -7.30 16.41
C GLY A 14 1.23 -5.91 15.95
N VAL A 15 0.86 -5.46 14.75
CA VAL A 15 0.90 -4.01 14.41
C VAL A 15 -0.24 -3.20 15.02
N SER A 16 0.08 -2.04 15.56
CA SER A 16 -0.88 -1.06 16.09
C SER A 16 -1.69 -0.46 14.94
N ASN A 17 -3.02 -0.38 15.04
CA ASN A 17 -3.84 0.18 13.96
C ASN A 17 -3.56 1.66 13.75
N GLU A 18 -3.26 2.44 14.80
CA GLU A 18 -2.98 3.88 14.68
C GLU A 18 -1.71 4.15 13.84
N PHE A 19 -0.69 3.30 14.01
CA PHE A 19 0.55 3.29 13.23
C PHE A 19 0.26 2.83 11.79
N LEU A 20 -0.48 1.73 11.61
CA LEU A 20 -0.83 1.18 10.30
C LEU A 20 -1.75 2.13 9.50
N MET A 21 -2.63 2.84 10.18
CA MET A 21 -3.50 3.87 9.62
C MET A 21 -2.68 5.05 9.07
N LYS A 22 -1.59 5.45 9.76
CA LYS A 22 -0.67 6.50 9.29
C LYS A 22 -0.03 6.15 7.95
N ILE A 23 0.24 4.85 7.73
CA ILE A 23 0.80 4.34 6.48
C ILE A 23 -0.22 4.50 5.33
N GLN A 24 -1.46 4.03 5.53
CA GLN A 24 -2.49 4.01 4.49
C GLN A 24 -2.79 5.41 3.94
N THR A 25 -2.97 6.39 4.82
CA THR A 25 -3.17 7.80 4.42
C THR A 25 -1.96 8.41 3.71
N ALA A 26 -0.73 8.00 4.05
CA ALA A 26 0.49 8.45 3.38
C ALA A 26 0.64 7.87 1.96
N ILE A 27 0.29 6.59 1.73
CA ILE A 27 0.25 6.03 0.37
C ILE A 27 -0.89 6.65 -0.42
N SER A 28 -2.09 6.66 0.14
CA SER A 28 -3.30 7.28 -0.44
C SER A 28 -3.12 8.78 -0.77
N SER A 29 -2.16 9.44 -0.12
CA SER A 29 -1.73 10.80 -0.45
C SER A 29 -0.99 10.87 -1.80
N LYS A 30 -0.10 9.91 -2.08
CA LYS A 30 0.73 9.83 -3.29
C LYS A 30 0.12 9.00 -4.43
N ASN A 31 -0.81 8.10 -4.11
CA ASN A 31 -1.41 7.13 -5.02
C ASN A 31 -2.24 7.81 -6.12
N ARG A 32 -2.04 7.37 -7.37
CA ARG A 32 -2.69 7.88 -8.58
C ARG A 32 -3.09 6.75 -9.55
N TYR A 33 -4.32 6.77 -10.08
CA TYR A 33 -4.77 5.78 -11.07
C TYR A 33 -4.14 5.91 -12.47
N PRO A 34 -3.65 4.83 -13.10
CA PRO A 34 -3.04 4.89 -14.43
C PRO A 34 -4.10 5.17 -15.52
N LYS A 35 -4.09 6.36 -16.13
CA LYS A 35 -5.16 6.86 -17.01
C LYS A 35 -5.46 5.93 -18.19
N MET A 36 -4.42 5.32 -18.77
CA MET A 36 -4.49 4.28 -19.81
C MET A 36 -5.41 3.08 -19.47
N ALA A 37 -5.39 2.55 -18.24
CA ALA A 37 -6.23 1.41 -17.87
C ALA A 37 -7.71 1.81 -17.72
N GLN A 38 -8.00 3.07 -17.38
CA GLN A 38 -9.37 3.55 -17.19
C GLN A 38 -10.12 3.69 -18.53
N ILE A 39 -9.42 3.58 -19.67
CA ILE A 39 -10.03 3.64 -21.02
C ILE A 39 -10.92 2.41 -21.26
N ARG A 40 -10.38 1.19 -21.13
CA ARG A 40 -11.20 -0.04 -21.03
C ARG A 40 -11.86 -0.24 -19.67
N GLY A 41 -11.28 0.36 -18.62
CA GLY A 41 -11.79 0.25 -17.26
C GLY A 41 -11.35 -1.03 -16.57
N ILE A 42 -10.05 -1.36 -16.63
CA ILE A 42 -9.45 -2.40 -15.77
C ILE A 42 -9.46 -1.96 -14.29
N GLU A 43 -9.87 -2.85 -13.39
CA GLU A 43 -9.94 -2.66 -11.94
C GLU A 43 -9.69 -3.98 -11.17
N GLY A 44 -9.07 -3.91 -9.99
CA GLY A 44 -8.64 -5.06 -9.19
C GLY A 44 -7.83 -4.64 -7.96
N GLU A 45 -7.06 -5.55 -7.35
CA GLU A 45 -6.36 -5.29 -6.07
C GLU A 45 -4.88 -5.73 -6.11
N VAL A 46 -4.05 -5.05 -5.32
CA VAL A 46 -2.58 -5.22 -5.22
C VAL A 46 -2.08 -5.32 -3.77
N LEU A 47 -1.50 -6.45 -3.35
CA LEU A 47 -0.89 -6.59 -2.02
C LEU A 47 0.63 -6.31 -2.05
N VAL A 48 0.96 -5.05 -1.79
CA VAL A 48 2.34 -4.54 -1.76
C VAL A 48 2.90 -4.65 -0.33
N SER A 49 4.21 -4.86 -0.24
CA SER A 49 4.96 -4.91 1.03
C SER A 49 6.24 -4.08 1.02
N PHE A 50 6.80 -3.91 2.21
CA PHE A 50 8.07 -3.22 2.49
C PHE A 50 8.67 -3.62 3.84
N THR A 51 9.93 -3.23 4.08
CA THR A 51 10.56 -3.26 5.40
C THR A 51 11.06 -1.89 5.85
N ILE A 52 10.70 -1.46 7.05
CA ILE A 52 11.26 -0.27 7.70
C ILE A 52 12.34 -0.75 8.67
N ASN A 53 13.62 -0.48 8.40
CA ASN A 53 14.73 -0.83 9.30
C ASN A 53 14.83 0.05 10.55
N ALA A 54 15.64 -0.38 11.52
CA ALA A 54 15.89 0.36 12.76
C ALA A 54 16.72 1.65 12.54
N ASP A 55 17.17 1.90 11.31
CA ASP A 55 17.77 3.15 10.88
C ASP A 55 16.74 4.27 10.59
N GLY A 56 15.44 3.94 10.63
CA GLY A 56 14.31 4.84 10.39
C GLY A 56 13.87 4.95 8.93
N SER A 57 14.57 4.32 7.98
CA SER A 57 14.34 4.43 6.54
C SER A 57 13.50 3.26 6.01
N VAL A 58 13.00 3.35 4.77
CA VAL A 58 12.19 2.30 4.14
C VAL A 58 12.95 1.64 2.98
N THR A 59 12.90 0.32 2.90
CA THR A 59 13.72 -0.53 2.05
C THR A 59 12.92 -1.80 1.75
N ASP A 60 13.43 -2.72 0.93
CA ASP A 60 12.75 -4.00 0.66
C ASP A 60 11.34 -3.92 0.03
N ILE A 61 11.04 -2.83 -0.69
CA ILE A 61 9.72 -2.56 -1.27
C ILE A 61 9.45 -3.51 -2.45
N LYS A 62 8.31 -4.22 -2.46
CA LYS A 62 7.94 -5.23 -3.49
C LYS A 62 6.42 -5.49 -3.57
N VAL A 63 5.93 -6.04 -4.68
CA VAL A 63 4.60 -6.70 -4.78
C VAL A 63 4.71 -8.17 -4.40
N VAL A 64 4.08 -8.57 -3.29
CA VAL A 64 4.08 -9.95 -2.78
C VAL A 64 2.98 -10.79 -3.41
N LYS A 65 1.79 -10.20 -3.51
CA LYS A 65 0.59 -10.83 -4.08
C LYS A 65 -0.24 -9.84 -4.88
N SER A 66 -0.94 -10.31 -5.91
CA SER A 66 -1.68 -9.45 -6.83
C SER A 66 -2.94 -10.11 -7.41
N ASN A 67 -3.96 -9.29 -7.61
CA ASN A 67 -5.31 -9.59 -8.08
C ASN A 67 -5.70 -8.63 -9.24
N THR A 68 -4.68 -8.12 -9.96
CA THR A 68 -4.79 -7.24 -11.13
C THR A 68 -3.54 -7.27 -12.02
N THR A 69 -3.57 -6.57 -13.16
CA THR A 69 -2.47 -6.50 -14.13
C THR A 69 -1.22 -5.72 -13.69
N ASP A 70 -0.06 -6.02 -14.27
CA ASP A 70 1.18 -5.27 -14.00
C ASP A 70 1.21 -3.75 -14.31
N ILE A 71 0.26 -3.24 -15.10
CA ILE A 71 0.09 -1.78 -15.27
C ILE A 71 -0.46 -1.14 -13.99
N LEU A 72 -1.37 -1.85 -13.30
CA LEU A 72 -1.99 -1.43 -12.04
C LEU A 72 -1.13 -1.82 -10.82
N ASN A 73 -0.52 -3.02 -10.80
CA ASN A 73 0.36 -3.46 -9.71
C ASN A 73 1.53 -2.50 -9.46
N HIS A 74 2.07 -1.91 -10.54
CA HIS A 74 3.19 -0.98 -10.47
C HIS A 74 2.74 0.45 -10.14
N ALA A 75 1.52 0.85 -10.53
CA ALA A 75 0.95 2.13 -10.07
C ALA A 75 0.71 2.12 -8.54
N ALA A 76 0.36 0.96 -7.98
CA ALA A 76 0.26 0.76 -6.53
C ALA A 76 1.63 0.80 -5.84
N LEU A 77 2.62 0.06 -6.36
CA LEU A 77 3.98 0.06 -5.81
C LEU A 77 4.69 1.43 -5.92
N GLU A 78 4.43 2.21 -6.97
CA GLU A 78 4.90 3.59 -7.09
C GLU A 78 4.44 4.48 -5.93
N ALA A 79 3.25 4.25 -5.38
CA ALA A 79 2.77 5.00 -4.22
C ALA A 79 3.55 4.61 -2.96
N ILE A 80 3.95 3.34 -2.79
CA ILE A 80 4.89 2.92 -1.72
C ILE A 80 6.26 3.56 -1.94
N LYS A 81 6.79 3.57 -3.17
CA LYS A 81 8.07 4.21 -3.53
C LYS A 81 8.16 5.69 -3.14
N SER A 82 7.06 6.42 -3.28
CA SER A 82 6.96 7.85 -2.93
C SER A 82 6.56 8.10 -1.48
N ALA A 83 5.70 7.26 -0.89
CA ALA A 83 5.29 7.33 0.51
C ALA A 83 6.35 6.80 1.50
N ALA A 84 7.32 6.01 1.04
CA ALA A 84 8.49 5.55 1.82
C ALA A 84 9.25 6.72 2.49
N HIS A 85 9.35 7.87 1.81
CA HIS A 85 9.88 9.11 2.38
C HIS A 85 9.06 9.65 3.57
N LEU A 86 7.75 9.40 3.57
CA LEU A 86 6.73 9.99 4.45
C LEU A 86 6.35 9.10 5.65
N PHE A 87 6.81 7.85 5.67
CA PHE A 87 6.57 6.89 6.76
C PHE A 87 7.23 7.24 8.11
N PRO A 88 6.71 6.76 9.26
CA PRO A 88 7.34 6.94 10.56
C PRO A 88 8.69 6.20 10.68
N LYS A 89 9.46 6.54 11.72
CA LYS A 89 10.82 6.02 11.97
C LYS A 89 10.89 5.19 13.26
N PRO A 90 10.87 3.85 13.17
CA PRO A 90 11.00 2.93 14.30
C PRO A 90 12.45 2.77 14.76
N GLU A 91 12.66 2.03 15.85
CA GLU A 91 13.96 1.60 16.38
C GLU A 91 14.01 0.05 16.44
N GLU A 92 13.50 -0.59 15.39
CA GLU A 92 13.66 -2.02 15.05
C GLU A 92 13.44 -2.17 13.54
N THR A 93 13.98 -3.21 12.90
CA THR A 93 13.44 -3.65 11.60
C THR A 93 12.04 -4.25 11.71
N VAL A 94 11.08 -3.73 10.95
CA VAL A 94 9.67 -4.14 10.95
C VAL A 94 9.14 -4.23 9.53
N HIS A 95 8.44 -5.33 9.23
CA HIS A 95 7.92 -5.64 7.89
C HIS A 95 6.40 -5.45 7.87
N LEU A 96 5.93 -4.78 6.80
CA LEU A 96 4.54 -4.35 6.64
C LEU A 96 4.03 -4.68 5.24
N LYS A 97 2.72 -4.94 5.14
CA LYS A 97 1.99 -5.28 3.92
C LYS A 97 0.68 -4.51 3.88
N ILE A 98 0.40 -3.82 2.78
CA ILE A 98 -0.82 -3.02 2.55
C ILE A 98 -1.50 -3.47 1.24
N PRO A 99 -2.77 -3.89 1.27
CA PRO A 99 -3.54 -4.11 0.04
C PRO A 99 -4.09 -2.79 -0.52
N ILE A 100 -3.52 -2.32 -1.62
CA ILE A 100 -4.02 -1.20 -2.43
C ILE A 100 -5.09 -1.73 -3.40
N ALA A 101 -6.11 -0.94 -3.75
CA ALA A 101 -7.20 -1.37 -4.62
C ALA A 101 -7.61 -0.29 -5.61
N TYR A 102 -7.78 -0.69 -6.87
CA TYR A 102 -8.25 0.14 -7.98
C TYR A 102 -9.68 -0.23 -8.39
N SER A 103 -10.55 0.76 -8.54
CA SER A 103 -11.99 0.54 -8.73
C SER A 103 -12.68 1.66 -9.52
N LEU A 104 -13.67 1.27 -10.33
CA LEU A 104 -14.44 2.16 -11.20
C LEU A 104 -15.96 1.94 -11.06
N LYS A 105 -16.37 0.76 -10.63
CA LYS A 105 -17.76 0.37 -10.33
C LYS A 105 -18.48 1.32 -9.34
N GLU A 106 -19.80 1.24 -9.28
CA GLU A 106 -20.63 1.99 -8.31
C GLU A 106 -21.27 1.14 -7.20
N ASP A 107 -21.17 -0.18 -7.27
CA ASP A 107 -21.72 -1.17 -6.33
C ASP A 107 -21.08 -1.22 -4.92
N SER A 1 -15.18 -3.20 17.41
CA SER A 1 -14.65 -1.88 17.04
C SER A 1 -13.54 -2.00 15.97
N GLU A 2 -13.94 -2.34 14.74
CA GLU A 2 -13.05 -2.47 13.57
C GLU A 2 -12.40 -1.12 13.20
N GLY A 3 -11.10 -1.13 12.87
CA GLY A 3 -10.37 0.05 12.39
C GLY A 3 -10.57 0.34 10.89
N ALA A 4 -10.03 1.47 10.44
CA ALA A 4 -9.93 1.79 9.01
C ALA A 4 -9.03 0.75 8.28
N THR A 5 -9.47 0.26 7.12
CA THR A 5 -8.80 -0.76 6.30
C THR A 5 -8.18 -1.95 7.06
N SER A 6 -8.92 -2.49 8.04
CA SER A 6 -8.37 -3.32 9.12
C SER A 6 -7.76 -4.65 8.66
N GLU A 7 -8.12 -5.14 7.48
CA GLU A 7 -7.46 -6.33 6.92
C GLU A 7 -5.95 -6.11 6.72
N ALA A 8 -5.49 -4.87 6.53
CA ALA A 8 -4.07 -4.52 6.50
C ALA A 8 -3.38 -4.70 7.86
N GLN A 9 -4.00 -4.27 8.97
CA GLN A 9 -3.44 -4.59 10.30
C GLN A 9 -3.53 -6.11 10.57
N ALA A 10 -4.54 -6.80 10.07
CA ALA A 10 -4.71 -8.24 10.27
C ALA A 10 -3.65 -9.10 9.55
N TYR A 11 -3.09 -8.60 8.44
CA TYR A 11 -1.82 -9.11 7.87
C TYR A 11 -0.58 -8.97 8.75
N ASN A 12 -0.55 -7.94 9.59
CA ASN A 12 0.58 -7.57 10.44
C ASN A 12 0.23 -7.70 11.95
N PRO A 13 -0.11 -8.89 12.47
CA PRO A 13 -0.42 -9.08 13.88
C PRO A 13 0.76 -8.63 14.76
N GLY A 14 0.41 -8.05 15.91
CA GLY A 14 1.31 -7.26 16.77
C GLY A 14 1.38 -5.76 16.43
N VAL A 15 0.94 -5.29 15.25
CA VAL A 15 0.86 -3.86 14.92
C VAL A 15 -0.21 -3.08 15.69
N SER A 16 0.07 -1.83 16.04
CA SER A 16 -0.95 -0.85 16.42
C SER A 16 -1.77 -0.41 15.21
N ASN A 17 -3.10 -0.37 15.34
CA ASN A 17 -3.97 0.26 14.33
C ASN A 17 -3.62 1.72 14.10
N GLU A 18 -3.38 2.49 15.16
CA GLU A 18 -3.17 3.93 15.08
C GLU A 18 -1.88 4.27 14.29
N PHE A 19 -0.86 3.42 14.40
CA PHE A 19 0.35 3.43 13.57
C PHE A 19 0.07 3.02 12.11
N LEU A 20 -0.62 1.89 11.92
CA LEU A 20 -0.95 1.33 10.60
C LEU A 20 -1.81 2.30 9.78
N MET A 21 -2.69 3.04 10.44
CA MET A 21 -3.49 4.10 9.84
C MET A 21 -2.60 5.20 9.20
N LYS A 22 -1.50 5.62 9.85
CA LYS A 22 -0.55 6.60 9.27
C LYS A 22 0.03 6.13 7.92
N ILE A 23 0.29 4.83 7.79
CA ILE A 23 0.72 4.19 6.55
C ILE A 23 -0.37 4.30 5.47
N GLN A 24 -1.64 3.98 5.81
CA GLN A 24 -2.74 3.99 4.84
C GLN A 24 -2.93 5.36 4.19
N THR A 25 -2.92 6.43 4.99
CA THR A 25 -3.00 7.80 4.48
C THR A 25 -1.74 8.24 3.74
N ALA A 26 -0.54 7.82 4.18
CA ALA A 26 0.71 8.18 3.50
C ALA A 26 0.74 7.63 2.06
N ILE A 27 0.28 6.39 1.85
CA ILE A 27 0.19 5.79 0.52
C ILE A 27 -0.97 6.39 -0.26
N SER A 28 -2.17 6.40 0.33
CA SER A 28 -3.39 6.99 -0.28
C SER A 28 -3.19 8.45 -0.76
N SER A 29 -2.28 9.16 -0.12
CA SER A 29 -1.89 10.54 -0.47
C SER A 29 -1.19 10.63 -1.83
N LYS A 30 -0.36 9.63 -2.16
CA LYS A 30 0.44 9.53 -3.39
C LYS A 30 -0.12 8.54 -4.42
N ASN A 31 -1.05 7.70 -4.00
CA ASN A 31 -1.77 6.69 -4.79
C ASN A 31 -2.46 7.33 -6.00
N ARG A 32 -2.16 6.77 -7.16
CA ARG A 32 -2.40 7.31 -8.50
C ARG A 32 -2.90 6.22 -9.43
N TYR A 33 -3.79 6.56 -10.36
CA TYR A 33 -4.39 5.65 -11.34
C TYR A 33 -3.83 5.72 -12.76
N PRO A 34 -3.43 4.58 -13.38
CA PRO A 34 -2.84 4.58 -14.73
C PRO A 34 -3.91 4.92 -15.78
N LYS A 35 -3.81 6.07 -16.44
CA LYS A 35 -4.82 6.56 -17.41
C LYS A 35 -5.14 5.53 -18.48
N MET A 36 -4.13 4.84 -19.00
CA MET A 36 -4.25 3.76 -20.00
C MET A 36 -5.23 2.64 -19.60
N ALA A 37 -5.35 2.30 -18.31
CA ALA A 37 -6.33 1.32 -17.83
C ALA A 37 -7.74 1.93 -17.74
N GLN A 38 -7.88 3.21 -17.40
CA GLN A 38 -9.17 3.86 -17.20
C GLN A 38 -9.93 4.04 -18.53
N ILE A 39 -9.21 4.18 -19.65
CA ILE A 39 -9.74 4.26 -21.03
C ILE A 39 -10.75 3.15 -21.33
N ARG A 40 -10.48 1.93 -20.84
CA ARG A 40 -11.39 0.78 -20.90
C ARG A 40 -12.12 0.51 -19.58
N GLY A 41 -11.50 0.80 -18.45
CA GLY A 41 -11.99 0.46 -17.12
C GLY A 41 -11.40 -0.84 -16.55
N ILE A 42 -10.12 -1.16 -16.80
CA ILE A 42 -9.45 -2.25 -16.07
C ILE A 42 -9.41 -1.89 -14.56
N GLU A 43 -9.76 -2.83 -13.70
CA GLU A 43 -9.88 -2.66 -12.25
C GLU A 43 -9.62 -4.00 -11.52
N GLY A 44 -9.00 -3.93 -10.35
CA GLY A 44 -8.55 -5.10 -9.59
C GLY A 44 -7.67 -4.67 -8.41
N GLU A 45 -6.96 -5.62 -7.79
CA GLU A 45 -6.34 -5.40 -6.49
C GLU A 45 -4.91 -5.96 -6.43
N VAL A 46 -4.15 -5.41 -5.51
CA VAL A 46 -2.72 -5.63 -5.28
C VAL A 46 -2.39 -5.85 -3.80
N LEU A 47 -1.32 -6.58 -3.46
CA LEU A 47 -0.78 -6.67 -2.10
C LEU A 47 0.73 -6.36 -2.10
N VAL A 48 1.06 -5.16 -1.63
CA VAL A 48 2.41 -4.60 -1.64
C VAL A 48 3.03 -4.70 -0.24
N SER A 49 4.33 -4.98 -0.22
CA SER A 49 5.17 -5.12 0.97
C SER A 49 6.36 -4.16 1.00
N PHE A 50 6.94 -4.02 2.18
CA PHE A 50 8.16 -3.26 2.44
C PHE A 50 8.82 -3.60 3.80
N THR A 51 10.05 -3.15 4.00
CA THR A 51 10.73 -3.10 5.31
C THR A 51 11.00 -1.67 5.77
N ILE A 52 10.67 -1.36 7.02
CA ILE A 52 11.14 -0.16 7.72
C ILE A 52 12.28 -0.59 8.66
N ASN A 53 13.52 -0.31 8.29
CA ASN A 53 14.71 -0.51 9.14
C ASN A 53 14.78 0.43 10.33
N ALA A 54 15.65 0.09 11.28
CA ALA A 54 15.93 0.90 12.47
C ALA A 54 16.53 2.28 12.15
N ASP A 55 16.94 2.58 10.91
CA ASP A 55 17.41 3.91 10.51
C ASP A 55 16.21 4.87 10.32
N GLY A 56 14.97 4.36 10.40
CA GLY A 56 13.74 5.13 10.15
C GLY A 56 13.42 5.35 8.67
N SER A 57 14.19 4.77 7.76
CA SER A 57 13.97 4.80 6.32
C SER A 57 13.19 3.55 5.86
N VAL A 58 12.72 3.54 4.61
CA VAL A 58 11.95 2.41 4.05
C VAL A 58 12.67 1.81 2.85
N THR A 59 12.63 0.49 2.73
CA THR A 59 13.43 -0.31 1.79
C THR A 59 12.74 -1.65 1.51
N ASP A 60 13.30 -2.53 0.67
CA ASP A 60 12.68 -3.82 0.35
C ASP A 60 11.26 -3.77 -0.25
N ILE A 61 10.93 -2.66 -0.91
CA ILE A 61 9.60 -2.36 -1.46
C ILE A 61 9.31 -3.23 -2.69
N LYS A 62 8.28 -4.08 -2.63
CA LYS A 62 7.89 -5.00 -3.72
C LYS A 62 6.48 -5.60 -3.58
N VAL A 63 5.89 -5.99 -4.71
CA VAL A 63 4.61 -6.73 -4.76
C VAL A 63 4.82 -8.19 -4.36
N VAL A 64 4.13 -8.62 -3.31
CA VAL A 64 4.09 -10.02 -2.84
C VAL A 64 2.99 -10.82 -3.52
N LYS A 65 1.78 -10.24 -3.62
CA LYS A 65 0.65 -10.87 -4.34
C LYS A 65 -0.12 -9.88 -5.22
N SER A 66 -0.72 -10.38 -6.31
CA SER A 66 -1.49 -9.63 -7.29
C SER A 66 -2.83 -10.30 -7.66
N ASN A 67 -3.85 -9.47 -7.91
CA ASN A 67 -5.21 -9.79 -8.35
C ASN A 67 -5.61 -8.89 -9.55
N THR A 68 -4.62 -8.38 -10.30
CA THR A 68 -4.77 -7.51 -11.47
C THR A 68 -3.59 -7.55 -12.44
N THR A 69 -3.75 -6.94 -13.63
CA THR A 69 -2.67 -6.78 -14.63
C THR A 69 -1.47 -6.00 -14.07
N ASP A 70 -0.25 -6.34 -14.50
CA ASP A 70 0.97 -5.74 -13.95
C ASP A 70 1.11 -4.22 -14.10
N ILE A 71 0.42 -3.62 -15.07
CA ILE A 71 0.28 -2.16 -15.20
C ILE A 71 -0.36 -1.52 -13.95
N LEU A 72 -1.41 -2.14 -13.41
CA LEU A 72 -2.09 -1.70 -12.19
C LEU A 72 -1.26 -2.08 -10.94
N ASN A 73 -0.65 -3.27 -10.90
CA ASN A 73 0.27 -3.66 -9.80
C ASN A 73 1.43 -2.66 -9.63
N HIS A 74 1.95 -2.15 -10.74
CA HIS A 74 3.06 -1.18 -10.76
C HIS A 74 2.65 0.16 -10.16
N ALA A 75 1.41 0.61 -10.44
CA ALA A 75 0.89 1.89 -9.97
C ALA A 75 0.61 1.86 -8.45
N ALA A 76 0.20 0.70 -7.92
CA ALA A 76 0.02 0.52 -6.48
C ALA A 76 1.37 0.58 -5.75
N LEU A 77 2.39 -0.07 -6.31
CA LEU A 77 3.75 -0.01 -5.78
C LEU A 77 4.41 1.38 -5.95
N GLU A 78 4.09 2.11 -7.03
CA GLU A 78 4.50 3.51 -7.21
C GLU A 78 4.03 4.44 -6.06
N ALA A 79 2.88 4.14 -5.43
CA ALA A 79 2.43 4.85 -4.25
C ALA A 79 3.32 4.55 -3.04
N ILE A 80 3.76 3.30 -2.87
CA ILE A 80 4.74 2.92 -1.82
C ILE A 80 6.10 3.60 -2.09
N LYS A 81 6.59 3.60 -3.34
CA LYS A 81 7.84 4.28 -3.75
C LYS A 81 7.83 5.78 -3.41
N SER A 82 6.68 6.44 -3.48
CA SER A 82 6.54 7.88 -3.14
C SER A 82 6.31 8.09 -1.64
N ALA A 83 5.49 7.25 -0.99
CA ALA A 83 5.19 7.33 0.44
C ALA A 83 6.35 6.90 1.37
N ALA A 84 7.30 6.10 0.87
CA ALA A 84 8.40 5.52 1.64
C ALA A 84 9.19 6.53 2.50
N HIS A 85 9.68 7.64 1.92
CA HIS A 85 10.42 8.67 2.69
C HIS A 85 9.57 9.41 3.75
N LEU A 86 8.26 9.14 3.81
CA LEU A 86 7.28 9.80 4.65
C LEU A 86 6.78 8.94 5.83
N PHE A 87 7.04 7.63 5.84
CA PHE A 87 6.60 6.72 6.91
C PHE A 87 7.16 7.03 8.33
N PRO A 88 6.44 6.73 9.42
CA PRO A 88 6.92 6.90 10.80
C PRO A 88 8.13 5.99 11.12
N LYS A 89 8.94 6.39 12.10
CA LYS A 89 10.30 5.87 12.33
C LYS A 89 10.39 4.93 13.56
N PRO A 90 10.60 3.62 13.39
CA PRO A 90 10.84 2.66 14.47
C PRO A 90 12.29 2.72 15.01
N GLU A 91 12.55 2.01 16.11
CA GLU A 91 13.86 1.83 16.76
C GLU A 91 14.53 0.48 16.38
N GLU A 92 13.94 -0.23 15.42
CA GLU A 92 14.16 -1.64 15.11
C GLU A 92 13.76 -1.88 13.64
N THR A 93 14.28 -2.92 12.98
CA THR A 93 13.70 -3.38 11.69
C THR A 93 12.34 -4.07 11.84
N VAL A 94 11.37 -3.64 11.05
CA VAL A 94 10.03 -4.22 10.97
C VAL A 94 9.51 -4.26 9.53
N HIS A 95 8.93 -5.38 9.10
CA HIS A 95 8.40 -5.59 7.75
C HIS A 95 6.87 -5.70 7.76
N LEU A 96 6.25 -5.09 6.74
CA LEU A 96 4.82 -4.81 6.66
C LEU A 96 4.25 -5.09 5.27
N LYS A 97 2.94 -5.35 5.22
CA LYS A 97 2.17 -5.59 3.98
C LYS A 97 0.85 -4.80 4.01
N ILE A 98 0.53 -4.08 2.93
CA ILE A 98 -0.68 -3.28 2.74
C ILE A 98 -1.35 -3.67 1.40
N PRO A 99 -2.65 -4.02 1.39
CA PRO A 99 -3.43 -4.20 0.17
C PRO A 99 -3.92 -2.86 -0.41
N ILE A 100 -3.86 -2.76 -1.75
CA ILE A 100 -4.32 -1.61 -2.55
C ILE A 100 -5.32 -2.09 -3.61
N ALA A 101 -6.38 -1.32 -3.87
CA ALA A 101 -7.47 -1.71 -4.77
C ALA A 101 -7.87 -0.57 -5.72
N TYR A 102 -7.90 -0.85 -7.02
CA TYR A 102 -8.28 0.08 -8.08
C TYR A 102 -9.74 -0.01 -8.54
N SER A 103 -10.41 1.13 -8.73
CA SER A 103 -11.81 1.17 -9.18
C SER A 103 -12.19 2.54 -9.78
N LEU A 104 -13.23 2.53 -10.63
CA LEU A 104 -13.84 3.69 -11.30
C LEU A 104 -15.24 4.00 -10.76
N LYS A 105 -16.01 2.94 -10.46
CA LYS A 105 -17.32 3.01 -9.79
C LYS A 105 -17.18 3.52 -8.35
N GLU A 106 -18.25 4.06 -7.77
CA GLU A 106 -18.30 4.43 -6.34
C GLU A 106 -19.03 3.40 -5.45
N ASP A 107 -19.39 2.24 -6.00
CA ASP A 107 -19.97 1.12 -5.25
C ASP A 107 -18.97 0.18 -4.56
N SER A 1 -21.97 4.56 9.60
CA SER A 1 -20.72 3.83 9.33
C SER A 1 -20.36 2.89 10.46
N GLU A 2 -19.73 1.75 10.16
CA GLU A 2 -19.28 0.74 11.15
C GLU A 2 -17.90 0.15 10.79
N GLY A 3 -17.19 -0.35 11.81
CA GLY A 3 -15.84 -0.92 11.71
C GLY A 3 -14.74 0.07 11.33
N ALA A 4 -13.49 -0.41 11.38
CA ALA A 4 -12.29 0.25 10.86
C ALA A 4 -11.83 -0.35 9.53
N THR A 5 -10.92 0.35 8.82
CA THR A 5 -10.10 -0.21 7.71
C THR A 5 -9.01 -1.22 8.12
N SER A 6 -9.35 -2.14 9.02
CA SER A 6 -8.41 -3.05 9.70
C SER A 6 -7.84 -4.21 8.87
N GLU A 7 -8.28 -4.43 7.62
CA GLU A 7 -7.71 -5.51 6.78
C GLU A 7 -6.18 -5.40 6.66
N ALA A 8 -5.64 -4.18 6.59
CA ALA A 8 -4.21 -3.94 6.52
C ALA A 8 -3.49 -4.19 7.86
N GLN A 9 -4.09 -3.84 9.00
CA GLN A 9 -3.47 -4.13 10.30
C GLN A 9 -3.49 -5.65 10.56
N ALA A 10 -4.50 -6.38 10.08
CA ALA A 10 -4.59 -7.84 10.12
C ALA A 10 -3.51 -8.57 9.27
N TYR A 11 -2.95 -7.94 8.23
CA TYR A 11 -1.69 -8.40 7.60
C TYR A 11 -0.43 -8.34 8.47
N ASN A 12 -0.45 -7.42 9.44
CA ASN A 12 0.67 -7.07 10.31
C ASN A 12 0.30 -7.27 11.81
N PRO A 13 -0.08 -8.50 12.23
CA PRO A 13 -0.59 -8.75 13.57
C PRO A 13 0.44 -8.32 14.63
N GLY A 14 -0.03 -7.57 15.61
CA GLY A 14 0.78 -6.86 16.61
C GLY A 14 1.03 -5.37 16.29
N VAL A 15 0.68 -4.88 15.10
CA VAL A 15 0.70 -3.44 14.80
C VAL A 15 -0.42 -2.64 15.46
N SER A 16 -0.09 -1.45 15.96
CA SER A 16 -1.10 -0.46 16.35
C SER A 16 -1.91 0.00 15.14
N ASN A 17 -3.25 0.03 15.26
CA ASN A 17 -4.11 0.63 14.25
C ASN A 17 -3.72 2.08 13.93
N GLU A 18 -3.38 2.88 14.93
CA GLU A 18 -3.06 4.30 14.78
C GLU A 18 -1.73 4.53 14.04
N PHE A 19 -0.76 3.64 14.25
CA PHE A 19 0.47 3.60 13.46
C PHE A 19 0.22 3.20 12.01
N LEU A 20 -0.53 2.11 11.79
CA LEU A 20 -0.92 1.67 10.44
C LEU A 20 -1.77 2.72 9.72
N MET A 21 -2.61 3.45 10.46
CA MET A 21 -3.43 4.54 9.93
C MET A 21 -2.55 5.61 9.28
N LYS A 22 -1.40 5.94 9.90
CA LYS A 22 -0.44 6.89 9.31
C LYS A 22 0.13 6.37 7.99
N ILE A 23 0.37 5.05 7.89
CA ILE A 23 0.83 4.43 6.66
C ILE A 23 -0.24 4.55 5.55
N GLN A 24 -1.51 4.24 5.87
CA GLN A 24 -2.61 4.25 4.89
C GLN A 24 -2.75 5.64 4.25
N THR A 25 -2.87 6.66 5.10
CA THR A 25 -3.01 8.07 4.70
C THR A 25 -1.78 8.67 4.02
N ALA A 26 -0.57 8.16 4.30
CA ALA A 26 0.67 8.53 3.62
C ALA A 26 0.75 7.96 2.20
N ILE A 27 0.43 6.68 1.96
CA ILE A 27 0.42 6.11 0.60
C ILE A 27 -0.69 6.73 -0.23
N SER A 28 -1.88 6.79 0.36
CA SER A 28 -3.06 7.47 -0.19
C SER A 28 -2.74 8.89 -0.70
N SER A 29 -1.77 9.56 -0.07
CA SER A 29 -1.33 10.90 -0.43
C SER A 29 -0.78 10.99 -1.87
N LYS A 30 -0.07 9.94 -2.35
CA LYS A 30 0.40 9.81 -3.75
C LYS A 30 -0.49 8.91 -4.61
N ASN A 31 -1.18 7.94 -4.01
CA ASN A 31 -1.88 6.85 -4.70
C ASN A 31 -2.96 7.34 -5.69
N ARG A 32 -2.72 7.04 -6.96
CA ARG A 32 -3.52 7.45 -8.13
C ARG A 32 -3.71 6.33 -9.16
N TYR A 33 -4.86 6.37 -9.84
CA TYR A 33 -5.26 5.49 -10.94
C TYR A 33 -4.64 5.76 -12.32
N PRO A 34 -4.19 4.73 -13.08
CA PRO A 34 -3.61 4.89 -14.42
C PRO A 34 -4.69 5.14 -15.48
N LYS A 35 -4.75 6.34 -16.07
CA LYS A 35 -5.85 6.76 -16.97
C LYS A 35 -6.02 5.91 -18.24
N MET A 36 -4.95 5.27 -18.70
CA MET A 36 -4.94 4.29 -19.80
C MET A 36 -5.79 3.03 -19.51
N ALA A 37 -5.74 2.49 -18.30
CA ALA A 37 -6.50 1.29 -17.94
C ALA A 37 -8.01 1.54 -17.91
N GLN A 38 -8.43 2.78 -17.61
CA GLN A 38 -9.83 3.15 -17.43
C GLN A 38 -10.60 3.19 -18.77
N ILE A 39 -9.90 3.17 -19.91
CA ILE A 39 -10.48 3.12 -21.27
C ILE A 39 -11.15 1.76 -21.56
N ARG A 40 -10.47 0.66 -21.18
CA ARG A 40 -11.03 -0.71 -21.20
C ARG A 40 -11.71 -1.13 -19.90
N GLY A 41 -11.38 -0.45 -18.79
CA GLY A 41 -11.90 -0.75 -17.46
C GLY A 41 -11.16 -1.90 -16.79
N ILE A 42 -9.82 -1.96 -16.90
CA ILE A 42 -9.03 -2.87 -16.06
C ILE A 42 -9.15 -2.43 -14.59
N GLU A 43 -9.47 -3.36 -13.69
CA GLU A 43 -9.72 -3.10 -12.26
C GLU A 43 -9.50 -4.36 -11.41
N GLY A 44 -8.82 -4.23 -10.27
CA GLY A 44 -8.44 -5.34 -9.40
C GLY A 44 -7.67 -4.89 -8.17
N GLU A 45 -6.85 -5.79 -7.60
CA GLU A 45 -6.15 -5.56 -6.33
C GLU A 45 -4.65 -5.84 -6.46
N VAL A 46 -3.85 -5.16 -5.64
CA VAL A 46 -2.40 -5.32 -5.50
C VAL A 46 -1.99 -5.46 -4.03
N LEU A 47 -1.13 -6.41 -3.66
CA LEU A 47 -0.60 -6.54 -2.30
C LEU A 47 0.90 -6.18 -2.26
N VAL A 48 1.17 -4.94 -1.85
CA VAL A 48 2.52 -4.38 -1.78
C VAL A 48 3.09 -4.57 -0.38
N SER A 49 4.39 -4.84 -0.32
CA SER A 49 5.18 -4.96 0.92
C SER A 49 6.41 -4.05 0.92
N PHE A 50 6.96 -3.89 2.12
CA PHE A 50 8.21 -3.19 2.40
C PHE A 50 8.83 -3.63 3.71
N THR A 51 10.09 -3.26 3.92
CA THR A 51 10.80 -3.42 5.19
C THR A 51 11.27 -2.07 5.74
N ILE A 52 11.06 -1.83 7.03
CA ILE A 52 11.60 -0.68 7.74
C ILE A 52 12.70 -1.17 8.70
N ASN A 53 13.98 -0.90 8.40
CA ASN A 53 15.10 -1.12 9.34
C ASN A 53 15.00 -0.25 10.61
N ALA A 54 15.78 -0.57 11.64
CA ALA A 54 15.87 0.21 12.88
C ALA A 54 16.58 1.57 12.70
N ASP A 55 17.15 1.86 11.53
CA ASP A 55 17.50 3.24 11.11
C ASP A 55 16.26 4.04 10.63
N GLY A 56 15.07 3.43 10.68
CA GLY A 56 13.80 4.04 10.35
C GLY A 56 13.54 4.38 8.86
N SER A 57 14.48 4.08 7.96
CA SER A 57 14.33 4.29 6.51
C SER A 57 13.73 3.05 5.85
N VAL A 58 12.84 3.23 4.87
CA VAL A 58 12.13 2.12 4.22
C VAL A 58 12.93 1.53 3.05
N THR A 59 12.83 0.22 2.85
CA THR A 59 13.66 -0.57 1.94
C THR A 59 12.95 -1.88 1.55
N ASP A 60 13.54 -2.68 0.66
CA ASP A 60 13.03 -3.97 0.15
C ASP A 60 11.58 -3.80 -0.41
N ILE A 61 11.27 -2.64 -1.00
CA ILE A 61 9.94 -2.28 -1.50
C ILE A 61 9.60 -3.09 -2.76
N LYS A 62 8.44 -3.79 -2.74
CA LYS A 62 7.96 -4.63 -3.86
C LYS A 62 6.46 -4.93 -3.81
N VAL A 63 5.91 -5.43 -4.92
CA VAL A 63 4.66 -6.21 -4.94
C VAL A 63 4.98 -7.66 -4.58
N VAL A 64 4.32 -8.20 -3.55
CA VAL A 64 4.41 -9.63 -3.19
C VAL A 64 3.39 -10.46 -3.96
N LYS A 65 2.12 -10.03 -3.89
CA LYS A 65 1.00 -10.71 -4.56
C LYS A 65 0.16 -9.70 -5.36
N SER A 66 -0.51 -10.18 -6.40
CA SER A 66 -1.39 -9.38 -7.23
C SER A 66 -2.67 -10.12 -7.64
N ASN A 67 -3.72 -9.35 -7.84
CA ASN A 67 -5.03 -9.72 -8.36
C ASN A 67 -5.45 -8.68 -9.44
N THR A 68 -4.46 -8.22 -10.21
CA THR A 68 -4.60 -7.35 -11.39
C THR A 68 -3.37 -7.39 -12.30
N THR A 69 -3.44 -6.68 -13.44
CA THR A 69 -2.38 -6.60 -14.43
C THR A 69 -1.16 -5.75 -14.03
N ASP A 70 0.01 -6.06 -14.59
CA ASP A 70 1.29 -5.41 -14.26
C ASP A 70 1.34 -3.87 -14.35
N ILE A 71 0.60 -3.25 -15.28
CA ILE A 71 0.41 -1.79 -15.37
C ILE A 71 -0.21 -1.20 -14.09
N LEU A 72 -1.24 -1.86 -13.54
CA LEU A 72 -1.92 -1.46 -12.30
C LEU A 72 -1.08 -1.84 -11.06
N ASN A 73 -0.37 -2.97 -11.09
CA ASN A 73 0.57 -3.34 -10.02
C ASN A 73 1.65 -2.27 -9.78
N HIS A 74 2.09 -1.60 -10.86
CA HIS A 74 3.09 -0.53 -10.79
C HIS A 74 2.50 0.77 -10.23
N ALA A 75 1.24 1.08 -10.54
CA ALA A 75 0.57 2.26 -9.99
C ALA A 75 0.42 2.17 -8.47
N ALA A 76 0.20 0.96 -7.92
CA ALA A 76 0.12 0.74 -6.48
C ALA A 76 1.50 0.91 -5.82
N LEU A 77 2.55 0.36 -6.43
CA LEU A 77 3.90 0.38 -5.89
C LEU A 77 4.60 1.76 -6.00
N GLU A 78 4.33 2.53 -7.06
CA GLU A 78 4.75 3.94 -7.17
C GLU A 78 4.30 4.80 -5.99
N ALA A 79 3.17 4.46 -5.37
CA ALA A 79 2.70 5.14 -4.18
C ALA A 79 3.53 4.76 -2.93
N ILE A 80 3.98 3.49 -2.82
CA ILE A 80 4.92 3.06 -1.77
C ILE A 80 6.29 3.72 -1.96
N LYS A 81 6.85 3.73 -3.18
CA LYS A 81 8.17 4.31 -3.47
C LYS A 81 8.29 5.81 -3.14
N SER A 82 7.19 6.56 -3.31
CA SER A 82 7.06 7.96 -2.91
C SER A 82 6.78 8.13 -1.40
N ALA A 83 5.82 7.36 -0.85
CA ALA A 83 5.43 7.45 0.56
C ALA A 83 6.46 6.89 1.55
N ALA A 84 7.40 6.06 1.08
CA ALA A 84 8.46 5.44 1.88
C ALA A 84 9.26 6.44 2.73
N HIS A 85 9.60 7.61 2.19
CA HIS A 85 10.20 8.72 2.94
C HIS A 85 9.34 9.24 4.11
N LEU A 86 8.02 9.26 3.93
CA LEU A 86 7.06 9.80 4.90
C LEU A 86 6.87 8.92 6.14
N PHE A 87 7.12 7.61 6.02
CA PHE A 87 6.80 6.65 7.09
C PHE A 87 7.56 6.91 8.41
N PRO A 88 6.91 6.71 9.57
CA PRO A 88 7.51 6.91 10.89
C PRO A 88 8.62 5.90 11.20
N LYS A 89 9.54 6.25 12.11
CA LYS A 89 10.72 5.46 12.47
C LYS A 89 10.45 4.51 13.66
N PRO A 90 10.49 3.18 13.47
CA PRO A 90 10.45 2.17 14.53
C PRO A 90 11.81 2.00 15.23
N GLU A 91 11.80 1.31 16.37
CA GLU A 91 12.97 0.98 17.20
C GLU A 91 13.66 -0.34 16.76
N GLU A 92 13.20 -0.95 15.67
CA GLU A 92 13.52 -2.34 15.30
C GLU A 92 13.29 -2.57 13.80
N THR A 93 14.07 -3.48 13.20
CA THR A 93 13.88 -3.94 11.81
C THR A 93 12.57 -4.75 11.68
N VAL A 94 11.62 -4.29 10.86
CA VAL A 94 10.27 -4.88 10.74
C VAL A 94 9.71 -4.82 9.30
N HIS A 95 9.04 -5.88 8.85
CA HIS A 95 8.42 -6.01 7.52
C HIS A 95 6.90 -5.85 7.59
N LEU A 96 6.35 -5.12 6.62
CA LEU A 96 4.95 -4.69 6.56
C LEU A 96 4.33 -4.87 5.17
N LYS A 97 3.00 -5.02 5.10
CA LYS A 97 2.23 -5.26 3.87
C LYS A 97 0.92 -4.46 3.91
N ILE A 98 0.58 -3.81 2.79
CA ILE A 98 -0.66 -3.05 2.57
C ILE A 98 -1.32 -3.54 1.26
N PRO A 99 -2.60 -3.94 1.25
CA PRO A 99 -3.37 -4.12 0.02
C PRO A 99 -3.92 -2.80 -0.53
N ILE A 100 -3.66 -2.54 -1.81
CA ILE A 100 -4.15 -1.40 -2.61
C ILE A 100 -5.15 -1.92 -3.66
N ALA A 101 -6.19 -1.14 -4.00
CA ALA A 101 -7.26 -1.57 -4.90
C ALA A 101 -7.67 -0.48 -5.91
N TYR A 102 -8.02 -0.90 -7.13
CA TYR A 102 -8.45 -0.04 -8.22
C TYR A 102 -9.79 -0.50 -8.81
N SER A 103 -10.78 0.39 -8.95
CA SER A 103 -12.07 0.12 -9.60
C SER A 103 -12.86 1.40 -9.92
N LEU A 104 -13.70 1.32 -10.95
CA LEU A 104 -14.60 2.42 -11.40
C LEU A 104 -15.95 2.45 -10.65
N LYS A 105 -16.28 1.35 -9.96
CA LYS A 105 -17.55 1.11 -9.26
C LYS A 105 -17.94 2.18 -8.26
N GLU A 106 -19.25 2.27 -7.97
CA GLU A 106 -19.83 3.11 -6.92
C GLU A 106 -20.35 2.28 -5.72
N ASP A 107 -19.89 1.03 -5.61
CA ASP A 107 -19.93 0.16 -4.42
C ASP A 107 -18.92 0.52 -3.32
N SER A 1 -19.40 -2.86 -0.56
CA SER A 1 -18.11 -2.44 0.03
C SER A 1 -17.90 -3.15 1.35
N GLU A 2 -18.25 -2.54 2.49
CA GLU A 2 -18.33 -3.15 3.83
C GLU A 2 -17.03 -3.76 4.42
N GLY A 3 -15.89 -3.56 3.76
CA GLY A 3 -14.55 -3.77 4.32
C GLY A 3 -14.06 -2.54 5.09
N ALA A 4 -12.85 -2.63 5.64
CA ALA A 4 -12.21 -1.53 6.37
C ALA A 4 -10.68 -1.56 6.24
N THR A 5 -10.04 -0.39 6.36
CA THR A 5 -8.58 -0.27 6.26
C THR A 5 -7.75 -1.00 7.32
N SER A 6 -8.36 -1.34 8.47
CA SER A 6 -7.74 -2.19 9.51
C SER A 6 -7.42 -3.62 9.03
N GLU A 7 -7.96 -4.04 7.89
CA GLU A 7 -7.51 -5.24 7.15
C GLU A 7 -5.99 -5.24 6.88
N ALA A 8 -5.40 -4.05 6.73
CA ALA A 8 -3.97 -3.82 6.63
C ALA A 8 -3.20 -4.16 7.92
N GLN A 9 -3.70 -3.79 9.10
CA GLN A 9 -3.08 -4.20 10.36
C GLN A 9 -3.27 -5.71 10.58
N ALA A 10 -4.39 -6.29 10.13
CA ALA A 10 -4.68 -7.71 10.28
C ALA A 10 -3.72 -8.63 9.48
N TYR A 11 -3.02 -8.09 8.46
CA TYR A 11 -1.85 -8.73 7.84
C TYR A 11 -0.54 -8.72 8.65
N ASN A 12 -0.37 -7.72 9.51
CA ASN A 12 0.86 -7.41 10.24
C ASN A 12 0.72 -7.64 11.76
N PRO A 13 0.53 -8.90 12.23
CA PRO A 13 0.23 -9.20 13.63
C PRO A 13 1.30 -8.68 14.57
N GLY A 14 0.86 -7.91 15.56
CA GLY A 14 1.72 -7.23 16.54
C GLY A 14 1.94 -5.73 16.27
N VAL A 15 1.51 -5.21 15.12
CA VAL A 15 1.46 -3.76 14.88
C VAL A 15 0.42 -3.02 15.72
N SER A 16 0.68 -1.77 16.09
CA SER A 16 -0.31 -0.84 16.64
C SER A 16 -1.15 -0.26 15.51
N ASN A 17 -2.47 -0.17 15.69
CA ASN A 17 -3.33 0.45 14.67
C ASN A 17 -3.02 1.94 14.52
N GLU A 18 -2.69 2.67 15.59
CA GLU A 18 -2.43 4.11 15.50
C GLU A 18 -1.19 4.42 14.65
N PHE A 19 -0.17 3.54 14.69
CA PHE A 19 0.99 3.57 13.81
C PHE A 19 0.64 3.17 12.37
N LEU A 20 -0.04 2.02 12.19
CA LEU A 20 -0.38 1.47 10.88
C LEU A 20 -1.32 2.40 10.09
N MET A 21 -2.24 3.05 10.80
CA MET A 21 -3.15 4.06 10.25
C MET A 21 -2.41 5.22 9.56
N LYS A 22 -1.18 5.56 10.00
CA LYS A 22 -0.37 6.64 9.36
C LYS A 22 0.07 6.26 7.95
N ILE A 23 0.32 4.96 7.73
CA ILE A 23 0.72 4.39 6.43
C ILE A 23 -0.40 4.53 5.39
N GLN A 24 -1.63 4.20 5.80
CA GLN A 24 -2.80 4.10 4.92
C GLN A 24 -3.06 5.41 4.15
N THR A 25 -3.07 6.54 4.87
CA THR A 25 -3.22 7.89 4.32
C THR A 25 -1.99 8.34 3.52
N ALA A 26 -0.77 7.99 3.96
CA ALA A 26 0.45 8.46 3.30
C ALA A 26 0.62 7.89 1.88
N ILE A 27 0.28 6.61 1.66
CA ILE A 27 0.26 6.03 0.31
C ILE A 27 -0.83 6.69 -0.53
N SER A 28 -2.06 6.70 0.00
CA SER A 28 -3.23 7.30 -0.66
C SER A 28 -2.97 8.72 -1.17
N SER A 29 -2.17 9.47 -0.41
CA SER A 29 -1.86 10.87 -0.67
C SER A 29 -1.00 11.07 -1.93
N LYS A 30 -0.19 10.06 -2.30
CA LYS A 30 0.68 10.03 -3.49
C LYS A 30 0.17 9.07 -4.58
N ASN A 31 -0.80 8.22 -4.26
CA ASN A 31 -1.42 7.25 -5.17
C ASN A 31 -2.17 7.96 -6.31
N ARG A 32 -2.13 7.35 -7.49
CA ARG A 32 -2.65 7.84 -8.78
C ARG A 32 -3.10 6.70 -9.69
N TYR A 33 -4.26 6.85 -10.33
CA TYR A 33 -4.78 5.93 -11.35
C TYR A 33 -4.11 6.01 -12.74
N PRO A 34 -3.56 4.92 -13.32
CA PRO A 34 -2.92 4.93 -14.65
C PRO A 34 -3.95 5.22 -15.76
N LYS A 35 -3.82 6.34 -16.46
CA LYS A 35 -4.84 6.83 -17.40
C LYS A 35 -5.22 5.83 -18.50
N MET A 36 -4.28 4.97 -18.90
CA MET A 36 -4.49 3.87 -19.85
C MET A 36 -5.55 2.84 -19.42
N ALA A 37 -5.66 2.49 -18.12
CA ALA A 37 -6.65 1.52 -17.65
C ALA A 37 -8.08 2.07 -17.69
N GLN A 38 -8.22 3.37 -17.39
CA GLN A 38 -9.50 4.08 -17.31
C GLN A 38 -10.25 4.18 -18.65
N ILE A 39 -9.56 4.03 -19.78
CA ILE A 39 -10.15 4.00 -21.14
C ILE A 39 -11.17 2.85 -21.26
N ARG A 40 -10.82 1.67 -20.72
CA ARG A 40 -11.61 0.42 -20.78
C ARG A 40 -12.25 0.01 -19.45
N GLY A 41 -11.76 0.56 -18.34
CA GLY A 41 -12.22 0.24 -16.99
C GLY A 41 -11.62 -1.06 -16.44
N ILE A 42 -10.31 -1.31 -16.68
CA ILE A 42 -9.57 -2.34 -15.95
C ILE A 42 -9.56 -2.01 -14.45
N GLU A 43 -9.84 -3.01 -13.63
CA GLU A 43 -9.84 -2.92 -12.17
C GLU A 43 -9.22 -4.17 -11.53
N GLY A 44 -8.73 -4.05 -10.30
CA GLY A 44 -8.12 -5.14 -9.57
C GLY A 44 -7.40 -4.72 -8.30
N GLU A 45 -6.62 -5.64 -7.73
CA GLU A 45 -6.03 -5.49 -6.40
C GLU A 45 -4.58 -5.97 -6.33
N VAL A 46 -3.80 -5.21 -5.58
CA VAL A 46 -2.37 -5.34 -5.37
C VAL A 46 -1.99 -5.38 -3.88
N LEU A 47 -1.53 -6.52 -3.36
CA LEU A 47 -1.03 -6.66 -2.00
C LEU A 47 0.48 -6.33 -1.97
N VAL A 48 0.80 -5.07 -1.68
CA VAL A 48 2.18 -4.56 -1.66
C VAL A 48 2.74 -4.71 -0.23
N SER A 49 4.02 -5.04 -0.14
CA SER A 49 4.78 -5.07 1.12
C SER A 49 6.12 -4.34 1.04
N PHE A 50 6.69 -4.10 2.21
CA PHE A 50 7.96 -3.41 2.44
C PHE A 50 8.58 -3.71 3.81
N THR A 51 9.83 -3.31 4.02
CA THR A 51 10.53 -3.34 5.31
C THR A 51 10.95 -1.96 5.78
N ILE A 52 10.56 -1.61 7.01
CA ILE A 52 11.04 -0.42 7.71
C ILE A 52 12.17 -0.84 8.65
N ASN A 53 13.43 -0.66 8.25
CA ASN A 53 14.62 -0.92 9.07
C ASN A 53 14.73 -0.01 10.30
N ALA A 54 15.59 -0.40 11.24
CA ALA A 54 15.88 0.37 12.44
C ALA A 54 16.56 1.73 12.16
N ASP A 55 16.97 2.03 10.92
CA ASP A 55 17.48 3.35 10.54
C ASP A 55 16.31 4.36 10.44
N GLY A 56 15.05 3.94 10.64
CA GLY A 56 13.89 4.85 10.59
C GLY A 56 13.50 5.23 9.15
N SER A 57 13.64 4.27 8.24
CA SER A 57 13.49 4.45 6.79
C SER A 57 13.00 3.15 6.14
N VAL A 58 12.63 3.18 4.87
CA VAL A 58 11.94 2.09 4.16
C VAL A 58 12.78 1.51 3.02
N THR A 59 12.67 0.21 2.79
CA THR A 59 13.39 -0.57 1.78
C THR A 59 12.60 -1.86 1.48
N ASP A 60 13.10 -2.70 0.57
CA ASP A 60 12.56 -4.01 0.16
C ASP A 60 11.08 -3.90 -0.31
N ILE A 61 10.73 -2.77 -0.94
CA ILE A 61 9.38 -2.49 -1.44
C ILE A 61 9.05 -3.39 -2.63
N LYS A 62 7.94 -4.13 -2.56
CA LYS A 62 7.53 -5.15 -3.55
C LYS A 62 6.03 -5.38 -3.61
N VAL A 63 5.61 -6.16 -4.61
CA VAL A 63 4.31 -6.85 -4.63
C VAL A 63 4.50 -8.29 -4.12
N VAL A 64 3.75 -8.68 -3.09
CA VAL A 64 3.77 -10.06 -2.55
C VAL A 64 2.70 -10.92 -3.21
N LYS A 65 1.50 -10.34 -3.36
CA LYS A 65 0.37 -10.99 -4.06
C LYS A 65 -0.42 -9.99 -4.90
N SER A 66 -0.93 -10.41 -6.04
CA SER A 66 -1.75 -9.57 -6.92
C SER A 66 -2.72 -10.35 -7.80
N ASN A 67 -3.78 -9.68 -8.26
CA ASN A 67 -4.82 -10.28 -9.12
C ASN A 67 -4.88 -9.65 -10.53
N THR A 68 -4.06 -8.63 -10.79
CA THR A 68 -4.31 -7.59 -11.80
C THR A 68 -3.23 -7.41 -12.88
N THR A 69 -3.49 -6.57 -13.90
CA THR A 69 -2.51 -6.23 -14.95
C THR A 69 -1.27 -5.52 -14.39
N ASP A 70 -0.08 -5.76 -14.96
CA ASP A 70 1.16 -5.25 -14.35
C ASP A 70 1.25 -3.73 -14.22
N ILE A 71 0.67 -2.97 -15.15
CA ILE A 71 0.59 -1.50 -15.04
C ILE A 71 -0.17 -1.05 -13.77
N LEU A 72 -1.25 -1.75 -13.40
CA LEU A 72 -1.96 -1.51 -12.13
C LEU A 72 -1.15 -2.01 -10.92
N ASN A 73 -0.48 -3.16 -11.00
CA ASN A 73 0.45 -3.62 -9.95
C ASN A 73 1.56 -2.59 -9.65
N HIS A 74 2.07 -1.99 -10.71
CA HIS A 74 3.17 -1.03 -10.65
C HIS A 74 2.69 0.33 -10.15
N ALA A 75 1.49 0.76 -10.54
CA ALA A 75 0.89 2.00 -10.04
C ALA A 75 0.68 1.92 -8.52
N ALA A 76 0.33 0.74 -7.99
CA ALA A 76 0.20 0.55 -6.54
C ALA A 76 1.55 0.64 -5.83
N LEU A 77 2.56 -0.08 -6.33
CA LEU A 77 3.92 -0.07 -5.77
C LEU A 77 4.62 1.30 -5.87
N GLU A 78 4.41 2.05 -6.95
CA GLU A 78 4.95 3.40 -7.11
C GLU A 78 4.47 4.38 -6.03
N ALA A 79 3.25 4.19 -5.49
CA ALA A 79 2.78 4.99 -4.36
C ALA A 79 3.55 4.61 -3.07
N ILE A 80 3.92 3.33 -2.88
CA ILE A 80 4.85 2.94 -1.80
C ILE A 80 6.23 3.58 -2.00
N LYS A 81 6.84 3.56 -3.20
CA LYS A 81 8.12 4.23 -3.47
C LYS A 81 8.18 5.70 -3.06
N SER A 82 7.09 6.44 -3.25
CA SER A 82 6.96 7.84 -2.81
C SER A 82 6.67 7.95 -1.31
N ALA A 83 5.67 7.21 -0.81
CA ALA A 83 5.25 7.25 0.59
C ALA A 83 6.31 6.72 1.57
N ALA A 84 7.29 5.96 1.10
CA ALA A 84 8.47 5.53 1.85
C ALA A 84 9.16 6.67 2.62
N HIS A 85 9.27 7.85 2.01
CA HIS A 85 9.85 9.05 2.62
C HIS A 85 8.96 9.69 3.70
N LEU A 86 7.68 9.33 3.75
CA LEU A 86 6.67 9.86 4.67
C LEU A 86 6.46 8.98 5.92
N PHE A 87 6.78 7.68 5.84
CA PHE A 87 6.46 6.71 6.90
C PHE A 87 7.15 6.93 8.26
N PRO A 88 6.49 6.63 9.40
CA PRO A 88 7.03 6.79 10.76
C PRO A 88 8.24 5.88 11.07
N LYS A 89 9.02 6.24 12.10
CA LYS A 89 10.29 5.59 12.47
C LYS A 89 10.10 4.57 13.61
N PRO A 90 10.32 3.27 13.36
CA PRO A 90 10.39 2.22 14.38
C PRO A 90 11.77 2.18 15.07
N GLU A 91 11.85 1.47 16.18
CA GLU A 91 13.06 1.26 16.99
C GLU A 91 13.83 -0.01 16.59
N GLU A 92 13.44 -0.65 15.49
CA GLU A 92 13.82 -2.02 15.08
C GLU A 92 13.44 -2.22 13.60
N THR A 93 13.94 -3.28 12.96
CA THR A 93 13.38 -3.73 11.67
C THR A 93 11.94 -4.26 11.81
N VAL A 94 11.04 -3.82 10.93
CA VAL A 94 9.65 -4.29 10.84
C VAL A 94 9.17 -4.40 9.39
N HIS A 95 8.72 -5.58 8.96
CA HIS A 95 8.04 -5.74 7.67
C HIS A 95 6.54 -5.44 7.79
N LEU A 96 5.97 -4.72 6.80
CA LEU A 96 4.53 -4.43 6.69
C LEU A 96 4.01 -4.79 5.30
N LYS A 97 2.74 -5.18 5.24
CA LYS A 97 1.96 -5.40 4.02
C LYS A 97 0.72 -4.50 4.07
N ILE A 98 0.39 -3.85 2.96
CA ILE A 98 -0.79 -3.00 2.78
C ILE A 98 -1.52 -3.41 1.48
N PRO A 99 -2.80 -3.78 1.53
CA PRO A 99 -3.59 -4.05 0.34
C PRO A 99 -4.06 -2.75 -0.35
N ILE A 100 -3.65 -2.55 -1.62
CA ILE A 100 -4.11 -1.48 -2.53
C ILE A 100 -5.14 -2.06 -3.53
N ALA A 101 -6.12 -1.26 -3.94
CA ALA A 101 -7.14 -1.63 -4.90
C ALA A 101 -7.52 -0.48 -5.84
N TYR A 102 -7.66 -0.78 -7.13
CA TYR A 102 -8.08 0.13 -8.19
C TYR A 102 -9.43 -0.26 -8.80
N SER A 103 -10.43 0.63 -8.76
CA SER A 103 -11.77 0.37 -9.32
C SER A 103 -12.52 1.67 -9.58
N LEU A 104 -13.39 1.68 -10.60
CA LEU A 104 -14.24 2.83 -10.95
C LEU A 104 -15.70 2.66 -10.52
N LYS A 105 -16.20 1.43 -10.49
CA LYS A 105 -17.58 1.11 -10.08
C LYS A 105 -17.82 1.40 -8.59
N GLU A 106 -19.07 1.64 -8.23
CA GLU A 106 -19.53 1.57 -6.84
C GLU A 106 -20.06 0.15 -6.57
N ASP A 107 -19.49 -0.52 -5.56
CA ASP A 107 -19.69 -1.93 -5.22
C ASP A 107 -19.70 -2.27 -3.73
N SER A 1 -22.95 -1.60 6.21
CA SER A 1 -22.30 -2.66 5.43
C SER A 1 -21.06 -3.12 6.19
N GLU A 2 -20.95 -4.42 6.47
CA GLU A 2 -19.89 -4.94 7.35
C GLU A 2 -18.46 -4.79 6.79
N GLY A 3 -17.48 -4.72 7.69
CA GLY A 3 -16.05 -4.61 7.39
C GLY A 3 -15.45 -3.22 7.70
N ALA A 4 -14.12 -3.20 7.77
CA ALA A 4 -13.27 -2.01 7.94
C ALA A 4 -11.82 -2.31 7.49
N THR A 5 -11.01 -1.26 7.30
CA THR A 5 -9.63 -1.31 6.80
C THR A 5 -8.60 -2.13 7.61
N SER A 6 -8.98 -2.62 8.79
CA SER A 6 -8.17 -3.50 9.65
C SER A 6 -7.77 -4.83 9.02
N GLU A 7 -8.35 -5.21 7.87
CA GLU A 7 -7.83 -6.32 7.04
C GLU A 7 -6.35 -6.12 6.68
N ALA A 8 -5.87 -4.86 6.60
CA ALA A 8 -4.45 -4.53 6.43
C ALA A 8 -3.61 -4.82 7.69
N GLN A 9 -4.09 -4.48 8.89
CA GLN A 9 -3.36 -4.80 10.13
C GLN A 9 -3.34 -6.32 10.36
N ALA A 10 -4.35 -7.06 9.90
CA ALA A 10 -4.41 -8.52 9.97
C ALA A 10 -3.31 -9.26 9.16
N TYR A 11 -2.65 -8.57 8.21
CA TYR A 11 -1.39 -9.04 7.62
C TYR A 11 -0.15 -9.05 8.53
N ASN A 12 -0.18 -8.22 9.57
CA ASN A 12 0.99 -7.79 10.37
C ASN A 12 0.68 -7.91 11.88
N PRO A 13 0.40 -9.13 12.40
CA PRO A 13 -0.02 -9.33 13.77
C PRO A 13 1.01 -8.78 14.77
N GLY A 14 0.50 -8.03 15.73
CA GLY A 14 1.26 -7.22 16.69
C GLY A 14 1.40 -5.74 16.31
N VAL A 15 1.07 -5.33 15.09
CA VAL A 15 0.99 -3.90 14.73
C VAL A 15 -0.19 -3.17 15.38
N SER A 16 0.05 -1.95 15.86
CA SER A 16 -0.97 -1.03 16.40
C SER A 16 -1.80 -0.46 15.26
N ASN A 17 -3.14 -0.44 15.36
CA ASN A 17 -3.96 0.12 14.27
C ASN A 17 -3.78 1.63 14.17
N GLU A 18 -3.53 2.36 15.25
CA GLU A 18 -3.21 3.81 15.21
C GLU A 18 -1.97 4.13 14.35
N PHE A 19 -1.01 3.21 14.34
CA PHE A 19 0.20 3.28 13.51
C PHE A 19 -0.09 2.83 12.06
N LEU A 20 -0.78 1.70 11.87
CA LEU A 20 -1.14 1.16 10.55
C LEU A 20 -2.11 2.11 9.78
N MET A 21 -3.00 2.77 10.51
CA MET A 21 -3.88 3.84 10.03
C MET A 21 -3.09 5.02 9.45
N LYS A 22 -1.95 5.37 10.06
CA LYS A 22 -1.03 6.41 9.54
C LYS A 22 -0.42 5.98 8.21
N ILE A 23 -0.05 4.71 8.08
CA ILE A 23 0.49 4.17 6.83
C ILE A 23 -0.55 4.25 5.70
N GLN A 24 -1.82 3.89 5.99
CA GLN A 24 -2.92 3.93 5.01
C GLN A 24 -3.09 5.33 4.41
N THR A 25 -3.13 6.36 5.26
CA THR A 25 -3.29 7.77 4.83
C THR A 25 -2.06 8.36 4.14
N ALA A 26 -0.85 7.89 4.48
CA ALA A 26 0.37 8.32 3.81
C ALA A 26 0.40 7.83 2.35
N ILE A 27 0.11 6.54 2.09
CA ILE A 27 0.07 5.99 0.72
C ILE A 27 -1.09 6.56 -0.06
N SER A 28 -2.30 6.48 0.51
CA SER A 28 -3.55 6.90 -0.13
C SER A 28 -3.57 8.39 -0.52
N SER A 29 -2.70 9.22 0.08
CA SER A 29 -2.50 10.61 -0.35
C SER A 29 -1.71 10.73 -1.67
N LYS A 30 -0.73 9.83 -1.89
CA LYS A 30 0.18 9.80 -3.05
C LYS A 30 -0.26 8.79 -4.14
N ASN A 31 -1.31 8.02 -3.87
CA ASN A 31 -1.91 7.06 -4.79
C ASN A 31 -2.52 7.75 -6.03
N ARG A 32 -2.17 7.20 -7.20
CA ARG A 32 -2.49 7.70 -8.55
C ARG A 32 -2.96 6.57 -9.48
N TYR A 33 -4.01 6.84 -10.26
CA TYR A 33 -4.50 5.96 -11.31
C TYR A 33 -3.75 5.97 -12.66
N PRO A 34 -3.38 4.81 -13.25
CA PRO A 34 -2.73 4.73 -14.56
C PRO A 34 -3.71 5.05 -15.69
N LYS A 35 -3.54 6.18 -16.40
CA LYS A 35 -4.46 6.64 -17.47
C LYS A 35 -4.77 5.54 -18.48
N MET A 36 -3.73 4.82 -18.93
CA MET A 36 -3.84 3.70 -19.88
C MET A 36 -4.85 2.61 -19.50
N ALA A 37 -5.02 2.29 -18.21
CA ALA A 37 -6.01 1.32 -17.77
C ALA A 37 -7.44 1.88 -17.83
N GLN A 38 -7.64 3.18 -17.61
CA GLN A 38 -8.96 3.80 -17.56
C GLN A 38 -9.59 3.92 -18.97
N ILE A 39 -8.78 3.86 -20.03
CA ILE A 39 -9.24 3.87 -21.44
C ILE A 39 -10.14 2.66 -21.75
N ARG A 40 -9.75 1.47 -21.25
CA ARG A 40 -10.51 0.21 -21.34
C ARG A 40 -11.38 -0.07 -20.10
N GLY A 41 -11.01 0.44 -18.93
CA GLY A 41 -11.73 0.28 -17.67
C GLY A 41 -11.23 -0.83 -16.74
N ILE A 42 -9.94 -1.22 -16.84
CA ILE A 42 -9.37 -2.28 -15.99
C ILE A 42 -9.45 -1.90 -14.50
N GLU A 43 -9.73 -2.87 -13.63
CA GLU A 43 -9.82 -2.70 -12.17
C GLU A 43 -9.46 -4.00 -11.42
N GLY A 44 -9.05 -3.89 -10.15
CA GLY A 44 -8.74 -5.04 -9.28
C GLY A 44 -7.96 -4.65 -8.03
N GLU A 45 -7.26 -5.60 -7.41
CA GLU A 45 -6.61 -5.42 -6.10
C GLU A 45 -5.19 -6.01 -6.06
N VAL A 46 -4.32 -5.29 -5.33
CA VAL A 46 -2.88 -5.51 -5.15
C VAL A 46 -2.49 -5.59 -3.67
N LEU A 47 -1.56 -6.48 -3.27
CA LEU A 47 -0.98 -6.53 -1.92
C LEU A 47 0.53 -6.24 -1.97
N VAL A 48 0.89 -5.04 -1.53
CA VAL A 48 2.27 -4.52 -1.55
C VAL A 48 2.87 -4.62 -0.14
N SER A 49 4.16 -4.96 -0.08
CA SER A 49 4.96 -5.01 1.15
C SER A 49 6.26 -4.20 1.07
N PHE A 50 6.83 -3.95 2.25
CA PHE A 50 8.08 -3.21 2.46
C PHE A 50 8.74 -3.54 3.80
N THR A 51 10.01 -3.15 3.93
CA THR A 51 10.76 -3.13 5.19
C THR A 51 11.11 -1.71 5.63
N ILE A 52 10.93 -1.40 6.91
CA ILE A 52 11.52 -0.22 7.55
C ILE A 52 12.61 -0.71 8.51
N ASN A 53 13.89 -0.51 8.17
CA ASN A 53 15.05 -0.78 9.04
C ASN A 53 15.11 0.17 10.25
N ALA A 54 15.94 -0.18 11.26
CA ALA A 54 16.21 0.69 12.41
C ALA A 54 16.90 2.03 12.06
N ASP A 55 17.41 2.16 10.84
CA ASP A 55 17.85 3.43 10.22
C ASP A 55 16.71 4.41 9.86
N GLY A 56 15.45 3.99 10.01
CA GLY A 56 14.26 4.78 9.66
C GLY A 56 13.95 4.92 8.17
N SER A 57 14.83 4.42 7.28
CA SER A 57 14.66 4.47 5.83
C SER A 57 13.81 3.28 5.37
N VAL A 58 12.95 3.47 4.37
CA VAL A 58 12.09 2.40 3.84
C VAL A 58 12.71 1.76 2.59
N THR A 59 12.65 0.43 2.52
CA THR A 59 13.41 -0.40 1.58
C THR A 59 12.70 -1.73 1.33
N ASP A 60 13.23 -2.57 0.43
CA ASP A 60 12.69 -3.89 0.04
C ASP A 60 11.20 -3.79 -0.40
N ILE A 61 10.85 -2.69 -1.06
CA ILE A 61 9.48 -2.37 -1.50
C ILE A 61 9.10 -3.25 -2.72
N LYS A 62 8.02 -4.02 -2.61
CA LYS A 62 7.58 -4.97 -3.65
C LYS A 62 6.08 -5.27 -3.59
N VAL A 63 5.51 -5.71 -4.71
CA VAL A 63 4.25 -6.47 -4.70
C VAL A 63 4.59 -7.90 -4.26
N VAL A 64 3.84 -8.43 -3.30
CA VAL A 64 3.95 -9.83 -2.87
C VAL A 64 2.85 -10.67 -3.50
N LYS A 65 1.60 -10.23 -3.32
CA LYS A 65 0.40 -10.91 -3.88
C LYS A 65 -0.44 -9.94 -4.73
N SER A 66 -1.14 -10.47 -5.73
CA SER A 66 -1.93 -9.67 -6.67
C SER A 66 -2.99 -10.49 -7.40
N ASN A 67 -4.07 -9.79 -7.82
CA ASN A 67 -5.14 -10.37 -8.67
C ASN A 67 -5.52 -9.45 -9.86
N THR A 68 -4.80 -8.35 -10.05
CA THR A 68 -4.92 -7.42 -11.17
C THR A 68 -3.71 -7.41 -12.10
N THR A 69 -3.78 -6.66 -13.20
CA THR A 69 -2.73 -6.60 -14.22
C THR A 69 -1.42 -5.94 -13.77
N ASP A 70 -0.31 -6.32 -14.40
CA ASP A 70 1.02 -5.81 -14.05
C ASP A 70 1.16 -4.27 -13.96
N ILE A 71 0.50 -3.53 -14.85
CA ILE A 71 0.48 -2.05 -14.83
C ILE A 71 -0.20 -1.51 -13.56
N LEU A 72 -1.34 -2.08 -13.16
CA LEU A 72 -2.05 -1.69 -11.94
C LEU A 72 -1.30 -2.15 -10.68
N ASN A 73 -0.68 -3.33 -10.71
CA ASN A 73 0.21 -3.80 -9.64
C ASN A 73 1.39 -2.83 -9.39
N HIS A 74 1.95 -2.26 -10.46
CA HIS A 74 3.05 -1.29 -10.36
C HIS A 74 2.54 0.07 -9.90
N ALA A 75 1.36 0.49 -10.34
CA ALA A 75 0.75 1.75 -9.92
C ALA A 75 0.48 1.77 -8.41
N ALA A 76 0.09 0.63 -7.82
CA ALA A 76 -0.07 0.52 -6.37
C ALA A 76 1.29 0.66 -5.65
N LEU A 77 2.34 0.04 -6.18
CA LEU A 77 3.71 0.14 -5.66
C LEU A 77 4.34 1.54 -5.83
N GLU A 78 3.99 2.29 -6.88
CA GLU A 78 4.41 3.68 -7.05
C GLU A 78 4.03 4.57 -5.85
N ALA A 79 2.86 4.33 -5.23
CA ALA A 79 2.43 5.06 -4.06
C ALA A 79 3.27 4.69 -2.83
N ILE A 80 3.70 3.41 -2.70
CA ILE A 80 4.67 3.01 -1.67
C ILE A 80 6.04 3.68 -1.94
N LYS A 81 6.49 3.76 -3.20
CA LYS A 81 7.75 4.44 -3.59
C LYS A 81 7.79 5.92 -3.20
N SER A 82 6.66 6.63 -3.29
CA SER A 82 6.51 8.03 -2.86
C SER A 82 6.31 8.17 -1.34
N ALA A 83 5.48 7.30 -0.74
CA ALA A 83 5.21 7.29 0.70
C ALA A 83 6.38 6.76 1.55
N ALA A 84 7.34 6.05 0.96
CA ALA A 84 8.56 5.56 1.60
C ALA A 84 9.37 6.67 2.30
N HIS A 85 9.44 7.87 1.72
CA HIS A 85 10.07 9.03 2.35
C HIS A 85 9.20 9.71 3.45
N LEU A 86 7.92 9.35 3.54
CA LEU A 86 6.92 9.89 4.49
C LEU A 86 6.69 9.03 5.74
N PHE A 87 6.99 7.72 5.71
CA PHE A 87 6.70 6.83 6.85
C PHE A 87 7.46 7.16 8.16
N PRO A 88 6.88 6.89 9.35
CA PRO A 88 7.54 7.12 10.64
C PRO A 88 8.76 6.22 10.86
N LYS A 89 9.68 6.64 11.74
CA LYS A 89 10.98 5.98 11.98
C LYS A 89 10.95 5.08 13.23
N PRO A 90 11.05 3.74 13.08
CA PRO A 90 11.19 2.81 14.19
C PRO A 90 12.62 2.80 14.77
N GLU A 91 12.77 2.12 15.91
CA GLU A 91 14.04 1.81 16.61
C GLU A 91 14.44 0.31 16.42
N GLU A 92 13.89 -0.35 15.40
CA GLU A 92 14.11 -1.75 15.03
C GLU A 92 13.86 -1.92 13.53
N THR A 93 14.34 -3.02 12.92
CA THR A 93 13.76 -3.44 11.64
C THR A 93 12.35 -3.99 11.79
N VAL A 94 11.42 -3.58 10.93
CA VAL A 94 10.04 -4.07 10.90
C VAL A 94 9.51 -4.17 9.46
N HIS A 95 8.69 -5.17 9.15
CA HIS A 95 8.15 -5.42 7.81
C HIS A 95 6.62 -5.41 7.81
N LEU A 96 6.06 -4.72 6.82
CA LEU A 96 4.64 -4.37 6.72
C LEU A 96 4.08 -4.72 5.34
N LYS A 97 2.77 -4.99 5.27
CA LYS A 97 2.03 -5.35 4.05
C LYS A 97 0.70 -4.61 4.06
N ILE A 98 0.37 -3.90 2.99
CA ILE A 98 -0.82 -3.07 2.82
C ILE A 98 -1.51 -3.45 1.49
N PRO A 99 -2.80 -3.82 1.49
CA PRO A 99 -3.59 -4.00 0.28
C PRO A 99 -4.11 -2.66 -0.28
N ILE A 100 -3.98 -2.49 -1.59
CA ILE A 100 -4.42 -1.35 -2.40
C ILE A 100 -5.42 -1.83 -3.48
N ALA A 101 -6.46 -1.06 -3.76
CA ALA A 101 -7.53 -1.43 -4.68
C ALA A 101 -7.85 -0.32 -5.69
N TYR A 102 -7.96 -0.69 -6.96
CA TYR A 102 -8.35 0.17 -8.07
C TYR A 102 -9.75 -0.12 -8.63
N SER A 103 -10.57 0.91 -8.83
CA SER A 103 -11.93 0.80 -9.35
C SER A 103 -12.49 2.15 -9.83
N LEU A 104 -13.15 2.15 -11.00
CA LEU A 104 -13.86 3.31 -11.57
C LEU A 104 -15.32 3.41 -11.08
N LYS A 105 -15.94 2.26 -10.80
CA LYS A 105 -17.33 2.17 -10.32
C LYS A 105 -17.52 2.80 -8.94
N GLU A 106 -18.78 3.02 -8.58
CA GLU A 106 -19.19 3.58 -7.30
C GLU A 106 -20.08 2.62 -6.50
N ASP A 107 -19.71 2.40 -5.24
CA ASP A 107 -20.49 1.69 -4.21
C ASP A 107 -20.48 2.28 -2.80
N SER A 1 -15.05 5.82 -2.59
CA SER A 1 -15.09 6.33 -1.21
C SER A 1 -13.81 5.96 -0.47
N GLU A 2 -13.38 6.80 0.49
CA GLU A 2 -12.09 6.64 1.18
C GLU A 2 -12.22 6.31 2.68
N GLY A 3 -11.25 5.57 3.20
CA GLY A 3 -11.12 5.17 4.61
C GLY A 3 -10.12 4.01 4.77
N ALA A 4 -9.29 4.06 5.81
CA ALA A 4 -8.27 3.05 6.09
C ALA A 4 -8.89 1.76 6.66
N THR A 5 -8.61 0.61 6.04
CA THR A 5 -9.11 -0.69 6.49
C THR A 5 -8.23 -1.35 7.57
N SER A 6 -8.86 -1.79 8.66
CA SER A 6 -8.19 -2.62 9.68
C SER A 6 -7.80 -4.00 9.14
N GLU A 7 -8.42 -4.45 8.06
CA GLU A 7 -8.09 -5.69 7.36
C GLU A 7 -6.66 -5.67 6.79
N ALA A 8 -6.02 -4.50 6.62
CA ALA A 8 -4.58 -4.38 6.39
C ALA A 8 -3.72 -4.65 7.64
N GLN A 9 -4.12 -4.20 8.84
CA GLN A 9 -3.32 -4.44 10.05
C GLN A 9 -3.34 -5.94 10.41
N ALA A 10 -4.40 -6.65 10.04
CA ALA A 10 -4.55 -8.09 10.19
C ALA A 10 -3.46 -8.92 9.44
N TYR A 11 -2.83 -8.35 8.40
CA TYR A 11 -1.63 -8.94 7.75
C TYR A 11 -0.33 -8.90 8.57
N ASN A 12 -0.28 -8.05 9.60
CA ASN A 12 0.93 -7.64 10.32
C ASN A 12 0.74 -7.79 11.86
N PRO A 13 0.28 -8.96 12.36
CA PRO A 13 -0.20 -9.14 13.72
C PRO A 13 0.87 -8.77 14.76
N GLY A 14 0.52 -7.82 15.61
CA GLY A 14 1.41 -7.11 16.54
C GLY A 14 1.48 -5.61 16.29
N VAL A 15 1.19 -5.13 15.06
CA VAL A 15 1.11 -3.69 14.73
C VAL A 15 -0.07 -2.96 15.37
N SER A 16 0.17 -1.75 15.84
CA SER A 16 -0.89 -0.81 16.27
C SER A 16 -1.66 -0.28 15.06
N ASN A 17 -3.00 -0.21 15.13
CA ASN A 17 -3.77 0.37 14.01
C ASN A 17 -3.55 1.89 13.93
N GLU A 18 -3.22 2.58 15.02
CA GLU A 18 -2.84 4.00 15.04
C GLU A 18 -1.65 4.28 14.11
N PHE A 19 -0.70 3.34 14.02
CA PHE A 19 0.43 3.38 13.10
C PHE A 19 0.00 2.96 11.69
N LEU A 20 -0.69 1.82 11.56
CA LEU A 20 -1.06 1.22 10.26
C LEU A 20 -2.07 2.06 9.46
N MET A 21 -2.98 2.75 10.16
CA MET A 21 -3.88 3.76 9.62
C MET A 21 -3.10 4.88 8.90
N LYS A 22 -2.01 5.36 9.54
CA LYS A 22 -1.19 6.44 8.98
C LYS A 22 -0.53 6.01 7.67
N ILE A 23 -0.07 4.76 7.61
CA ILE A 23 0.56 4.22 6.40
C ILE A 23 -0.42 4.30 5.21
N GLN A 24 -1.66 3.86 5.41
CA GLN A 24 -2.68 3.82 4.35
C GLN A 24 -2.99 5.21 3.79
N THR A 25 -3.23 6.20 4.65
CA THR A 25 -3.44 7.59 4.21
C THR A 25 -2.19 8.26 3.63
N ALA A 26 -0.97 7.87 4.05
CA ALA A 26 0.28 8.33 3.43
C ALA A 26 0.42 7.84 1.98
N ILE A 27 0.15 6.56 1.71
CA ILE A 27 0.19 6.01 0.34
C ILE A 27 -0.97 6.56 -0.49
N SER A 28 -2.19 6.49 0.05
CA SER A 28 -3.42 6.99 -0.57
C SER A 28 -3.33 8.46 -1.00
N SER A 29 -2.48 9.24 -0.32
CA SER A 29 -2.17 10.64 -0.68
C SER A 29 -1.29 10.75 -1.94
N LYS A 30 -0.33 9.84 -2.14
CA LYS A 30 0.57 9.76 -3.30
C LYS A 30 -0.02 8.96 -4.47
N ASN A 31 -1.00 8.11 -4.20
CA ASN A 31 -1.58 7.15 -5.15
C ASN A 31 -2.19 7.85 -6.38
N ARG A 32 -1.77 7.37 -7.56
CA ARG A 32 -2.05 7.94 -8.89
C ARG A 32 -2.49 6.86 -9.89
N TYR A 33 -3.60 7.09 -10.58
CA TYR A 33 -4.28 6.09 -11.43
C TYR A 33 -3.60 6.13 -12.82
N PRO A 34 -3.19 4.97 -13.38
CA PRO A 34 -2.64 4.89 -14.75
C PRO A 34 -3.74 5.12 -15.79
N LYS A 35 -3.69 6.24 -16.52
CA LYS A 35 -4.75 6.64 -17.47
C LYS A 35 -5.04 5.57 -18.53
N MET A 36 -4.02 4.82 -18.98
CA MET A 36 -4.16 3.70 -19.92
C MET A 36 -5.16 2.61 -19.48
N ALA A 37 -5.28 2.30 -18.19
CA ALA A 37 -6.24 1.31 -17.69
C ALA A 37 -7.67 1.87 -17.64
N GLN A 38 -7.79 3.17 -17.31
CA GLN A 38 -9.05 3.90 -17.24
C GLN A 38 -9.79 4.00 -18.58
N ILE A 39 -9.06 4.06 -19.71
CA ILE A 39 -9.64 4.09 -21.07
C ILE A 39 -10.65 2.96 -21.31
N ARG A 40 -10.37 1.76 -20.78
CA ARG A 40 -11.28 0.60 -20.77
C ARG A 40 -12.04 0.41 -19.45
N GLY A 41 -11.41 0.72 -18.32
CA GLY A 41 -11.93 0.48 -16.98
C GLY A 41 -11.46 -0.83 -16.35
N ILE A 42 -10.17 -1.17 -16.48
CA ILE A 42 -9.55 -2.26 -15.70
C ILE A 42 -9.59 -1.94 -14.19
N GLU A 43 -9.83 -2.95 -13.35
CA GLU A 43 -9.97 -2.83 -11.88
C GLU A 43 -9.61 -4.14 -11.17
N GLY A 44 -9.04 -4.06 -9.95
CA GLY A 44 -8.57 -5.22 -9.20
C GLY A 44 -7.89 -4.83 -7.87
N GLU A 45 -7.01 -5.70 -7.35
CA GLU A 45 -6.29 -5.50 -6.09
C GLU A 45 -4.84 -5.97 -6.18
N VAL A 46 -3.98 -5.32 -5.39
CA VAL A 46 -2.52 -5.48 -5.30
C VAL A 46 -2.00 -5.55 -3.85
N LEU A 47 -1.36 -6.65 -3.43
CA LEU A 47 -0.75 -6.77 -2.10
C LEU A 47 0.73 -6.38 -2.10
N VAL A 48 1.00 -5.12 -1.78
CA VAL A 48 2.36 -4.55 -1.71
C VAL A 48 2.93 -4.70 -0.29
N SER A 49 4.22 -4.96 -0.21
CA SER A 49 5.00 -5.01 1.03
C SER A 49 6.25 -4.11 0.99
N PHE A 50 6.82 -3.89 2.16
CA PHE A 50 8.06 -3.16 2.40
C PHE A 50 8.72 -3.51 3.74
N THR A 51 10.01 -3.21 3.87
CA THR A 51 10.75 -3.30 5.13
C THR A 51 10.99 -1.87 5.60
N ILE A 52 10.80 -1.63 6.89
CA ILE A 52 11.34 -0.45 7.58
C ILE A 52 12.37 -0.94 8.61
N ASN A 53 13.67 -0.76 8.32
CA ASN A 53 14.76 -1.00 9.28
C ASN A 53 14.67 -0.10 10.52
N ALA A 54 15.42 -0.44 11.59
CA ALA A 54 15.54 0.39 12.80
C ALA A 54 16.12 1.79 12.52
N ASP A 55 16.81 1.91 11.40
CA ASP A 55 17.28 3.18 10.81
C ASP A 55 16.16 4.08 10.27
N GLY A 56 14.88 3.67 10.36
CA GLY A 56 13.72 4.44 9.91
C GLY A 56 13.54 4.60 8.39
N SER A 57 14.51 4.13 7.59
CA SER A 57 14.58 4.30 6.14
C SER A 57 13.91 3.12 5.42
N VAL A 58 12.83 3.35 4.68
CA VAL A 58 12.02 2.28 4.05
C VAL A 58 12.71 1.70 2.83
N THR A 59 12.66 0.39 2.62
CA THR A 59 13.40 -0.33 1.58
C THR A 59 12.75 -1.69 1.28
N ASP A 60 13.24 -2.41 0.27
CA ASP A 60 12.73 -3.71 -0.19
C ASP A 60 11.24 -3.58 -0.56
N ILE A 61 10.86 -2.47 -1.20
CA ILE A 61 9.48 -2.17 -1.59
C ILE A 61 9.13 -3.02 -2.82
N LYS A 62 8.11 -3.89 -2.71
CA LYS A 62 7.77 -4.90 -3.71
C LYS A 62 6.28 -5.29 -3.70
N VAL A 63 5.79 -5.87 -4.79
CA VAL A 63 4.47 -6.54 -4.82
C VAL A 63 4.67 -7.99 -4.44
N VAL A 64 4.16 -8.42 -3.27
CA VAL A 64 4.25 -9.82 -2.84
C VAL A 64 3.25 -10.68 -3.61
N LYS A 65 1.99 -10.22 -3.64
CA LYS A 65 0.89 -10.89 -4.37
C LYS A 65 0.02 -9.88 -5.13
N SER A 66 -0.72 -10.37 -6.11
CA SER A 66 -1.54 -9.56 -7.03
C SER A 66 -2.79 -10.31 -7.49
N ASN A 67 -3.87 -9.57 -7.80
CA ASN A 67 -5.00 -10.06 -8.58
C ASN A 67 -5.45 -9.04 -9.66
N THR A 68 -4.48 -8.40 -10.30
CA THR A 68 -4.68 -7.42 -11.39
C THR A 68 -3.49 -7.33 -12.36
N THR A 69 -3.65 -6.63 -13.49
CA THR A 69 -2.60 -6.42 -14.50
C THR A 69 -1.35 -5.79 -13.89
N ASP A 70 -0.16 -6.15 -14.41
CA ASP A 70 1.11 -5.52 -14.03
C ASP A 70 1.19 -3.99 -14.16
N ILE A 71 0.35 -3.38 -15.00
CA ILE A 71 0.20 -1.91 -15.08
C ILE A 71 -0.35 -1.35 -13.77
N LEU A 72 -1.41 -1.97 -13.23
CA LEU A 72 -2.04 -1.57 -11.97
C LEU A 72 -1.21 -2.02 -10.76
N ASN A 73 -0.58 -3.21 -10.81
CA ASN A 73 0.38 -3.64 -9.79
C ASN A 73 1.50 -2.62 -9.56
N HIS A 74 1.99 -2.01 -10.64
CA HIS A 74 3.11 -1.08 -10.59
C HIS A 74 2.66 0.30 -10.11
N ALA A 75 1.45 0.73 -10.48
CA ALA A 75 0.87 1.96 -9.98
C ALA A 75 0.65 1.91 -8.46
N ALA A 76 0.28 0.74 -7.93
CA ALA A 76 0.12 0.55 -6.48
C ALA A 76 1.48 0.66 -5.77
N LEU A 77 2.50 -0.04 -6.28
CA LEU A 77 3.85 0.01 -5.74
C LEU A 77 4.50 1.40 -5.85
N GLU A 78 4.27 2.13 -6.94
CA GLU A 78 4.78 3.49 -7.13
C GLU A 78 4.24 4.51 -6.10
N ALA A 79 3.08 4.25 -5.50
CA ALA A 79 2.61 5.02 -4.35
C ALA A 79 3.43 4.69 -3.10
N ILE A 80 3.84 3.43 -2.88
CA ILE A 80 4.81 3.08 -1.83
C ILE A 80 6.17 3.75 -2.10
N LYS A 81 6.74 3.68 -3.32
CA LYS A 81 8.03 4.31 -3.65
C LYS A 81 8.14 5.81 -3.32
N SER A 82 7.06 6.56 -3.48
CA SER A 82 6.99 7.96 -3.06
C SER A 82 6.71 8.09 -1.56
N ALA A 83 5.67 7.44 -1.04
CA ALA A 83 5.24 7.53 0.37
C ALA A 83 6.29 7.01 1.37
N ALA A 84 7.23 6.18 0.91
CA ALA A 84 8.35 5.62 1.67
C ALA A 84 9.21 6.68 2.37
N HIS A 85 9.37 7.87 1.78
CA HIS A 85 10.09 9.00 2.39
C HIS A 85 9.34 9.59 3.59
N LEU A 86 8.02 9.41 3.63
CA LEU A 86 7.08 10.07 4.53
C LEU A 86 6.65 9.20 5.72
N PHE A 87 6.92 7.89 5.70
CA PHE A 87 6.49 6.95 6.75
C PHE A 87 7.05 7.22 8.16
N PRO A 88 6.32 6.89 9.24
CA PRO A 88 6.85 6.92 10.60
C PRO A 88 8.07 5.99 10.77
N LYS A 89 8.92 6.33 11.75
CA LYS A 89 10.17 5.64 12.06
C LYS A 89 9.99 4.73 13.30
N PRO A 90 10.14 3.41 13.16
CA PRO A 90 10.18 2.45 14.27
C PRO A 90 11.52 2.53 15.02
N GLU A 91 11.58 1.90 16.18
CA GLU A 91 12.80 1.76 17.01
C GLU A 91 13.69 0.58 16.55
N GLU A 92 13.17 -0.24 15.63
CA GLU A 92 13.56 -1.62 15.38
C GLU A 92 13.16 -2.00 13.94
N THR A 93 13.83 -2.97 13.32
CA THR A 93 13.49 -3.37 11.94
C THR A 93 12.20 -4.21 11.97
N VAL A 94 11.26 -3.87 11.09
CA VAL A 94 9.96 -4.53 10.90
C VAL A 94 9.52 -4.53 9.43
N HIS A 95 8.82 -5.59 9.00
CA HIS A 95 8.25 -5.76 7.66
C HIS A 95 6.72 -5.66 7.70
N LEU A 96 6.15 -5.00 6.69
CA LEU A 96 4.73 -4.61 6.61
C LEU A 96 4.14 -4.89 5.23
N LYS A 97 2.82 -5.10 5.19
CA LYS A 97 2.05 -5.43 3.97
C LYS A 97 0.73 -4.64 3.98
N ILE A 98 0.41 -4.00 2.86
CA ILE A 98 -0.83 -3.25 2.62
C ILE A 98 -1.48 -3.74 1.31
N PRO A 99 -2.74 -4.19 1.32
CA PRO A 99 -3.50 -4.40 0.08
C PRO A 99 -4.05 -3.06 -0.47
N ILE A 100 -3.58 -2.65 -1.64
CA ILE A 100 -4.09 -1.50 -2.43
C ILE A 100 -5.13 -2.00 -3.45
N ALA A 101 -6.18 -1.22 -3.66
CA ALA A 101 -7.29 -1.58 -4.56
C ALA A 101 -7.54 -0.50 -5.62
N TYR A 102 -7.73 -0.89 -6.87
CA TYR A 102 -8.10 -0.03 -7.98
C TYR A 102 -9.52 -0.26 -8.51
N SER A 103 -10.33 0.80 -8.58
CA SER A 103 -11.79 0.70 -8.76
C SER A 103 -12.42 2.00 -9.30
N LEU A 104 -13.47 1.87 -10.11
CA LEU A 104 -14.29 2.96 -10.63
C LEU A 104 -15.73 2.93 -10.07
N LYS A 105 -16.22 1.76 -9.65
CA LYS A 105 -17.35 1.60 -8.72
C LYS A 105 -16.90 1.86 -7.28
N GLU A 106 -17.84 2.08 -6.34
CA GLU A 106 -17.55 2.29 -4.91
C GLU A 106 -18.56 1.66 -3.93
N ASP A 107 -19.57 0.93 -4.43
CA ASP A 107 -20.66 0.26 -3.68
C ASP A 107 -21.56 1.09 -2.75
N SER A 1 -21.24 1.73 8.35
CA SER A 1 -20.94 0.37 8.83
C SER A 1 -21.02 -0.63 7.68
N GLU A 2 -20.00 -0.71 6.84
CA GLU A 2 -19.98 -1.50 5.58
C GLU A 2 -18.68 -2.29 5.33
N GLY A 3 -17.63 -2.06 6.11
CA GLY A 3 -16.32 -2.72 6.02
C GLY A 3 -15.23 -1.91 6.74
N ALA A 4 -14.00 -2.44 6.81
CA ALA A 4 -12.88 -1.74 7.44
C ALA A 4 -11.50 -2.01 6.81
N THR A 5 -10.65 -0.99 6.78
CA THR A 5 -9.22 -1.08 6.40
C THR A 5 -8.30 -1.83 7.37
N SER A 6 -8.83 -2.27 8.52
CA SER A 6 -8.13 -3.11 9.50
C SER A 6 -7.67 -4.47 8.95
N GLU A 7 -8.19 -4.89 7.80
CA GLU A 7 -7.65 -6.01 7.02
C GLU A 7 -6.14 -5.82 6.69
N ALA A 8 -5.68 -4.57 6.57
CA ALA A 8 -4.25 -4.25 6.45
C ALA A 8 -3.48 -4.55 7.74
N GLN A 9 -3.99 -4.16 8.92
CA GLN A 9 -3.32 -4.46 10.20
C GLN A 9 -3.35 -5.97 10.51
N ALA A 10 -4.35 -6.71 10.01
CA ALA A 10 -4.45 -8.17 10.12
C ALA A 10 -3.37 -8.96 9.33
N TYR A 11 -2.69 -8.32 8.37
CA TYR A 11 -1.44 -8.85 7.78
C TYR A 11 -0.19 -8.74 8.67
N ASN A 12 -0.27 -7.87 9.69
CA ASN A 12 0.83 -7.46 10.57
C ASN A 12 0.40 -7.64 12.05
N PRO A 13 0.05 -8.86 12.49
CA PRO A 13 -0.69 -9.09 13.73
C PRO A 13 0.06 -8.60 14.97
N GLY A 14 -0.59 -7.70 15.69
CA GLY A 14 -0.05 -7.00 16.86
C GLY A 14 0.40 -5.56 16.61
N VAL A 15 0.49 -5.09 15.35
CA VAL A 15 0.78 -3.68 15.02
C VAL A 15 -0.24 -2.69 15.58
N SER A 16 0.22 -1.51 16.01
CA SER A 16 -0.64 -0.39 16.40
C SER A 16 -1.52 0.06 15.24
N ASN A 17 -2.82 0.22 15.46
CA ASN A 17 -3.71 0.75 14.43
C ASN A 17 -3.38 2.22 14.14
N GLU A 18 -2.96 3.02 15.13
CA GLU A 18 -2.51 4.41 14.92
C GLU A 18 -1.36 4.47 13.90
N PHE A 19 -0.35 3.60 14.10
CA PHE A 19 0.83 3.49 13.24
C PHE A 19 0.44 2.94 11.86
N LEU A 20 -0.37 1.88 11.78
CA LEU A 20 -0.76 1.27 10.50
C LEU A 20 -1.69 2.18 9.69
N MET A 21 -2.59 2.90 10.36
CA MET A 21 -3.42 3.94 9.76
C MET A 21 -2.58 5.15 9.29
N LYS A 22 -1.41 5.39 9.88
CA LYS A 22 -0.45 6.42 9.43
C LYS A 22 0.16 6.06 8.08
N ILE A 23 0.42 4.76 7.88
CA ILE A 23 0.86 4.23 6.60
C ILE A 23 -0.25 4.35 5.54
N GLN A 24 -1.48 3.95 5.88
CA GLN A 24 -2.63 3.98 4.98
C GLN A 24 -2.88 5.37 4.37
N THR A 25 -2.94 6.40 5.23
CA THR A 25 -3.17 7.80 4.82
C THR A 25 -2.07 8.31 3.89
N ALA A 26 -0.80 7.95 4.15
CA ALA A 26 0.34 8.45 3.38
C ALA A 26 0.37 7.87 1.96
N ILE A 27 0.17 6.55 1.78
CA ILE A 27 0.17 5.95 0.44
C ILE A 27 -1.08 6.42 -0.32
N SER A 28 -2.25 6.35 0.31
CA SER A 28 -3.54 6.78 -0.28
C SER A 28 -3.50 8.23 -0.79
N SER A 29 -2.62 9.06 -0.22
CA SER A 29 -2.38 10.43 -0.68
C SER A 29 -1.53 10.48 -1.96
N LYS A 30 -0.48 9.65 -2.07
CA LYS A 30 0.39 9.54 -3.27
C LYS A 30 -0.19 8.67 -4.38
N ASN A 31 -1.09 7.74 -4.05
CA ASN A 31 -1.70 6.79 -4.97
C ASN A 31 -2.52 7.50 -6.05
N ARG A 32 -2.32 7.08 -7.30
CA ARG A 32 -2.93 7.61 -8.51
C ARG A 32 -3.56 6.52 -9.39
N TYR A 33 -4.57 6.87 -10.19
CA TYR A 33 -5.11 6.00 -11.23
C TYR A 33 -4.36 6.06 -12.59
N PRO A 34 -3.86 4.94 -13.15
CA PRO A 34 -3.13 4.93 -14.43
C PRO A 34 -4.05 5.26 -15.61
N LYS A 35 -3.88 6.43 -16.24
CA LYS A 35 -4.82 6.98 -17.25
C LYS A 35 -5.02 6.08 -18.47
N MET A 36 -4.04 5.23 -18.79
CA MET A 36 -4.11 4.19 -19.83
C MET A 36 -5.14 3.08 -19.54
N ALA A 37 -5.29 2.67 -18.28
CA ALA A 37 -6.24 1.62 -17.90
C ALA A 37 -7.70 2.08 -17.99
N GLN A 38 -7.96 3.37 -17.71
CA GLN A 38 -9.32 3.93 -17.65
C GLN A 38 -10.01 3.96 -19.02
N ILE A 39 -9.22 3.91 -20.11
CA ILE A 39 -9.68 3.85 -21.50
C ILE A 39 -10.50 2.58 -21.77
N ARG A 40 -10.13 1.45 -21.16
CA ARG A 40 -10.82 0.14 -21.27
C ARG A 40 -11.63 -0.25 -20.03
N GLY A 41 -11.26 0.26 -18.86
CA GLY A 41 -11.88 -0.05 -17.56
C GLY A 41 -11.24 -1.22 -16.81
N ILE A 42 -9.91 -1.39 -16.92
CA ILE A 42 -9.18 -2.38 -16.10
C ILE A 42 -9.30 -2.03 -14.60
N GLU A 43 -9.49 -3.05 -13.76
CA GLU A 43 -9.59 -2.93 -12.30
C GLU A 43 -9.11 -4.21 -11.60
N GLY A 44 -8.80 -4.12 -10.30
CA GLY A 44 -8.45 -5.26 -9.47
C GLY A 44 -7.83 -4.84 -8.14
N GLU A 45 -6.95 -5.66 -7.57
CA GLU A 45 -6.26 -5.38 -6.29
C GLU A 45 -4.78 -5.77 -6.33
N VAL A 46 -3.99 -5.14 -5.47
CA VAL A 46 -2.53 -5.26 -5.33
C VAL A 46 -2.09 -5.32 -3.86
N LEU A 47 -1.43 -6.39 -3.42
CA LEU A 47 -0.88 -6.51 -2.05
C LEU A 47 0.62 -6.20 -2.04
N VAL A 48 0.95 -4.97 -1.64
CA VAL A 48 2.33 -4.45 -1.60
C VAL A 48 2.92 -4.63 -0.20
N SER A 49 4.22 -4.92 -0.15
CA SER A 49 5.03 -5.05 1.05
C SER A 49 6.26 -4.14 1.05
N PHE A 50 6.85 -4.00 2.23
CA PHE A 50 8.10 -3.30 2.48
C PHE A 50 8.76 -3.69 3.81
N THR A 51 10.00 -3.27 4.01
CA THR A 51 10.73 -3.39 5.27
C THR A 51 11.31 -2.06 5.75
N ILE A 52 11.11 -1.73 7.02
CA ILE A 52 11.69 -0.54 7.66
C ILE A 52 12.81 -0.99 8.62
N ASN A 53 14.07 -0.68 8.34
CA ASN A 53 15.23 -0.89 9.24
C ASN A 53 15.18 -0.04 10.51
N ALA A 54 16.03 -0.37 11.49
CA ALA A 54 16.18 0.38 12.74
C ALA A 54 16.75 1.80 12.56
N ASP A 55 17.22 2.16 11.35
CA ASP A 55 17.61 3.55 11.02
C ASP A 55 16.36 4.41 10.69
N GLY A 56 15.16 3.81 10.64
CA GLY A 56 13.90 4.49 10.33
C GLY A 56 13.52 4.59 8.85
N SER A 57 14.41 4.20 7.92
CA SER A 57 14.24 4.37 6.47
C SER A 57 13.57 3.15 5.85
N VAL A 58 12.83 3.30 4.75
CA VAL A 58 12.09 2.20 4.12
C VAL A 58 12.84 1.59 2.92
N THR A 59 12.78 0.28 2.76
CA THR A 59 13.55 -0.52 1.79
C THR A 59 12.84 -1.86 1.51
N ASP A 60 13.34 -2.71 0.61
CA ASP A 60 12.68 -3.98 0.24
C ASP A 60 11.21 -3.87 -0.23
N ILE A 61 10.87 -2.76 -0.90
CA ILE A 61 9.53 -2.48 -1.39
C ILE A 61 9.19 -3.35 -2.61
N LYS A 62 8.10 -4.14 -2.57
CA LYS A 62 7.64 -5.00 -3.69
C LYS A 62 6.14 -5.28 -3.66
N VAL A 63 5.60 -5.86 -4.74
CA VAL A 63 4.28 -6.51 -4.76
C VAL A 63 4.44 -7.99 -4.37
N VAL A 64 3.87 -8.42 -3.24
CA VAL A 64 3.89 -9.84 -2.80
C VAL A 64 2.81 -10.63 -3.49
N LYS A 65 1.59 -10.10 -3.53
CA LYS A 65 0.44 -10.79 -4.18
C LYS A 65 -0.40 -9.84 -5.03
N SER A 66 -1.12 -10.35 -6.02
CA SER A 66 -1.94 -9.51 -6.92
C SER A 66 -3.24 -10.17 -7.38
N ASN A 67 -4.16 -9.33 -7.81
CA ASN A 67 -5.46 -9.61 -8.42
C ASN A 67 -5.69 -8.66 -9.63
N THR A 68 -4.60 -8.21 -10.27
CA THR A 68 -4.62 -7.30 -11.43
C THR A 68 -3.41 -7.40 -12.38
N THR A 69 -3.54 -6.81 -13.57
CA THR A 69 -2.45 -6.67 -14.54
C THR A 69 -1.36 -5.67 -14.14
N ASP A 70 -0.13 -5.87 -14.61
CA ASP A 70 1.04 -5.11 -14.20
C ASP A 70 1.02 -3.58 -14.34
N ILE A 71 0.19 -3.02 -15.23
CA ILE A 71 -0.09 -1.58 -15.33
C ILE A 71 -0.56 -1.00 -13.98
N LEU A 72 -1.47 -1.73 -13.31
CA LEU A 72 -2.08 -1.34 -12.05
C LEU A 72 -1.22 -1.77 -10.85
N ASN A 73 -0.58 -2.95 -10.90
CA ASN A 73 0.42 -3.35 -9.88
C ASN A 73 1.54 -2.30 -9.71
N HIS A 74 1.97 -1.69 -10.81
CA HIS A 74 3.02 -0.68 -10.83
C HIS A 74 2.54 0.63 -10.20
N ALA A 75 1.31 1.06 -10.48
CA ALA A 75 0.75 2.30 -9.94
C ALA A 75 0.56 2.22 -8.41
N ALA A 76 0.25 1.03 -7.89
CA ALA A 76 0.13 0.80 -6.45
C ALA A 76 1.52 0.86 -5.78
N LEU A 77 2.54 0.24 -6.39
CA LEU A 77 3.89 0.22 -5.87
C LEU A 77 4.63 1.57 -6.00
N GLU A 78 4.35 2.36 -7.05
CA GLU A 78 4.80 3.75 -7.20
C GLU A 78 4.35 4.64 -6.03
N ALA A 79 3.20 4.33 -5.41
CA ALA A 79 2.73 5.03 -4.23
C ALA A 79 3.53 4.61 -2.98
N ILE A 80 3.99 3.35 -2.89
CA ILE A 80 4.93 2.94 -1.82
C ILE A 80 6.31 3.56 -2.03
N LYS A 81 6.89 3.53 -3.24
CA LYS A 81 8.21 4.10 -3.54
C LYS A 81 8.36 5.60 -3.25
N SER A 82 7.25 6.34 -3.31
CA SER A 82 7.13 7.75 -2.92
C SER A 82 6.73 7.97 -1.45
N ALA A 83 5.79 7.19 -0.91
CA ALA A 83 5.39 7.28 0.50
C ALA A 83 6.48 6.83 1.49
N ALA A 84 7.44 6.02 1.03
CA ALA A 84 8.61 5.53 1.77
C ALA A 84 9.44 6.63 2.46
N HIS A 85 9.52 7.83 1.86
CA HIS A 85 10.20 8.98 2.46
C HIS A 85 9.42 9.63 3.61
N LEU A 86 8.12 9.33 3.74
CA LEU A 86 7.16 9.97 4.66
C LEU A 86 6.87 9.13 5.92
N PHE A 87 7.09 7.81 5.87
CA PHE A 87 6.69 6.89 6.95
C PHE A 87 7.30 7.16 8.35
N PRO A 88 6.65 6.77 9.46
CA PRO A 88 7.21 6.88 10.81
C PRO A 88 8.44 5.96 11.01
N LYS A 89 9.30 6.29 11.99
CA LYS A 89 10.60 5.65 12.23
C LYS A 89 10.55 4.72 13.46
N PRO A 90 10.64 3.38 13.27
CA PRO A 90 10.83 2.42 14.35
C PRO A 90 12.27 2.46 14.91
N GLU A 91 12.51 1.72 15.99
CA GLU A 91 13.84 1.58 16.63
C GLU A 91 14.45 0.17 16.45
N GLU A 92 13.85 -0.65 15.57
CA GLU A 92 14.23 -2.03 15.23
C GLU A 92 13.79 -2.31 13.78
N THR A 93 14.36 -3.31 13.10
CA THR A 93 13.82 -3.77 11.80
C THR A 93 12.39 -4.29 11.89
N VAL A 94 11.50 -3.88 11.00
CA VAL A 94 10.10 -4.35 10.91
C VAL A 94 9.57 -4.47 9.49
N HIS A 95 8.86 -5.56 9.18
CA HIS A 95 8.25 -5.86 7.88
C HIS A 95 6.76 -5.53 7.91
N LEU A 96 6.25 -4.94 6.82
CA LEU A 96 4.87 -4.52 6.69
C LEU A 96 4.27 -4.89 5.33
N LYS A 97 2.94 -5.00 5.29
CA LYS A 97 2.14 -5.28 4.08
C LYS A 97 0.85 -4.46 4.13
N ILE A 98 0.48 -3.86 3.00
CA ILE A 98 -0.71 -3.04 2.79
C ILE A 98 -1.39 -3.44 1.46
N PRO A 99 -2.70 -3.76 1.44
CA PRO A 99 -3.46 -3.91 0.21
C PRO A 99 -3.88 -2.55 -0.38
N ILE A 100 -3.79 -2.43 -1.71
CA ILE A 100 -4.23 -1.31 -2.54
C ILE A 100 -5.23 -1.84 -3.58
N ALA A 101 -6.27 -1.07 -3.92
CA ALA A 101 -7.37 -1.51 -4.78
C ALA A 101 -7.79 -0.40 -5.75
N TYR A 102 -8.02 -0.79 -7.01
CA TYR A 102 -8.48 0.08 -8.08
C TYR A 102 -9.86 -0.35 -8.59
N SER A 103 -10.85 0.55 -8.57
CA SER A 103 -12.24 0.24 -8.94
C SER A 103 -12.96 1.45 -9.52
N LEU A 104 -13.97 1.18 -10.34
CA LEU A 104 -14.68 2.16 -11.19
C LEU A 104 -16.20 2.12 -10.97
N LYS A 105 -16.72 0.99 -10.50
CA LYS A 105 -18.12 0.77 -10.11
C LYS A 105 -18.52 1.56 -8.86
N GLU A 106 -19.83 1.73 -8.66
CA GLU A 106 -20.41 1.99 -7.35
C GLU A 106 -20.67 0.67 -6.60
N ASP A 107 -20.49 0.65 -5.27
CA ASP A 107 -20.76 -0.50 -4.37
C ASP A 107 -21.17 -0.13 -2.95
N SER A 1 -15.98 8.17 8.92
CA SER A 1 -15.25 7.01 9.47
C SER A 1 -13.74 7.27 9.50
N GLU A 2 -12.98 6.41 10.19
CA GLU A 2 -11.51 6.36 10.17
C GLU A 2 -10.97 6.06 8.76
N GLY A 3 -9.92 6.73 8.33
CA GLY A 3 -9.33 6.59 6.97
C GLY A 3 -8.48 5.33 6.75
N ALA A 4 -8.79 4.22 7.42
CA ALA A 4 -7.92 3.05 7.48
C ALA A 4 -8.70 1.73 7.64
N THR A 5 -8.46 0.78 6.74
CA THR A 5 -9.09 -0.55 6.78
C THR A 5 -8.29 -1.51 7.65
N SER A 6 -8.96 -2.21 8.58
CA SER A 6 -8.33 -3.23 9.42
C SER A 6 -8.01 -4.53 8.66
N GLU A 7 -8.42 -4.64 7.40
CA GLU A 7 -7.92 -5.62 6.43
C GLU A 7 -6.40 -5.47 6.20
N ALA A 8 -5.86 -4.25 6.27
CA ALA A 8 -4.41 -4.02 6.18
C ALA A 8 -3.68 -4.40 7.47
N GLN A 9 -4.20 -4.01 8.64
CA GLN A 9 -3.55 -4.33 9.91
C GLN A 9 -3.56 -5.85 10.16
N ALA A 10 -4.57 -6.58 9.65
CA ALA A 10 -4.65 -8.04 9.73
C ALA A 10 -3.44 -8.75 9.10
N TYR A 11 -2.80 -8.16 8.07
CA TYR A 11 -1.56 -8.68 7.50
C TYR A 11 -0.31 -8.60 8.37
N ASN A 12 -0.38 -7.78 9.42
CA ASN A 12 0.73 -7.40 10.29
C ASN A 12 0.37 -7.62 11.78
N PRO A 13 -0.03 -8.84 12.21
CA PRO A 13 -0.53 -9.13 13.55
C PRO A 13 0.54 -8.82 14.62
N GLY A 14 0.21 -7.90 15.51
CA GLY A 14 1.11 -7.30 16.51
C GLY A 14 1.34 -5.79 16.30
N VAL A 15 0.94 -5.24 15.14
CA VAL A 15 0.88 -3.79 14.90
C VAL A 15 -0.21 -3.06 15.68
N SER A 16 0.04 -1.81 16.06
CA SER A 16 -1.00 -0.84 16.44
C SER A 16 -1.83 -0.42 15.22
N ASN A 17 -3.17 -0.33 15.36
CA ASN A 17 -4.02 0.26 14.34
C ASN A 17 -3.65 1.71 14.05
N GLU A 18 -3.47 2.53 15.08
CA GLU A 18 -3.10 3.94 14.97
C GLU A 18 -1.74 4.12 14.27
N PHE A 19 -0.77 3.23 14.51
CA PHE A 19 0.50 3.23 13.78
C PHE A 19 0.34 2.84 12.29
N LEU A 20 -0.40 1.75 12.03
CA LEU A 20 -0.69 1.29 10.67
C LEU A 20 -1.50 2.34 9.89
N MET A 21 -2.37 3.08 10.58
CA MET A 21 -3.16 4.19 10.05
C MET A 21 -2.26 5.29 9.47
N LYS A 22 -1.11 5.59 10.11
CA LYS A 22 -0.13 6.55 9.58
C LYS A 22 0.42 6.11 8.22
N ILE A 23 0.62 4.81 8.03
CA ILE A 23 0.99 4.22 6.73
C ILE A 23 -0.16 4.37 5.73
N GLN A 24 -1.38 3.99 6.11
CA GLN A 24 -2.56 3.98 5.23
C GLN A 24 -2.80 5.36 4.60
N THR A 25 -2.80 6.41 5.41
CA THR A 25 -2.93 7.80 4.96
C THR A 25 -1.75 8.29 4.11
N ALA A 26 -0.50 7.94 4.45
CA ALA A 26 0.69 8.42 3.73
C ALA A 26 0.73 7.93 2.28
N ILE A 27 0.35 6.67 2.01
CA ILE A 27 0.24 6.15 0.64
C ILE A 27 -0.96 6.77 -0.07
N SER A 28 -2.11 6.75 0.60
CA SER A 28 -3.38 7.34 0.13
C SER A 28 -3.26 8.84 -0.21
N SER A 29 -2.22 9.51 0.30
CA SER A 29 -1.88 10.92 0.05
C SER A 29 -1.24 11.13 -1.34
N LYS A 30 -0.52 10.13 -1.88
CA LYS A 30 0.19 10.17 -3.18
C LYS A 30 -0.36 9.17 -4.22
N ASN A 31 -1.27 8.27 -3.83
CA ASN A 31 -1.88 7.29 -4.72
C ASN A 31 -2.67 7.96 -5.87
N ARG A 32 -2.46 7.44 -7.08
CA ARG A 32 -3.13 7.79 -8.35
C ARG A 32 -3.49 6.56 -9.17
N TYR A 33 -4.49 6.69 -10.04
CA TYR A 33 -4.85 5.69 -11.06
C TYR A 33 -4.14 5.84 -12.43
N PRO A 34 -3.72 4.74 -13.09
CA PRO A 34 -3.05 4.81 -14.40
C PRO A 34 -4.06 5.04 -15.53
N LYS A 35 -4.03 6.21 -16.20
CA LYS A 35 -5.05 6.59 -17.21
C LYS A 35 -5.21 5.53 -18.32
N MET A 36 -4.10 4.95 -18.78
CA MET A 36 -4.02 3.90 -19.79
C MET A 36 -4.89 2.64 -19.51
N ALA A 37 -5.13 2.28 -18.25
CA ALA A 37 -6.03 1.17 -17.91
C ALA A 37 -7.52 1.55 -18.04
N GLN A 38 -7.87 2.82 -17.80
CA GLN A 38 -9.26 3.26 -17.73
C GLN A 38 -9.92 3.35 -19.13
N ILE A 39 -9.12 3.28 -20.20
CA ILE A 39 -9.56 3.27 -21.60
C ILE A 39 -10.29 1.96 -21.95
N ARG A 40 -9.66 0.80 -21.69
CA ARG A 40 -10.31 -0.53 -21.74
C ARG A 40 -11.19 -0.81 -20.53
N GLY A 41 -10.90 -0.19 -19.38
CA GLY A 41 -11.69 -0.28 -18.16
C GLY A 41 -11.17 -1.29 -17.13
N ILE A 42 -9.85 -1.53 -17.08
CA ILE A 42 -9.26 -2.50 -16.14
C ILE A 42 -9.41 -2.01 -14.68
N GLU A 43 -9.82 -2.90 -13.78
CA GLU A 43 -9.93 -2.67 -12.32
C GLU A 43 -9.62 -3.95 -11.52
N GLY A 44 -9.10 -3.82 -10.29
CA GLY A 44 -8.65 -4.96 -9.48
C GLY A 44 -7.88 -4.54 -8.23
N GLU A 45 -7.15 -5.45 -7.59
CA GLU A 45 -6.53 -5.24 -6.28
C GLU A 45 -5.12 -5.83 -6.17
N VAL A 46 -4.27 -5.10 -5.45
CA VAL A 46 -2.83 -5.33 -5.25
C VAL A 46 -2.45 -5.43 -3.77
N LEU A 47 -1.57 -6.37 -3.39
CA LEU A 47 -1.01 -6.44 -2.03
C LEU A 47 0.50 -6.14 -2.06
N VAL A 48 0.85 -4.90 -1.72
CA VAL A 48 2.24 -4.39 -1.70
C VAL A 48 2.81 -4.50 -0.30
N SER A 49 4.11 -4.75 -0.21
CA SER A 49 4.88 -4.80 1.03
C SER A 49 6.19 -4.00 0.97
N PHE A 50 6.80 -3.85 2.13
CA PHE A 50 8.07 -3.16 2.37
C PHE A 50 8.72 -3.56 3.69
N THR A 51 9.96 -3.11 3.91
CA THR A 51 10.64 -3.19 5.20
C THR A 51 11.05 -1.80 5.66
N ILE A 52 10.73 -1.45 6.91
CA ILE A 52 11.29 -0.30 7.62
C ILE A 52 12.45 -0.80 8.49
N ASN A 53 13.70 -0.55 8.10
CA ASN A 53 14.90 -0.79 8.91
C ASN A 53 15.00 0.13 10.13
N ALA A 54 15.88 -0.21 11.09
CA ALA A 54 16.10 0.60 12.29
C ALA A 54 16.75 1.97 12.00
N ASP A 55 17.24 2.20 10.76
CA ASP A 55 17.50 3.54 10.21
C ASP A 55 16.29 4.49 10.18
N GLY A 56 15.08 3.94 10.36
CA GLY A 56 13.81 4.65 10.14
C GLY A 56 13.45 4.86 8.67
N SER A 57 14.34 4.52 7.73
CA SER A 57 14.16 4.65 6.29
C SER A 57 13.35 3.46 5.77
N VAL A 58 12.88 3.49 4.51
CA VAL A 58 12.08 2.40 3.93
C VAL A 58 12.76 1.76 2.73
N THR A 59 12.76 0.43 2.71
CA THR A 59 13.55 -0.42 1.80
C THR A 59 12.74 -1.66 1.43
N ASP A 60 13.25 -2.45 0.50
CA ASP A 60 12.74 -3.78 0.13
C ASP A 60 11.25 -3.71 -0.33
N ILE A 61 10.84 -2.59 -0.92
CA ILE A 61 9.48 -2.34 -1.39
C ILE A 61 9.19 -3.22 -2.62
N LYS A 62 8.08 -3.98 -2.61
CA LYS A 62 7.70 -4.94 -3.68
C LYS A 62 6.21 -5.30 -3.66
N VAL A 63 5.69 -5.91 -4.73
CA VAL A 63 4.38 -6.60 -4.73
C VAL A 63 4.57 -8.05 -4.28
N VAL A 64 3.88 -8.46 -3.22
CA VAL A 64 3.92 -9.85 -2.71
C VAL A 64 2.83 -10.71 -3.33
N LYS A 65 1.62 -10.17 -3.38
CA LYS A 65 0.43 -10.82 -3.93
C LYS A 65 -0.42 -9.85 -4.74
N SER A 66 -1.16 -10.34 -5.73
CA SER A 66 -2.05 -9.52 -6.55
C SER A 66 -3.21 -10.33 -7.12
N ASN A 67 -4.17 -9.58 -7.67
CA ASN A 67 -5.23 -10.11 -8.53
C ASN A 67 -5.59 -9.12 -9.65
N THR A 68 -4.58 -8.45 -10.22
CA THR A 68 -4.73 -7.52 -11.34
C THR A 68 -3.51 -7.46 -12.28
N THR A 69 -3.65 -6.80 -13.43
CA THR A 69 -2.58 -6.61 -14.40
C THR A 69 -1.34 -5.89 -13.84
N ASP A 70 -0.15 -6.21 -14.36
CA ASP A 70 1.10 -5.65 -13.85
C ASP A 70 1.24 -4.12 -13.91
N ILE A 71 0.56 -3.46 -14.86
CA ILE A 71 0.44 -1.99 -14.94
C ILE A 71 -0.24 -1.40 -13.69
N LEU A 72 -1.33 -2.02 -13.24
CA LEU A 72 -2.06 -1.63 -12.02
C LEU A 72 -1.29 -2.04 -10.76
N ASN A 73 -0.65 -3.21 -10.75
CA ASN A 73 0.25 -3.63 -9.67
C ASN A 73 1.38 -2.62 -9.40
N HIS A 74 1.91 -2.01 -10.46
CA HIS A 74 3.00 -1.03 -10.34
C HIS A 74 2.48 0.37 -10.03
N ALA A 75 1.26 0.72 -10.44
CA ALA A 75 0.62 1.96 -10.00
C ALA A 75 0.40 1.96 -8.48
N ALA A 76 0.07 0.81 -7.90
CA ALA A 76 -0.05 0.66 -6.45
C ALA A 76 1.32 0.79 -5.75
N LEU A 77 2.34 0.10 -6.25
CA LEU A 77 3.71 0.15 -5.71
C LEU A 77 4.35 1.55 -5.84
N GLU A 78 4.09 2.28 -6.92
CA GLU A 78 4.57 3.66 -7.11
C GLU A 78 4.11 4.64 -6.02
N ALA A 79 2.98 4.39 -5.36
CA ALA A 79 2.58 5.17 -4.20
C ALA A 79 3.44 4.81 -2.98
N ILE A 80 3.82 3.53 -2.79
CA ILE A 80 4.75 3.12 -1.73
C ILE A 80 6.15 3.71 -1.95
N LYS A 81 6.71 3.66 -3.17
CA LYS A 81 8.05 4.20 -3.48
C LYS A 81 8.21 5.68 -3.12
N SER A 82 7.15 6.45 -3.30
CA SER A 82 7.07 7.89 -2.98
C SER A 82 6.65 8.18 -1.54
N ALA A 83 5.74 7.40 -0.95
CA ALA A 83 5.31 7.52 0.45
C ALA A 83 6.36 7.04 1.47
N ALA A 84 7.33 6.24 1.04
CA ALA A 84 8.48 5.79 1.84
C ALA A 84 9.14 6.92 2.65
N HIS A 85 9.36 8.07 2.02
CA HIS A 85 9.95 9.29 2.59
C HIS A 85 9.15 9.91 3.76
N LEU A 86 7.95 9.40 4.05
CA LEU A 86 6.99 9.92 5.03
C LEU A 86 6.80 9.02 6.26
N PHE A 87 7.18 7.73 6.20
CA PHE A 87 6.84 6.73 7.22
C PHE A 87 7.46 6.95 8.63
N PRO A 88 6.83 6.51 9.74
CA PRO A 88 7.41 6.61 11.09
C PRO A 88 8.67 5.74 11.28
N LYS A 89 9.52 6.09 12.25
CA LYS A 89 10.88 5.54 12.43
C LYS A 89 11.00 4.58 13.64
N PRO A 90 10.93 3.25 13.45
CA PRO A 90 11.00 2.25 14.52
C PRO A 90 12.41 2.06 15.08
N GLU A 91 12.51 1.36 16.21
CA GLU A 91 13.77 1.02 16.91
C GLU A 91 14.42 -0.29 16.38
N GLU A 92 13.90 -0.84 15.28
CA GLU A 92 14.18 -2.21 14.81
C GLU A 92 13.85 -2.32 13.33
N THR A 93 14.45 -3.27 12.62
CA THR A 93 13.92 -3.68 11.31
C THR A 93 12.56 -4.39 11.44
N VAL A 94 11.57 -3.97 10.67
CA VAL A 94 10.21 -4.54 10.65
C VAL A 94 9.61 -4.53 9.24
N HIS A 95 8.96 -5.62 8.85
CA HIS A 95 8.35 -5.83 7.54
C HIS A 95 6.82 -5.71 7.61
N LEU A 96 6.22 -4.98 6.67
CA LEU A 96 4.80 -4.58 6.67
C LEU A 96 4.18 -4.72 5.27
N LYS A 97 2.85 -4.86 5.20
CA LYS A 97 2.07 -5.07 3.96
C LYS A 97 0.78 -4.25 4.01
N ILE A 98 0.40 -3.65 2.88
CA ILE A 98 -0.81 -2.84 2.68
C ILE A 98 -1.50 -3.26 1.37
N PRO A 99 -2.80 -3.63 1.37
CA PRO A 99 -3.57 -3.79 0.16
C PRO A 99 -4.04 -2.44 -0.43
N ILE A 100 -3.95 -2.31 -1.75
CA ILE A 100 -4.38 -1.17 -2.57
C ILE A 100 -5.38 -1.66 -3.64
N ALA A 101 -6.37 -0.82 -3.99
CA ALA A 101 -7.45 -1.19 -4.91
C ALA A 101 -7.72 -0.11 -5.98
N TYR A 102 -8.02 -0.55 -7.19
CA TYR A 102 -8.43 0.25 -8.33
C TYR A 102 -9.83 -0.15 -8.84
N SER A 103 -10.69 0.83 -9.16
CA SER A 103 -12.11 0.58 -9.45
C SER A 103 -12.74 1.60 -10.39
N LEU A 104 -13.67 1.14 -11.23
CA LEU A 104 -14.52 1.94 -12.10
C LEU A 104 -16.01 1.62 -11.91
N LYS A 105 -16.31 0.43 -11.38
CA LYS A 105 -17.66 0.02 -10.97
C LYS A 105 -18.23 0.93 -9.89
N GLU A 106 -19.52 1.25 -10.01
CA GLU A 106 -20.32 2.01 -9.05
C GLU A 106 -21.82 1.69 -9.30
N ASP A 107 -22.13 0.39 -9.45
CA ASP A 107 -23.38 -0.16 -10.00
C ASP A 107 -23.74 0.20 -11.45
N SER A 1 -17.69 -1.46 8.11
CA SER A 1 -17.01 -1.76 9.38
C SER A 1 -16.69 -0.51 10.17
N GLU A 2 -17.13 -0.47 11.43
CA GLU A 2 -16.87 0.60 12.41
C GLU A 2 -15.46 0.52 13.03
N GLY A 3 -15.09 1.55 13.81
CA GLY A 3 -13.85 1.60 14.58
C GLY A 3 -12.63 1.91 13.74
N ALA A 4 -11.45 1.51 14.21
CA ALA A 4 -10.19 1.76 13.51
C ALA A 4 -10.13 1.06 12.13
N THR A 5 -9.53 1.72 11.14
CA THR A 5 -9.17 1.14 9.84
C THR A 5 -8.05 0.09 9.92
N SER A 6 -8.39 -1.20 9.84
CA SER A 6 -7.55 -2.28 10.40
C SER A 6 -7.23 -3.45 9.47
N GLU A 7 -7.78 -3.55 8.25
CA GLU A 7 -7.47 -4.67 7.34
C GLU A 7 -5.97 -4.80 7.06
N ALA A 8 -5.27 -3.67 6.93
CA ALA A 8 -3.83 -3.59 6.71
C ALA A 8 -3.01 -3.92 7.96
N GLN A 9 -3.51 -3.60 9.16
CA GLN A 9 -2.82 -4.01 10.41
C GLN A 9 -3.05 -5.52 10.65
N ALA A 10 -4.20 -6.06 10.26
CA ALA A 10 -4.53 -7.48 10.32
C ALA A 10 -3.67 -8.35 9.37
N TYR A 11 -3.02 -7.76 8.36
CA TYR A 11 -1.89 -8.40 7.63
C TYR A 11 -0.54 -8.47 8.36
N ASN A 12 -0.35 -7.59 9.34
CA ASN A 12 0.88 -7.38 10.11
C ASN A 12 0.64 -7.61 11.62
N PRO A 13 0.23 -8.82 12.05
CA PRO A 13 -0.26 -9.09 13.41
C PRO A 13 0.80 -8.74 14.48
N GLY A 14 0.37 -7.93 15.44
CA GLY A 14 1.21 -7.34 16.49
C GLY A 14 1.58 -5.87 16.27
N VAL A 15 1.30 -5.29 15.09
CA VAL A 15 1.41 -3.84 14.88
C VAL A 15 0.30 -3.01 15.55
N SER A 16 0.68 -1.86 16.08
CA SER A 16 -0.22 -0.85 16.63
C SER A 16 -1.11 -0.28 15.53
N ASN A 17 -2.44 -0.24 15.72
CA ASN A 17 -3.32 0.30 14.68
C ASN A 17 -3.04 1.78 14.46
N GLU A 18 -2.75 2.59 15.48
CA GLU A 18 -2.45 4.02 15.30
C GLU A 18 -1.29 4.26 14.32
N PHE A 19 -0.21 3.51 14.47
CA PHE A 19 1.01 3.58 13.64
C PHE A 19 0.64 3.16 12.20
N LEU A 20 -0.09 2.04 12.04
CA LEU A 20 -0.49 1.52 10.73
C LEU A 20 -1.58 2.38 10.04
N MET A 21 -2.37 3.10 10.84
CA MET A 21 -3.38 4.05 10.35
C MET A 21 -2.70 5.25 9.66
N LYS A 22 -1.48 5.63 10.06
CA LYS A 22 -0.71 6.69 9.39
C LYS A 22 -0.25 6.23 8.00
N ILE A 23 0.23 4.98 7.89
CA ILE A 23 0.71 4.37 6.64
C ILE A 23 -0.35 4.45 5.52
N GLN A 24 -1.60 4.15 5.85
CA GLN A 24 -2.69 4.07 4.87
C GLN A 24 -2.93 5.42 4.17
N THR A 25 -3.09 6.49 4.95
CA THR A 25 -3.23 7.86 4.40
C THR A 25 -1.95 8.40 3.75
N ALA A 26 -0.76 7.94 4.18
CA ALA A 26 0.51 8.31 3.57
C ALA A 26 0.67 7.72 2.15
N ILE A 27 0.25 6.48 1.89
CA ILE A 27 0.24 5.91 0.52
C ILE A 27 -0.90 6.51 -0.30
N SER A 28 -2.08 6.56 0.31
CA SER A 28 -3.29 7.20 -0.26
C SER A 28 -3.04 8.65 -0.71
N SER A 29 -2.01 9.31 -0.17
CA SER A 29 -1.54 10.64 -0.56
C SER A 29 -1.12 10.74 -2.04
N LYS A 30 -0.59 9.65 -2.62
CA LYS A 30 -0.02 9.58 -3.98
C LYS A 30 -0.43 8.32 -4.76
N ASN A 31 -1.28 7.47 -4.17
CA ASN A 31 -2.01 6.37 -4.81
C ASN A 31 -3.01 6.93 -5.84
N ARG A 32 -2.72 6.66 -7.13
CA ARG A 32 -3.38 7.30 -8.27
C ARG A 32 -3.74 6.35 -9.40
N TYR A 33 -4.79 6.68 -10.14
CA TYR A 33 -5.28 5.88 -11.28
C TYR A 33 -4.38 5.93 -12.54
N PRO A 34 -3.83 4.81 -13.04
CA PRO A 34 -3.07 4.77 -14.32
C PRO A 34 -4.00 5.07 -15.49
N LYS A 35 -3.84 6.22 -16.16
CA LYS A 35 -4.78 6.68 -17.20
C LYS A 35 -5.04 5.65 -18.30
N MET A 36 -4.01 4.89 -18.69
CA MET A 36 -4.09 3.81 -19.67
C MET A 36 -5.16 2.75 -19.35
N ALA A 37 -5.36 2.40 -18.08
CA ALA A 37 -6.37 1.44 -17.66
C ALA A 37 -7.79 2.02 -17.76
N GLN A 38 -7.96 3.32 -17.49
CA GLN A 38 -9.28 3.96 -17.39
C GLN A 38 -9.95 4.09 -18.77
N ILE A 39 -9.17 4.12 -19.86
CA ILE A 39 -9.67 4.16 -21.25
C ILE A 39 -10.65 3.01 -21.53
N ARG A 40 -10.34 1.81 -21.02
CA ARG A 40 -11.15 0.58 -21.12
C ARG A 40 -11.91 0.23 -19.83
N GLY A 41 -11.39 0.64 -18.67
CA GLY A 41 -11.93 0.31 -17.34
C GLY A 41 -11.32 -0.93 -16.69
N ILE A 42 -10.01 -1.20 -16.86
CA ILE A 42 -9.30 -2.28 -16.12
C ILE A 42 -9.37 -2.01 -14.60
N GLU A 43 -9.69 -3.05 -13.82
CA GLU A 43 -9.83 -3.00 -12.36
C GLU A 43 -9.28 -4.27 -11.69
N GLY A 44 -8.77 -4.16 -10.47
CA GLY A 44 -8.23 -5.28 -9.69
C GLY A 44 -7.48 -4.85 -8.43
N GLU A 45 -6.79 -5.78 -7.78
CA GLU A 45 -6.21 -5.61 -6.45
C GLU A 45 -4.73 -6.02 -6.43
N VAL A 46 -3.97 -5.26 -5.64
CA VAL A 46 -2.52 -5.36 -5.45
C VAL A 46 -2.12 -5.40 -3.98
N LEU A 47 -1.54 -6.49 -3.49
CA LEU A 47 -1.00 -6.59 -2.13
C LEU A 47 0.51 -6.27 -2.13
N VAL A 48 0.83 -5.00 -1.89
CA VAL A 48 2.22 -4.49 -1.84
C VAL A 48 2.77 -4.65 -0.42
N SER A 49 4.07 -4.91 -0.33
CA SER A 49 4.82 -4.91 0.92
C SER A 49 6.16 -4.18 0.85
N PHE A 50 6.75 -3.97 2.02
CA PHE A 50 8.02 -3.29 2.26
C PHE A 50 8.68 -3.69 3.59
N THR A 51 9.90 -3.23 3.85
CA THR A 51 10.56 -3.32 5.16
C THR A 51 10.94 -1.91 5.62
N ILE A 52 10.66 -1.61 6.87
CA ILE A 52 11.19 -0.44 7.59
C ILE A 52 12.28 -0.93 8.55
N ASN A 53 13.55 -0.62 8.30
CA ASN A 53 14.66 -0.84 9.23
C ASN A 53 14.58 0.07 10.48
N ALA A 54 15.30 -0.28 11.55
CA ALA A 54 15.38 0.53 12.78
C ALA A 54 16.05 1.90 12.55
N ASP A 55 16.75 2.08 11.43
CA ASP A 55 17.16 3.39 10.91
C ASP A 55 15.99 4.34 10.55
N GLY A 56 14.75 3.87 10.58
CA GLY A 56 13.56 4.64 10.25
C GLY A 56 13.34 4.92 8.75
N SER A 57 14.22 4.43 7.88
CA SER A 57 14.10 4.54 6.43
C SER A 57 13.35 3.33 5.84
N VAL A 58 12.78 3.45 4.64
CA VAL A 58 11.98 2.39 4.01
C VAL A 58 12.70 1.77 2.80
N THR A 59 12.56 0.46 2.65
CA THR A 59 13.30 -0.39 1.72
C THR A 59 12.54 -1.69 1.39
N ASP A 60 13.11 -2.57 0.56
CA ASP A 60 12.58 -3.88 0.16
C ASP A 60 11.16 -3.78 -0.45
N ILE A 61 10.85 -2.67 -1.12
CA ILE A 61 9.52 -2.37 -1.66
C ILE A 61 9.18 -3.30 -2.84
N LYS A 62 8.04 -3.99 -2.78
CA LYS A 62 7.64 -5.08 -3.71
C LYS A 62 6.13 -5.27 -3.79
N VAL A 63 5.64 -5.86 -4.88
CA VAL A 63 4.36 -6.58 -4.89
C VAL A 63 4.61 -8.02 -4.44
N VAL A 64 3.83 -8.49 -3.45
CA VAL A 64 3.87 -9.89 -3.00
C VAL A 64 2.75 -10.70 -3.64
N LYS A 65 1.52 -10.22 -3.48
CA LYS A 65 0.30 -10.87 -3.98
C LYS A 65 -0.48 -9.92 -4.89
N SER A 66 -1.19 -10.45 -5.87
CA SER A 66 -2.00 -9.66 -6.80
C SER A 66 -3.14 -10.50 -7.40
N ASN A 67 -4.07 -9.81 -8.05
CA ASN A 67 -4.95 -10.43 -9.06
C ASN A 67 -4.78 -9.82 -10.46
N THR A 68 -4.17 -8.64 -10.54
CA THR A 68 -4.32 -7.68 -11.64
C THR A 68 -3.12 -7.55 -12.60
N THR A 69 -3.26 -6.73 -13.65
CA THR A 69 -2.19 -6.49 -14.62
C THR A 69 -0.93 -5.84 -14.06
N ASP A 70 0.25 -6.17 -14.60
CA ASP A 70 1.51 -5.57 -14.15
C ASP A 70 1.63 -4.04 -14.23
N ILE A 71 0.82 -3.36 -15.05
CA ILE A 71 0.73 -1.89 -15.04
C ILE A 71 -0.03 -1.39 -13.79
N LEU A 72 -1.18 -2.01 -13.45
CA LEU A 72 -1.90 -1.69 -12.23
C LEU A 72 -1.09 -2.07 -10.97
N ASN A 73 -0.37 -3.21 -11.01
CA ASN A 73 0.58 -3.59 -9.96
C ASN A 73 1.69 -2.55 -9.75
N HIS A 74 2.16 -1.92 -10.83
CA HIS A 74 3.18 -0.86 -10.78
C HIS A 74 2.62 0.45 -10.26
N ALA A 75 1.38 0.78 -10.64
CA ALA A 75 0.70 1.98 -10.17
C ALA A 75 0.49 1.94 -8.65
N ALA A 76 0.17 0.77 -8.10
CA ALA A 76 0.11 0.55 -6.65
C ALA A 76 1.50 0.68 -5.99
N LEU A 77 2.53 0.03 -6.55
CA LEU A 77 3.88 0.06 -5.98
C LEU A 77 4.54 1.45 -6.04
N GLU A 78 4.33 2.23 -7.10
CA GLU A 78 4.82 3.61 -7.20
C GLU A 78 4.26 4.53 -6.09
N ALA A 79 3.07 4.24 -5.53
CA ALA A 79 2.57 4.95 -4.36
C ALA A 79 3.41 4.62 -3.12
N ILE A 80 3.85 3.37 -2.95
CA ILE A 80 4.80 2.97 -1.90
C ILE A 80 6.17 3.64 -2.12
N LYS A 81 6.73 3.63 -3.35
CA LYS A 81 7.98 4.33 -3.68
C LYS A 81 8.01 5.81 -3.28
N SER A 82 6.88 6.49 -3.40
CA SER A 82 6.73 7.89 -2.98
C SER A 82 6.48 8.03 -1.47
N ALA A 83 5.55 7.25 -0.92
CA ALA A 83 5.16 7.29 0.49
C ALA A 83 6.25 6.78 1.46
N ALA A 84 7.21 6.01 0.96
CA ALA A 84 8.40 5.55 1.70
C ALA A 84 9.15 6.70 2.39
N HIS A 85 9.19 7.87 1.77
CA HIS A 85 9.79 9.10 2.33
C HIS A 85 8.97 9.76 3.45
N LEU A 86 7.74 9.29 3.73
CA LEU A 86 6.78 9.86 4.68
C LEU A 86 6.54 8.99 5.94
N PHE A 87 6.91 7.71 5.93
CA PHE A 87 6.54 6.76 7.00
C PHE A 87 7.20 7.02 8.39
N PRO A 88 6.49 6.73 9.51
CA PRO A 88 7.02 6.86 10.88
C PRO A 88 8.17 5.87 11.15
N LYS A 89 9.08 6.25 12.06
CA LYS A 89 10.29 5.49 12.41
C LYS A 89 10.03 4.51 13.57
N PRO A 90 10.17 3.19 13.36
CA PRO A 90 10.13 2.16 14.40
C PRO A 90 11.46 2.05 15.17
N GLU A 91 11.45 1.28 16.26
CA GLU A 91 12.60 0.98 17.14
C GLU A 91 13.47 -0.20 16.62
N GLU A 92 13.08 -0.83 15.51
CA GLU A 92 13.47 -2.20 15.10
C GLU A 92 13.21 -2.36 13.60
N THR A 93 13.85 -3.34 12.94
CA THR A 93 13.43 -3.76 11.60
C THR A 93 12.07 -4.45 11.57
N VAL A 94 11.13 -3.98 10.76
CA VAL A 94 9.76 -4.52 10.63
C VAL A 94 9.28 -4.56 9.16
N HIS A 95 8.80 -5.72 8.72
CA HIS A 95 8.14 -5.87 7.41
C HIS A 95 6.63 -5.59 7.50
N LEU A 96 6.10 -4.74 6.61
CA LEU A 96 4.66 -4.44 6.52
C LEU A 96 4.12 -4.76 5.13
N LYS A 97 2.88 -5.23 5.07
CA LYS A 97 2.08 -5.44 3.84
C LYS A 97 0.84 -4.55 3.93
N ILE A 98 0.51 -3.84 2.86
CA ILE A 98 -0.66 -2.96 2.74
C ILE A 98 -1.40 -3.30 1.42
N PRO A 99 -2.69 -3.66 1.44
CA PRO A 99 -3.48 -3.90 0.24
C PRO A 99 -3.93 -2.58 -0.44
N ILE A 100 -3.72 -2.50 -1.76
CA ILE A 100 -4.18 -1.45 -2.67
C ILE A 100 -5.26 -2.02 -3.63
N ALA A 101 -6.18 -1.18 -4.11
CA ALA A 101 -7.23 -1.57 -5.05
C ALA A 101 -7.51 -0.48 -6.09
N TYR A 102 -7.84 -0.94 -7.30
CA TYR A 102 -8.32 -0.12 -8.40
C TYR A 102 -9.72 -0.52 -8.89
N SER A 103 -10.67 0.41 -8.84
CA SER A 103 -12.04 0.26 -9.34
C SER A 103 -12.59 1.63 -9.75
N LEU A 104 -13.30 1.72 -10.87
CA LEU A 104 -14.11 2.88 -11.22
C LEU A 104 -15.49 2.81 -10.55
N LYS A 105 -16.10 1.61 -10.57
CA LYS A 105 -17.42 1.31 -9.96
C LYS A 105 -17.33 1.30 -8.42
N GLU A 106 -18.47 1.56 -7.79
CA GLU A 106 -18.61 1.74 -6.34
C GLU A 106 -19.97 1.18 -5.87
N ASP A 107 -20.01 -0.13 -5.60
CA ASP A 107 -21.18 -0.91 -5.18
C ASP A 107 -21.09 -1.40 -3.71
N SER A 1 -16.30 8.20 0.99
CA SER A 1 -14.95 7.65 1.15
C SER A 1 -14.54 7.80 2.60
N GLU A 2 -14.15 6.72 3.28
CA GLU A 2 -14.00 6.74 4.76
C GLU A 2 -13.11 5.65 5.36
N GLY A 3 -12.54 5.94 6.54
CA GLY A 3 -11.90 4.96 7.43
C GLY A 3 -10.57 4.39 6.94
N ALA A 4 -10.23 3.19 7.44
CA ALA A 4 -9.01 2.45 7.13
C ALA A 4 -9.17 0.97 7.50
N THR A 5 -8.80 0.04 6.61
CA THR A 5 -8.96 -1.41 6.84
C THR A 5 -8.09 -2.01 7.94
N SER A 6 -8.71 -2.62 8.94
CA SER A 6 -8.00 -3.42 9.96
C SER A 6 -7.36 -4.69 9.41
N GLU A 7 -7.75 -5.12 8.22
CA GLU A 7 -7.07 -6.23 7.52
C GLU A 7 -5.58 -5.93 7.27
N ALA A 8 -5.21 -4.64 7.12
CA ALA A 8 -3.84 -4.20 6.90
C ALA A 8 -2.96 -4.36 8.16
N GLN A 9 -3.51 -4.15 9.36
CA GLN A 9 -2.79 -4.44 10.60
C GLN A 9 -2.76 -5.96 10.85
N ALA A 10 -3.82 -6.69 10.48
CA ALA A 10 -3.89 -8.15 10.60
C ALA A 10 -2.96 -8.92 9.63
N TYR A 11 -2.41 -8.25 8.61
CA TYR A 11 -1.21 -8.71 7.88
C TYR A 11 0.12 -8.71 8.66
N ASN A 12 0.21 -7.83 9.63
CA ASN A 12 1.45 -7.42 10.31
C ASN A 12 1.38 -7.64 11.84
N PRO A 13 1.01 -8.84 12.31
CA PRO A 13 0.63 -9.10 13.70
C PRO A 13 1.73 -8.67 14.68
N GLY A 14 1.32 -7.88 15.66
CA GLY A 14 2.17 -7.13 16.59
C GLY A 14 2.27 -5.63 16.28
N VAL A 15 1.81 -5.16 15.11
CA VAL A 15 1.75 -3.72 14.81
C VAL A 15 0.65 -2.97 15.55
N SER A 16 0.93 -1.74 15.97
CA SER A 16 -0.08 -0.84 16.54
C SER A 16 -1.03 -0.31 15.45
N ASN A 17 -2.33 -0.31 15.70
CA ASN A 17 -3.35 0.18 14.76
C ASN A 17 -3.09 1.61 14.29
N GLU A 18 -2.80 2.52 15.21
CA GLU A 18 -2.63 3.96 14.95
C GLU A 18 -1.41 4.25 14.07
N PHE A 19 -0.32 3.51 14.30
CA PHE A 19 0.90 3.53 13.49
C PHE A 19 0.59 3.02 12.08
N LEU A 20 -0.11 1.89 11.94
CA LEU A 20 -0.50 1.34 10.65
C LEU A 20 -1.50 2.25 9.92
N MET A 21 -2.40 2.90 10.66
CA MET A 21 -3.39 3.84 10.13
C MET A 21 -2.68 4.99 9.41
N LYS A 22 -1.56 5.48 9.97
CA LYS A 22 -0.73 6.53 9.39
C LYS A 22 -0.20 6.15 8.00
N ILE A 23 0.18 4.88 7.84
CA ILE A 23 0.65 4.31 6.57
C ILE A 23 -0.46 4.36 5.52
N GLN A 24 -1.68 3.94 5.88
CA GLN A 24 -2.81 3.80 4.93
C GLN A 24 -3.13 5.16 4.28
N THR A 25 -3.25 6.23 5.08
CA THR A 25 -3.49 7.59 4.57
C THR A 25 -2.29 8.13 3.79
N ALA A 26 -1.05 7.84 4.19
CA ALA A 26 0.16 8.35 3.54
C ALA A 26 0.33 7.82 2.11
N ILE A 27 0.08 6.52 1.87
CA ILE A 27 0.09 5.95 0.52
C ILE A 27 -1.07 6.52 -0.30
N SER A 28 -2.28 6.44 0.25
CA SER A 28 -3.51 6.91 -0.40
C SER A 28 -3.41 8.38 -0.86
N SER A 29 -2.61 9.17 -0.15
CA SER A 29 -2.36 10.60 -0.44
C SER A 29 -1.45 10.83 -1.66
N LYS A 30 -0.57 9.86 -1.96
CA LYS A 30 0.38 9.89 -3.09
C LYS A 30 0.02 8.90 -4.21
N ASN A 31 -0.98 8.04 -3.98
CA ASN A 31 -1.54 7.06 -4.93
C ASN A 31 -2.32 7.74 -6.07
N ARG A 32 -2.07 7.32 -7.31
CA ARG A 32 -2.77 7.78 -8.52
C ARG A 32 -3.04 6.70 -9.58
N TYR A 33 -4.14 6.89 -10.29
CA TYR A 33 -4.62 6.02 -11.37
C TYR A 33 -3.85 6.13 -12.72
N PRO A 34 -3.39 5.02 -13.34
CA PRO A 34 -2.71 5.04 -14.64
C PRO A 34 -3.71 5.24 -15.80
N LYS A 35 -3.68 6.38 -16.51
CA LYS A 35 -4.66 6.69 -17.59
C LYS A 35 -4.86 5.55 -18.59
N MET A 36 -3.76 4.93 -19.03
CA MET A 36 -3.77 3.80 -19.96
C MET A 36 -4.71 2.64 -19.57
N ALA A 37 -4.87 2.29 -18.29
CA ALA A 37 -5.80 1.24 -17.88
C ALA A 37 -7.27 1.68 -17.95
N GLN A 38 -7.57 2.97 -17.77
CA GLN A 38 -8.94 3.47 -17.68
C GLN A 38 -9.66 3.40 -19.04
N ILE A 39 -8.91 3.46 -20.15
CA ILE A 39 -9.41 3.41 -21.53
C ILE A 39 -10.24 2.13 -21.79
N ARG A 40 -9.73 0.98 -21.33
CA ARG A 40 -10.42 -0.32 -21.30
C ARG A 40 -11.19 -0.57 -20.00
N GLY A 41 -10.79 0.10 -18.92
CA GLY A 41 -11.39 -0.03 -17.59
C GLY A 41 -10.94 -1.31 -16.88
N ILE A 42 -9.63 -1.60 -16.89
CA ILE A 42 -9.05 -2.61 -15.98
C ILE A 42 -9.28 -2.15 -14.53
N GLU A 43 -9.69 -3.05 -13.65
CA GLU A 43 -10.04 -2.73 -12.25
C GLU A 43 -9.90 -3.96 -11.33
N GLY A 44 -9.34 -3.78 -10.14
CA GLY A 44 -9.01 -4.90 -9.27
C GLY A 44 -8.23 -4.48 -8.04
N GLU A 45 -7.42 -5.40 -7.51
CA GLU A 45 -6.72 -5.24 -6.24
C GLU A 45 -5.27 -5.73 -6.31
N VAL A 46 -4.44 -5.14 -5.46
CA VAL A 46 -3.00 -5.39 -5.27
C VAL A 46 -2.64 -5.63 -3.80
N LEU A 47 -1.60 -6.41 -3.48
CA LEU A 47 -1.02 -6.51 -2.13
C LEU A 47 0.49 -6.22 -2.16
N VAL A 48 0.84 -4.98 -1.80
CA VAL A 48 2.23 -4.50 -1.77
C VAL A 48 2.80 -4.66 -0.36
N SER A 49 4.09 -5.00 -0.28
CA SER A 49 4.86 -5.03 0.97
C SER A 49 6.18 -4.26 0.90
N PHE A 50 6.71 -3.99 2.08
CA PHE A 50 7.97 -3.30 2.34
C PHE A 50 8.60 -3.66 3.69
N THR A 51 9.85 -3.26 3.92
CA THR A 51 10.52 -3.33 5.22
C THR A 51 10.97 -1.97 5.73
N ILE A 52 10.56 -1.60 6.95
CA ILE A 52 11.08 -0.42 7.66
C ILE A 52 12.15 -0.89 8.64
N ASN A 53 13.44 -0.70 8.34
CA ASN A 53 14.55 -0.98 9.24
C ASN A 53 14.59 -0.05 10.47
N ALA A 54 15.32 -0.47 11.51
CA ALA A 54 15.47 0.27 12.76
C ALA A 54 16.20 1.62 12.61
N ASP A 55 16.81 1.87 11.44
CA ASP A 55 17.39 3.19 11.10
C ASP A 55 16.32 4.26 10.74
N GLY A 56 15.05 3.85 10.54
CA GLY A 56 13.96 4.75 10.15
C GLY A 56 13.78 5.02 8.65
N SER A 57 14.51 4.34 7.77
CA SER A 57 14.32 4.36 6.32
C SER A 57 13.36 3.24 5.89
N VAL A 58 12.73 3.35 4.71
CA VAL A 58 11.91 2.30 4.12
C VAL A 58 12.63 1.69 2.92
N THR A 59 12.58 0.36 2.78
CA THR A 59 13.30 -0.39 1.75
C THR A 59 12.56 -1.70 1.43
N ASP A 60 13.10 -2.54 0.55
CA ASP A 60 12.48 -3.82 0.22
C ASP A 60 11.07 -3.76 -0.42
N ILE A 61 10.77 -2.67 -1.13
CA ILE A 61 9.42 -2.36 -1.63
C ILE A 61 9.07 -3.25 -2.85
N LYS A 62 8.00 -4.05 -2.73
CA LYS A 62 7.62 -5.10 -3.69
C LYS A 62 6.11 -5.37 -3.75
N VAL A 63 5.63 -6.01 -4.81
CA VAL A 63 4.29 -6.63 -4.87
C VAL A 63 4.39 -8.09 -4.45
N VAL A 64 3.77 -8.45 -3.32
CA VAL A 64 3.75 -9.85 -2.82
C VAL A 64 2.68 -10.67 -3.52
N LYS A 65 1.44 -10.15 -3.52
CA LYS A 65 0.33 -10.74 -4.29
C LYS A 65 -0.40 -9.71 -5.14
N SER A 66 -1.11 -10.18 -6.15
CA SER A 66 -1.95 -9.38 -7.04
C SER A 66 -3.24 -10.10 -7.42
N ASN A 67 -4.28 -9.32 -7.63
CA ASN A 67 -5.60 -9.69 -8.15
C ASN A 67 -5.95 -8.87 -9.43
N THR A 68 -4.95 -8.18 -9.98
CA THR A 68 -5.01 -7.32 -11.17
C THR A 68 -3.74 -7.36 -12.03
N THR A 69 -3.78 -6.68 -13.17
CA THR A 69 -2.72 -6.66 -14.19
C THR A 69 -1.48 -5.83 -13.82
N ASP A 70 -0.34 -6.12 -14.45
CA ASP A 70 0.96 -5.60 -14.02
C ASP A 70 1.12 -4.08 -14.09
N ILE A 71 0.35 -3.41 -14.95
CA ILE A 71 0.26 -1.94 -15.05
C ILE A 71 -0.35 -1.35 -13.77
N LEU A 72 -1.47 -1.91 -13.28
CA LEU A 72 -2.11 -1.47 -12.04
C LEU A 72 -1.31 -1.89 -10.81
N ASN A 73 -0.70 -3.08 -10.83
CA ASN A 73 0.23 -3.51 -9.77
C ASN A 73 1.40 -2.52 -9.58
N HIS A 74 1.90 -1.94 -10.68
CA HIS A 74 2.95 -0.93 -10.65
C HIS A 74 2.47 0.40 -10.08
N ALA A 75 1.24 0.80 -10.40
CA ALA A 75 0.67 2.05 -9.89
C ALA A 75 0.49 2.00 -8.36
N ALA A 76 0.09 0.84 -7.83
CA ALA A 76 -0.02 0.62 -6.39
C ALA A 76 1.36 0.69 -5.71
N LEU A 77 2.39 0.05 -6.31
CA LEU A 77 3.75 0.07 -5.79
C LEU A 77 4.41 1.45 -5.87
N GLU A 78 4.20 2.21 -6.95
CA GLU A 78 4.72 3.58 -7.08
C GLU A 78 4.22 4.53 -5.97
N ALA A 79 3.04 4.28 -5.40
CA ALA A 79 2.56 5.03 -4.24
C ALA A 79 3.36 4.67 -2.97
N ILE A 80 3.78 3.41 -2.81
CA ILE A 80 4.72 3.00 -1.74
C ILE A 80 6.09 3.68 -1.96
N LYS A 81 6.64 3.68 -3.17
CA LYS A 81 7.90 4.38 -3.51
C LYS A 81 7.91 5.86 -3.08
N SER A 82 6.80 6.56 -3.27
CA SER A 82 6.60 7.96 -2.85
C SER A 82 6.38 8.11 -1.35
N ALA A 83 5.46 7.32 -0.79
CA ALA A 83 5.07 7.39 0.61
C ALA A 83 6.15 6.85 1.58
N ALA A 84 7.12 6.07 1.09
CA ALA A 84 8.27 5.58 1.85
C ALA A 84 8.98 6.72 2.62
N HIS A 85 9.22 7.85 1.96
CA HIS A 85 9.82 9.05 2.54
C HIS A 85 9.01 9.68 3.69
N LEU A 86 7.70 9.41 3.75
CA LEU A 86 6.75 9.96 4.72
C LEU A 86 6.59 9.08 5.97
N PHE A 87 6.86 7.77 5.88
CA PHE A 87 6.53 6.81 6.95
C PHE A 87 7.26 7.06 8.29
N PRO A 88 6.61 6.81 9.45
CA PRO A 88 7.21 6.99 10.78
C PRO A 88 8.40 6.05 11.03
N LYS A 89 9.29 6.45 11.95
CA LYS A 89 10.64 5.90 12.08
C LYS A 89 10.82 5.03 13.34
N PRO A 90 10.82 3.68 13.23
CA PRO A 90 10.93 2.74 14.36
C PRO A 90 12.36 2.56 14.92
N GLU A 91 12.49 1.74 15.95
CA GLU A 91 13.77 1.25 16.54
C GLU A 91 13.86 -0.28 16.45
N GLU A 92 13.16 -0.84 15.47
CA GLU A 92 13.01 -2.27 15.16
C GLU A 92 12.86 -2.40 13.65
N THR A 93 13.42 -3.45 13.06
CA THR A 93 13.16 -3.80 11.67
C THR A 93 11.78 -4.45 11.57
N VAL A 94 10.86 -3.87 10.81
CA VAL A 94 9.47 -4.32 10.72
C VAL A 94 8.99 -4.40 9.26
N HIS A 95 8.53 -5.58 8.85
CA HIS A 95 7.95 -5.80 7.52
C HIS A 95 6.44 -5.59 7.54
N LEU A 96 5.94 -4.71 6.67
CA LEU A 96 4.53 -4.37 6.53
C LEU A 96 4.00 -4.75 5.14
N LYS A 97 2.73 -5.17 5.09
CA LYS A 97 1.97 -5.43 3.87
C LYS A 97 0.69 -4.58 3.92
N ILE A 98 0.37 -3.89 2.83
CA ILE A 98 -0.81 -3.04 2.64
C ILE A 98 -1.50 -3.42 1.32
N PRO A 99 -2.81 -3.75 1.32
CA PRO A 99 -3.59 -3.91 0.09
C PRO A 99 -4.02 -2.54 -0.48
N ILE A 100 -3.94 -2.41 -1.80
CA ILE A 100 -4.37 -1.24 -2.60
C ILE A 100 -5.39 -1.68 -3.66
N ALA A 101 -6.37 -0.82 -3.99
CA ALA A 101 -7.47 -1.16 -4.88
C ALA A 101 -7.76 -0.06 -5.93
N TYR A 102 -8.12 -0.49 -7.15
CA TYR A 102 -8.40 0.36 -8.30
C TYR A 102 -9.78 0.10 -8.94
N SER A 103 -10.65 1.11 -8.96
CA SER A 103 -12.03 1.02 -9.47
C SER A 103 -12.55 2.35 -10.02
N LEU A 104 -13.47 2.28 -10.98
CA LEU A 104 -14.16 3.41 -11.61
C LEU A 104 -15.67 3.43 -11.28
N LYS A 105 -16.32 2.25 -11.22
CA LYS A 105 -17.72 2.09 -10.78
C LYS A 105 -17.83 1.91 -9.26
N GLU A 106 -19.04 2.11 -8.73
CA GLU A 106 -19.37 1.99 -7.31
C GLU A 106 -20.57 1.03 -7.09
N ASP A 107 -20.72 0.04 -7.97
CA ASP A 107 -21.78 -0.98 -7.97
C ASP A 107 -21.73 -2.00 -6.82
N SER A 1 -9.17 0.65 -0.27
CA SER A 1 -10.40 0.14 0.38
C SER A 1 -11.26 1.30 0.83
N GLU A 2 -12.58 1.09 0.95
CA GLU A 2 -13.49 1.95 1.73
C GLU A 2 -13.97 1.29 3.03
N GLY A 3 -13.51 0.07 3.31
CA GLY A 3 -13.71 -0.64 4.57
C GLY A 3 -12.85 -0.13 5.73
N ALA A 4 -13.10 -0.71 6.90
CA ALA A 4 -12.56 -0.26 8.19
C ALA A 4 -11.01 -0.22 8.24
N THR A 5 -10.45 0.77 8.95
CA THR A 5 -9.01 1.10 9.04
C THR A 5 -8.05 0.06 9.67
N SER A 6 -8.57 -1.13 9.95
CA SER A 6 -7.86 -2.32 10.44
C SER A 6 -7.63 -3.42 9.39
N GLU A 7 -8.30 -3.39 8.25
CA GLU A 7 -8.20 -4.43 7.21
C GLU A 7 -6.75 -4.65 6.72
N ALA A 8 -5.93 -3.59 6.70
CA ALA A 8 -4.49 -3.66 6.46
C ALA A 8 -3.67 -4.14 7.67
N GLN A 9 -4.06 -3.77 8.91
CA GLN A 9 -3.32 -4.23 10.10
C GLN A 9 -3.50 -5.75 10.27
N ALA A 10 -4.63 -6.30 9.82
CA ALA A 10 -4.93 -7.73 9.78
C ALA A 10 -3.93 -8.55 8.94
N TYR A 11 -3.28 -7.93 7.93
CA TYR A 11 -2.14 -8.51 7.21
C TYR A 11 -0.84 -8.66 7.99
N ASN A 12 -0.75 -7.98 9.12
CA ASN A 12 0.45 -7.83 9.94
C ASN A 12 0.14 -8.05 11.45
N PRO A 13 -0.23 -9.27 11.87
CA PRO A 13 -0.61 -9.57 13.26
C PRO A 13 0.43 -9.08 14.28
N GLY A 14 -0.03 -8.39 15.31
CA GLY A 14 0.79 -7.69 16.30
C GLY A 14 1.09 -6.20 16.00
N VAL A 15 0.85 -5.71 14.77
CA VAL A 15 1.01 -4.27 14.46
C VAL A 15 -0.03 -3.38 15.15
N SER A 16 0.45 -2.26 15.69
CA SER A 16 -0.37 -1.21 16.31
C SER A 16 -1.23 -0.51 15.26
N ASN A 17 -2.55 -0.40 15.47
CA ASN A 17 -3.39 0.31 14.50
C ASN A 17 -3.03 1.80 14.45
N GLU A 18 -2.62 2.43 15.55
CA GLU A 18 -2.15 3.83 15.59
C GLU A 18 -0.97 4.08 14.64
N PHE A 19 -0.06 3.11 14.49
CA PHE A 19 1.06 3.16 13.55
C PHE A 19 0.54 2.88 12.12
N LEU A 20 -0.21 1.78 11.94
CA LEU A 20 -0.66 1.29 10.63
C LEU A 20 -1.68 2.23 9.95
N MET A 21 -2.42 2.97 10.75
CA MET A 21 -3.34 4.04 10.33
C MET A 21 -2.59 5.17 9.58
N LYS A 22 -1.37 5.49 10.02
CA LYS A 22 -0.53 6.56 9.41
C LYS A 22 0.00 6.13 8.05
N ILE A 23 0.34 4.86 7.92
CA ILE A 23 0.80 4.26 6.66
C ILE A 23 -0.26 4.40 5.56
N GLN A 24 -1.52 4.06 5.89
CA GLN A 24 -2.63 4.09 4.93
C GLN A 24 -2.87 5.49 4.31
N THR A 25 -2.94 6.53 5.14
CA THR A 25 -3.08 7.93 4.66
C THR A 25 -1.85 8.37 3.87
N ALA A 26 -0.63 7.98 4.27
CA ALA A 26 0.59 8.38 3.57
C ALA A 26 0.67 7.80 2.14
N ILE A 27 0.28 6.53 1.94
CA ILE A 27 0.22 5.93 0.60
C ILE A 27 -0.95 6.51 -0.19
N SER A 28 -2.14 6.51 0.40
CA SER A 28 -3.37 7.05 -0.20
C SER A 28 -3.21 8.51 -0.67
N SER A 29 -2.29 9.26 -0.06
CA SER A 29 -1.90 10.62 -0.41
C SER A 29 -1.11 10.70 -1.74
N LYS A 30 -0.25 9.71 -2.02
CA LYS A 30 0.53 9.57 -3.28
C LYS A 30 -0.06 8.57 -4.28
N ASN A 31 -1.13 7.87 -3.91
CA ASN A 31 -1.81 6.90 -4.78
C ASN A 31 -2.59 7.60 -5.90
N ARG A 32 -2.45 7.06 -7.11
CA ARG A 32 -2.95 7.63 -8.37
C ARG A 32 -3.17 6.52 -9.40
N TYR A 33 -4.27 6.58 -10.16
CA TYR A 33 -4.55 5.65 -11.24
C TYR A 33 -3.67 5.79 -12.49
N PRO A 34 -3.27 4.69 -13.18
CA PRO A 34 -2.66 4.75 -14.51
C PRO A 34 -3.73 5.03 -15.56
N LYS A 35 -3.79 6.21 -16.20
CA LYS A 35 -4.93 6.60 -17.06
C LYS A 35 -5.24 5.58 -18.16
N MET A 36 -4.20 5.00 -18.77
CA MET A 36 -4.27 3.93 -19.77
C MET A 36 -5.24 2.78 -19.39
N ALA A 37 -5.33 2.40 -18.11
CA ALA A 37 -6.25 1.36 -17.65
C ALA A 37 -7.73 1.77 -17.75
N GLN A 38 -8.07 3.05 -17.52
CA GLN A 38 -9.46 3.52 -17.57
C GLN A 38 -10.05 3.57 -18.99
N ILE A 39 -9.21 3.65 -20.03
CA ILE A 39 -9.62 3.61 -21.45
C ILE A 39 -10.46 2.36 -21.76
N ARG A 40 -10.10 1.22 -21.17
CA ARG A 40 -10.87 -0.03 -21.19
C ARG A 40 -11.70 -0.28 -19.93
N GLY A 41 -11.21 0.15 -18.77
CA GLY A 41 -11.83 -0.07 -17.46
C GLY A 41 -11.21 -1.20 -16.64
N ILE A 42 -9.89 -1.46 -16.75
CA ILE A 42 -9.19 -2.48 -15.94
C ILE A 42 -9.33 -2.16 -14.44
N GLU A 43 -9.60 -3.17 -13.61
CA GLU A 43 -9.74 -3.03 -12.15
C GLU A 43 -9.39 -4.31 -11.38
N GLY A 44 -8.96 -4.18 -10.12
CA GLY A 44 -8.65 -5.32 -9.25
C GLY A 44 -7.99 -4.89 -7.94
N GLU A 45 -7.10 -5.73 -7.39
CA GLU A 45 -6.41 -5.50 -6.11
C GLU A 45 -4.91 -5.83 -6.19
N VAL A 46 -4.10 -5.11 -5.42
CA VAL A 46 -2.64 -5.25 -5.29
C VAL A 46 -2.17 -5.32 -3.83
N LEU A 47 -1.54 -6.41 -3.41
CA LEU A 47 -0.99 -6.55 -2.05
C LEU A 47 0.53 -6.30 -2.06
N VAL A 48 0.88 -5.06 -1.72
CA VAL A 48 2.27 -4.54 -1.74
C VAL A 48 2.86 -4.65 -0.33
N SER A 49 4.17 -4.89 -0.26
CA SER A 49 4.95 -4.96 0.98
C SER A 49 6.22 -4.12 0.96
N PHE A 50 6.80 -3.95 2.15
CA PHE A 50 8.06 -3.26 2.40
C PHE A 50 8.76 -3.74 3.69
N THR A 51 10.00 -3.26 3.92
CA THR A 51 10.70 -3.35 5.21
C THR A 51 11.12 -1.95 5.67
N ILE A 52 10.95 -1.65 6.96
CA ILE A 52 11.52 -0.47 7.61
C ILE A 52 12.60 -0.94 8.60
N ASN A 53 13.87 -0.63 8.34
CA ASN A 53 14.98 -0.85 9.28
C ASN A 53 14.91 0.04 10.53
N ALA A 54 15.67 -0.31 11.57
CA ALA A 54 15.81 0.47 12.81
C ALA A 54 16.37 1.89 12.59
N ASP A 55 17.00 2.13 11.44
CA ASP A 55 17.47 3.42 10.95
C ASP A 55 16.40 4.34 10.34
N GLY A 56 15.13 3.91 10.38
CA GLY A 56 13.96 4.74 10.02
C GLY A 56 13.76 5.01 8.52
N SER A 57 14.53 4.36 7.66
CA SER A 57 14.44 4.46 6.19
C SER A 57 13.76 3.21 5.59
N VAL A 58 12.80 3.39 4.69
CA VAL A 58 12.04 2.28 4.08
C VAL A 58 12.77 1.68 2.87
N THR A 59 12.75 0.35 2.74
CA THR A 59 13.52 -0.43 1.77
C THR A 59 12.72 -1.71 1.45
N ASP A 60 13.23 -2.52 0.52
CA ASP A 60 12.65 -3.80 0.09
C ASP A 60 11.18 -3.67 -0.41
N ILE A 61 10.83 -2.55 -1.03
CA ILE A 61 9.47 -2.26 -1.50
C ILE A 61 9.16 -3.13 -2.73
N LYS A 62 8.10 -3.93 -2.67
CA LYS A 62 7.77 -4.96 -3.68
C LYS A 62 6.27 -5.33 -3.69
N VAL A 63 5.81 -5.93 -4.79
CA VAL A 63 4.50 -6.62 -4.81
C VAL A 63 4.70 -8.06 -4.36
N VAL A 64 3.92 -8.51 -3.37
CA VAL A 64 3.96 -9.91 -2.88
C VAL A 64 2.85 -10.74 -3.50
N LYS A 65 1.64 -10.17 -3.52
CA LYS A 65 0.49 -10.82 -4.18
C LYS A 65 -0.29 -9.85 -5.07
N SER A 66 -0.39 -10.16 -6.35
CA SER A 66 -1.29 -9.46 -7.27
C SER A 66 -2.63 -10.17 -7.45
N ASN A 67 -3.67 -9.37 -7.69
CA ASN A 67 -5.02 -9.77 -8.11
C ASN A 67 -5.50 -8.82 -9.24
N THR A 68 -4.54 -8.31 -10.01
CA THR A 68 -4.71 -7.45 -11.19
C THR A 68 -3.48 -7.47 -12.11
N THR A 69 -3.55 -6.77 -13.24
CA THR A 69 -2.48 -6.67 -14.25
C THR A 69 -1.23 -5.86 -13.84
N ASP A 70 -0.10 -6.16 -14.47
CA ASP A 70 1.22 -5.58 -14.18
C ASP A 70 1.26 -4.04 -14.11
N ILE A 71 0.56 -3.36 -15.03
CA ILE A 71 0.45 -1.89 -15.07
C ILE A 71 -0.23 -1.30 -13.81
N LEU A 72 -1.28 -1.94 -13.31
CA LEU A 72 -1.98 -1.52 -12.08
C LEU A 72 -1.17 -1.91 -10.84
N ASN A 73 -0.52 -3.08 -10.83
CA ASN A 73 0.38 -3.48 -9.75
C ASN A 73 1.53 -2.47 -9.54
N HIS A 74 2.02 -1.89 -10.63
CA HIS A 74 3.06 -0.86 -10.61
C HIS A 74 2.54 0.50 -10.15
N ALA A 75 1.31 0.87 -10.51
CA ALA A 75 0.70 2.11 -10.03
C ALA A 75 0.47 2.08 -8.51
N ALA A 76 0.14 0.90 -7.96
CA ALA A 76 0.04 0.69 -6.51
C ALA A 76 1.41 0.78 -5.83
N LEU A 77 2.43 0.10 -6.38
CA LEU A 77 3.78 0.16 -5.85
C LEU A 77 4.41 1.55 -5.94
N GLU A 78 4.17 2.33 -6.99
CA GLU A 78 4.58 3.75 -7.10
C GLU A 78 4.04 4.64 -5.97
N ALA A 79 2.91 4.28 -5.36
CA ALA A 79 2.42 4.98 -4.18
C ALA A 79 3.30 4.67 -2.96
N ILE A 80 3.76 3.42 -2.80
CA ILE A 80 4.75 3.04 -1.76
C ILE A 80 6.12 3.70 -2.02
N LYS A 81 6.64 3.65 -3.26
CA LYS A 81 7.94 4.25 -3.64
C LYS A 81 8.08 5.75 -3.36
N SER A 82 6.98 6.51 -3.42
CA SER A 82 6.94 7.90 -2.97
C SER A 82 6.61 8.04 -1.47
N ALA A 83 5.61 7.33 -0.95
CA ALA A 83 5.19 7.40 0.46
C ALA A 83 6.24 6.88 1.46
N ALA A 84 7.21 6.08 1.00
CA ALA A 84 8.35 5.60 1.77
C ALA A 84 9.12 6.72 2.52
N HIS A 85 9.21 7.91 1.94
CA HIS A 85 9.85 9.07 2.58
C HIS A 85 9.00 9.72 3.69
N LEU A 86 7.74 9.31 3.84
CA LEU A 86 6.76 9.90 4.76
C LEU A 86 6.53 9.06 6.03
N PHE A 87 6.82 7.74 6.01
CA PHE A 87 6.48 6.84 7.11
C PHE A 87 7.23 7.15 8.43
N PRO A 88 6.59 7.02 9.62
CA PRO A 88 7.22 7.27 10.92
C PRO A 88 8.33 6.26 11.23
N LYS A 89 9.39 6.71 11.91
CA LYS A 89 10.63 5.97 12.15
C LYS A 89 10.54 5.07 13.40
N PRO A 90 10.57 3.73 13.25
CA PRO A 90 10.67 2.76 14.34
C PRO A 90 12.08 2.69 14.94
N GLU A 91 12.24 1.93 16.02
CA GLU A 91 13.50 1.67 16.72
C GLU A 91 14.06 0.26 16.40
N GLU A 92 13.48 -0.45 15.44
CA GLU A 92 13.71 -1.87 15.16
C GLU A 92 13.40 -2.18 13.68
N THR A 93 14.07 -3.17 13.08
CA THR A 93 13.70 -3.68 11.74
C THR A 93 12.36 -4.42 11.73
N VAL A 94 11.42 -3.97 10.91
CA VAL A 94 10.02 -4.47 10.85
C VAL A 94 9.49 -4.52 9.41
N HIS A 95 8.70 -5.54 9.06
CA HIS A 95 8.23 -5.77 7.67
C HIS A 95 6.69 -5.79 7.59
N LEU A 96 6.15 -5.01 6.64
CA LEU A 96 4.75 -4.61 6.56
C LEU A 96 4.16 -4.88 5.16
N LYS A 97 2.84 -5.06 5.09
CA LYS A 97 2.07 -5.39 3.87
C LYS A 97 0.74 -4.60 3.91
N ILE A 98 0.40 -3.90 2.83
CA ILE A 98 -0.81 -3.09 2.68
C ILE A 98 -1.52 -3.48 1.36
N PRO A 99 -2.82 -3.83 1.38
CA PRO A 99 -3.60 -4.02 0.16
C PRO A 99 -4.10 -2.67 -0.42
N ILE A 100 -3.78 -2.40 -1.68
CA ILE A 100 -4.25 -1.27 -2.49
C ILE A 100 -5.29 -1.79 -3.51
N ALA A 101 -6.31 -1.01 -3.82
CA ALA A 101 -7.43 -1.44 -4.67
C ALA A 101 -7.84 -0.37 -5.69
N TYR A 102 -8.02 -0.79 -6.94
CA TYR A 102 -8.45 0.05 -8.06
C TYR A 102 -9.80 -0.41 -8.63
N SER A 103 -10.84 0.44 -8.59
CA SER A 103 -12.14 0.21 -9.25
C SER A 103 -12.88 1.53 -9.46
N LEU A 104 -13.61 1.62 -10.58
CA LEU A 104 -14.30 2.83 -11.03
C LEU A 104 -15.80 2.83 -10.67
N LYS A 105 -16.37 1.65 -10.41
CA LYS A 105 -17.82 1.44 -10.26
C LYS A 105 -18.35 1.80 -8.85
N GLU A 106 -19.63 2.19 -8.78
CA GLU A 106 -20.33 2.44 -7.53
C GLU A 106 -21.18 1.24 -7.11
N ASP A 107 -21.00 0.79 -5.86
CA ASP A 107 -21.75 -0.30 -5.20
C ASP A 107 -21.96 -0.09 -3.70
N SER A 1 -16.90 8.08 11.69
CA SER A 1 -17.44 7.03 10.82
C SER A 1 -17.14 5.62 11.35
N GLU A 2 -17.55 4.56 10.65
CA GLU A 2 -17.21 3.16 10.97
C GLU A 2 -16.94 2.34 9.70
N GLY A 3 -16.14 1.26 9.80
CA GLY A 3 -15.92 0.29 8.72
C GLY A 3 -14.66 0.49 7.88
N ALA A 4 -13.84 1.52 8.15
CA ALA A 4 -12.53 1.69 7.50
C ALA A 4 -11.59 0.50 7.77
N THR A 5 -10.59 0.30 6.90
CA THR A 5 -9.71 -0.88 6.91
C THR A 5 -9.07 -1.28 8.25
N SER A 6 -9.17 -2.57 8.55
CA SER A 6 -8.44 -3.29 9.61
C SER A 6 -7.80 -4.58 9.11
N GLU A 7 -8.19 -5.05 7.91
CA GLU A 7 -7.51 -6.12 7.16
C GLU A 7 -6.01 -5.83 6.98
N ALA A 8 -5.64 -4.56 6.82
CA ALA A 8 -4.24 -4.13 6.73
C ALA A 8 -3.44 -4.41 8.01
N GLN A 9 -3.94 -4.06 9.20
CA GLN A 9 -3.26 -4.44 10.45
C GLN A 9 -3.29 -5.96 10.65
N ALA A 10 -4.36 -6.65 10.22
CA ALA A 10 -4.52 -8.10 10.35
C ALA A 10 -3.57 -8.93 9.45
N TYR A 11 -2.91 -8.31 8.46
CA TYR A 11 -1.74 -8.89 7.77
C TYR A 11 -0.42 -8.91 8.54
N ASN A 12 -0.35 -8.10 9.60
CA ASN A 12 0.88 -7.75 10.32
C ASN A 12 0.65 -7.92 11.85
N PRO A 13 0.46 -9.16 12.35
CA PRO A 13 0.10 -9.41 13.74
C PRO A 13 1.15 -8.86 14.71
N GLY A 14 0.68 -8.09 15.67
CA GLY A 14 1.50 -7.36 16.65
C GLY A 14 1.89 -5.94 16.24
N VAL A 15 1.51 -5.46 15.05
CA VAL A 15 1.65 -4.03 14.68
C VAL A 15 0.78 -3.11 15.53
N SER A 16 1.32 -1.93 15.88
CA SER A 16 0.56 -0.85 16.50
C SER A 16 -0.45 -0.30 15.49
N ASN A 17 -1.74 -0.26 15.84
CA ASN A 17 -2.75 0.36 14.98
C ASN A 17 -2.46 1.84 14.70
N GLU A 18 -1.91 2.59 15.66
CA GLU A 18 -1.59 4.01 15.44
C GLU A 18 -0.51 4.20 14.35
N PHE A 19 0.47 3.30 14.30
CA PHE A 19 1.51 3.29 13.26
C PHE A 19 0.85 2.88 11.93
N LEU A 20 0.07 1.79 11.91
CA LEU A 20 -0.55 1.24 10.70
C LEU A 20 -1.58 2.22 10.08
N MET A 21 -2.35 2.92 10.91
CA MET A 21 -3.29 3.97 10.49
C MET A 21 -2.57 5.10 9.73
N LYS A 22 -1.35 5.48 10.15
CA LYS A 22 -0.55 6.52 9.47
C LYS A 22 -0.15 6.08 8.07
N ILE A 23 0.23 4.81 7.92
CA ILE A 23 0.66 4.24 6.64
C ILE A 23 -0.45 4.36 5.59
N GLN A 24 -1.69 4.04 5.97
CA GLN A 24 -2.84 4.01 5.05
C GLN A 24 -3.08 5.37 4.39
N THR A 25 -3.15 6.44 5.19
CA THR A 25 -3.36 7.81 4.70
C THR A 25 -2.15 8.35 3.91
N ALA A 26 -0.93 7.93 4.25
CA ALA A 26 0.29 8.34 3.55
C ALA A 26 0.40 7.74 2.13
N ILE A 27 0.02 6.47 1.93
CA ILE A 27 -0.03 5.87 0.57
C ILE A 27 -1.18 6.47 -0.22
N SER A 28 -2.37 6.48 0.37
CA SER A 28 -3.62 7.00 -0.23
C SER A 28 -3.46 8.43 -0.77
N SER A 29 -2.58 9.21 -0.14
CA SER A 29 -2.20 10.56 -0.53
C SER A 29 -1.49 10.62 -1.88
N LYS A 30 -0.60 9.66 -2.14
CA LYS A 30 0.20 9.50 -3.37
C LYS A 30 -0.42 8.51 -4.38
N ASN A 31 -1.41 7.72 -3.97
CA ASN A 31 -2.01 6.67 -4.79
C ASN A 31 -2.93 7.22 -5.88
N ARG A 32 -2.55 6.93 -7.12
CA ARG A 32 -3.26 7.25 -8.37
C ARG A 32 -3.36 6.05 -9.30
N TYR A 33 -4.47 5.93 -10.01
CA TYR A 33 -4.64 4.99 -11.14
C TYR A 33 -3.81 5.25 -12.42
N PRO A 34 -3.37 4.20 -13.15
CA PRO A 34 -2.69 4.32 -14.44
C PRO A 34 -3.68 4.75 -15.54
N LYS A 35 -3.60 6.01 -16.00
CA LYS A 35 -4.53 6.60 -16.99
C LYS A 35 -4.71 5.73 -18.24
N MET A 36 -3.65 5.05 -18.69
CA MET A 36 -3.67 4.12 -19.84
C MET A 36 -4.67 2.97 -19.70
N ALA A 37 -4.86 2.40 -18.51
CA ALA A 37 -5.84 1.35 -18.23
C ALA A 37 -7.27 1.90 -18.10
N GLN A 38 -7.43 3.16 -17.73
CA GLN A 38 -8.76 3.77 -17.53
C GLN A 38 -9.49 4.03 -18.86
N ILE A 39 -8.76 4.09 -19.97
CA ILE A 39 -9.29 4.19 -21.35
C ILE A 39 -10.30 3.08 -21.65
N ARG A 40 -10.01 1.84 -21.24
CA ARG A 40 -10.96 0.69 -21.23
C ARG A 40 -11.61 0.42 -19.87
N GLY A 41 -11.01 0.91 -18.78
CA GLY A 41 -11.52 0.80 -17.41
C GLY A 41 -11.12 -0.49 -16.68
N ILE A 42 -9.92 -1.04 -16.94
CA ILE A 42 -9.39 -2.22 -16.22
C ILE A 42 -9.39 -1.99 -14.70
N GLU A 43 -9.77 -2.99 -13.91
CA GLU A 43 -9.85 -2.95 -12.44
C GLU A 43 -9.53 -4.30 -11.77
N GLY A 44 -9.03 -4.28 -10.53
CA GLY A 44 -8.63 -5.47 -9.77
C GLY A 44 -7.93 -5.11 -8.46
N GLU A 45 -7.16 -6.03 -7.87
CA GLU A 45 -6.58 -5.88 -6.51
C GLU A 45 -5.08 -6.19 -6.48
N VAL A 46 -4.33 -5.49 -5.64
CA VAL A 46 -2.88 -5.62 -5.39
C VAL A 46 -2.51 -5.70 -3.90
N LEU A 47 -1.62 -6.60 -3.47
CA LEU A 47 -1.12 -6.65 -2.08
C LEU A 47 0.40 -6.40 -2.05
N VAL A 48 0.75 -5.20 -1.60
CA VAL A 48 2.11 -4.64 -1.61
C VAL A 48 2.73 -4.74 -0.22
N SER A 49 4.04 -4.96 -0.16
CA SER A 49 4.84 -5.02 1.07
C SER A 49 6.11 -4.17 1.02
N PHE A 50 6.71 -3.99 2.20
CA PHE A 50 7.98 -3.26 2.42
C PHE A 50 8.68 -3.61 3.73
N THR A 51 9.95 -3.22 3.84
CA THR A 51 10.74 -3.25 5.09
C THR A 51 11.14 -1.88 5.59
N ILE A 52 10.87 -1.56 6.86
CA ILE A 52 11.36 -0.36 7.53
C ILE A 52 12.44 -0.76 8.55
N ASN A 53 13.71 -0.55 8.20
CA ASN A 53 14.86 -0.71 9.11
C ASN A 53 14.87 0.30 10.25
N ALA A 54 15.61 -0.04 11.31
CA ALA A 54 15.72 0.72 12.55
C ALA A 54 16.52 2.02 12.40
N ASP A 55 17.02 2.31 11.19
CA ASP A 55 17.45 3.65 10.78
C ASP A 55 16.34 4.68 10.60
N GLY A 56 15.07 4.25 10.54
CA GLY A 56 13.94 5.11 10.23
C GLY A 56 13.83 5.40 8.73
N SER A 57 13.95 4.36 7.91
CA SER A 57 13.88 4.46 6.44
C SER A 57 13.25 3.19 5.83
N VAL A 58 12.61 3.34 4.67
CA VAL A 58 11.84 2.28 3.99
C VAL A 58 12.54 1.77 2.74
N THR A 59 12.59 0.45 2.55
CA THR A 59 13.32 -0.23 1.47
C THR A 59 12.73 -1.63 1.25
N ASP A 60 13.29 -2.42 0.34
CA ASP A 60 12.75 -3.75 0.02
C ASP A 60 11.28 -3.76 -0.48
N ILE A 61 10.84 -2.64 -1.06
CA ILE A 61 9.47 -2.43 -1.50
C ILE A 61 9.15 -3.34 -2.70
N LYS A 62 8.04 -4.09 -2.62
CA LYS A 62 7.61 -5.05 -3.65
C LYS A 62 6.11 -5.34 -3.62
N VAL A 63 5.58 -5.89 -4.71
CA VAL A 63 4.30 -6.61 -4.72
C VAL A 63 4.53 -8.06 -4.28
N VAL A 64 3.85 -8.51 -3.23
CA VAL A 64 3.91 -9.91 -2.77
C VAL A 64 2.85 -10.75 -3.47
N LYS A 65 1.62 -10.24 -3.51
CA LYS A 65 0.48 -10.94 -4.12
C LYS A 65 -0.35 -10.00 -5.00
N SER A 66 -0.98 -10.52 -6.06
CA SER A 66 -1.82 -9.70 -6.94
C SER A 66 -2.98 -10.46 -7.58
N ASN A 67 -3.96 -9.67 -8.02
CA ASN A 67 -5.21 -10.06 -8.66
C ASN A 67 -5.52 -9.10 -9.83
N THR A 68 -4.49 -8.53 -10.46
CA THR A 68 -4.58 -7.59 -11.58
C THR A 68 -3.34 -7.50 -12.48
N THR A 69 -3.42 -6.72 -13.57
CA THR A 69 -2.33 -6.51 -14.54
C THR A 69 -1.05 -5.90 -13.98
N ASP A 70 0.11 -6.23 -14.57
CA ASP A 70 1.38 -5.59 -14.18
C ASP A 70 1.50 -4.07 -14.38
N ILE A 71 0.60 -3.46 -15.16
CA ILE A 71 0.47 -1.99 -15.26
C ILE A 71 -0.18 -1.42 -14.00
N LEU A 72 -1.23 -2.06 -13.49
CA LEU A 72 -1.94 -1.69 -12.27
C LEU A 72 -1.14 -2.05 -11.00
N ASN A 73 -0.48 -3.22 -10.97
CA ASN A 73 0.40 -3.61 -9.86
C ASN A 73 1.52 -2.59 -9.61
N HIS A 74 2.06 -2.03 -10.69
CA HIS A 74 3.13 -1.02 -10.62
C HIS A 74 2.63 0.31 -10.05
N ALA A 75 1.39 0.69 -10.39
CA ALA A 75 0.77 1.93 -9.93
C ALA A 75 0.45 1.89 -8.43
N ALA A 76 0.07 0.72 -7.91
CA ALA A 76 -0.12 0.53 -6.47
C ALA A 76 1.22 0.65 -5.73
N LEU A 77 2.28 0.07 -6.30
CA LEU A 77 3.61 0.10 -5.70
C LEU A 77 4.30 1.48 -5.79
N GLU A 78 4.05 2.28 -6.83
CA GLU A 78 4.52 3.68 -6.90
C GLU A 78 4.01 4.54 -5.74
N ALA A 79 2.82 4.23 -5.22
CA ALA A 79 2.29 4.91 -4.05
C ALA A 79 3.09 4.53 -2.78
N ILE A 80 3.56 3.27 -2.67
CA ILE A 80 4.50 2.86 -1.61
C ILE A 80 5.85 3.54 -1.78
N LYS A 81 6.45 3.53 -2.99
CA LYS A 81 7.75 4.17 -3.26
C LYS A 81 7.79 5.68 -3.00
N SER A 82 6.64 6.33 -3.18
CA SER A 82 6.42 7.74 -2.85
C SER A 82 6.20 7.94 -1.35
N ALA A 83 5.29 7.18 -0.73
CA ALA A 83 4.96 7.30 0.69
C ALA A 83 6.08 6.82 1.63
N ALA A 84 7.04 6.04 1.13
CA ALA A 84 8.24 5.60 1.85
C ALA A 84 8.95 6.74 2.61
N HIS A 85 9.21 7.87 1.93
CA HIS A 85 9.87 9.03 2.53
C HIS A 85 8.98 9.82 3.52
N LEU A 86 7.67 9.53 3.57
CA LEU A 86 6.72 10.05 4.55
C LEU A 86 6.61 9.19 5.81
N PHE A 87 6.70 7.85 5.67
CA PHE A 87 6.36 6.90 6.75
C PHE A 87 7.07 7.17 8.09
N PRO A 88 6.42 6.91 9.24
CA PRO A 88 7.03 7.08 10.56
C PRO A 88 8.30 6.20 10.72
N LYS A 89 9.18 6.63 11.62
CA LYS A 89 10.52 6.09 11.83
C LYS A 89 10.60 5.26 13.12
N PRO A 90 10.60 3.91 13.03
CA PRO A 90 10.76 3.02 14.18
C PRO A 90 12.23 2.91 14.64
N GLU A 91 12.44 2.21 15.75
CA GLU A 91 13.75 1.78 16.26
C GLU A 91 13.86 0.24 16.26
N GLU A 92 13.20 -0.38 15.28
CA GLU A 92 13.17 -1.83 15.01
C GLU A 92 13.18 -2.07 13.49
N THR A 93 13.70 -3.19 13.01
CA THR A 93 13.61 -3.61 11.59
C THR A 93 12.29 -4.33 11.25
N VAL A 94 11.23 -3.56 11.04
CA VAL A 94 9.84 -4.05 10.90
C VAL A 94 9.41 -4.26 9.43
N HIS A 95 8.65 -5.31 9.15
CA HIS A 95 8.11 -5.60 7.80
C HIS A 95 6.58 -5.54 7.78
N LEU A 96 6.03 -4.89 6.74
CA LEU A 96 4.62 -4.51 6.63
C LEU A 96 4.04 -4.89 5.26
N LYS A 97 2.71 -5.07 5.21
CA LYS A 97 1.93 -5.41 4.01
C LYS A 97 0.62 -4.64 4.04
N ILE A 98 0.28 -3.95 2.95
CA ILE A 98 -0.93 -3.15 2.77
C ILE A 98 -1.63 -3.59 1.46
N PRO A 99 -2.93 -3.91 1.48
CA PRO A 99 -3.72 -4.13 0.28
C PRO A 99 -4.17 -2.81 -0.36
N ILE A 100 -4.09 -2.74 -1.69
CA ILE A 100 -4.55 -1.66 -2.56
C ILE A 100 -5.51 -2.24 -3.61
N ALA A 101 -6.52 -1.49 -4.04
CA ALA A 101 -7.50 -1.92 -5.05
C ALA A 101 -7.81 -0.80 -6.04
N TYR A 102 -8.04 -1.18 -7.30
CA TYR A 102 -8.38 -0.25 -8.37
C TYR A 102 -9.83 -0.31 -8.86
N SER A 103 -10.55 0.82 -8.86
CA SER A 103 -11.90 0.93 -9.40
C SER A 103 -12.25 2.37 -9.81
N LEU A 104 -12.94 2.50 -10.94
CA LEU A 104 -13.58 3.74 -11.43
C LEU A 104 -15.04 3.86 -10.96
N LYS A 105 -15.76 2.74 -10.79
CA LYS A 105 -17.21 2.64 -10.51
C LYS A 105 -17.68 3.16 -9.14
N GLU A 106 -16.78 3.79 -8.38
CA GLU A 106 -16.90 4.13 -6.96
C GLU A 106 -17.92 5.25 -6.68
N ASP A 107 -19.21 4.95 -6.86
CA ASP A 107 -20.35 5.85 -6.63
C ASP A 107 -20.82 5.97 -5.16
N SER A 1 -20.82 1.13 0.57
CA SER A 1 -19.88 0.84 1.67
C SER A 1 -18.64 0.16 1.14
N GLU A 2 -17.48 0.83 1.22
CA GLU A 2 -16.17 0.29 0.83
C GLU A 2 -15.68 -0.79 1.82
N GLY A 3 -16.09 -0.70 3.08
CA GLY A 3 -15.66 -1.54 4.20
C GLY A 3 -14.40 -1.02 4.89
N ALA A 4 -14.18 -1.42 6.14
CA ALA A 4 -13.01 -1.04 6.92
C ALA A 4 -11.74 -1.75 6.41
N THR A 5 -10.64 -0.99 6.26
CA THR A 5 -9.31 -1.51 5.87
C THR A 5 -8.45 -2.11 6.99
N SER A 6 -9.01 -2.31 8.19
CA SER A 6 -8.34 -2.89 9.36
C SER A 6 -7.86 -4.33 9.19
N GLU A 7 -8.27 -5.02 8.12
CA GLU A 7 -7.66 -6.29 7.69
C GLU A 7 -6.16 -6.12 7.35
N ALA A 8 -5.73 -4.90 7.00
CA ALA A 8 -4.32 -4.57 6.76
C ALA A 8 -3.44 -4.71 8.00
N GLN A 9 -3.92 -4.35 9.20
CA GLN A 9 -3.18 -4.63 10.43
C GLN A 9 -3.19 -6.15 10.71
N ALA A 10 -4.30 -6.84 10.41
CA ALA A 10 -4.45 -8.28 10.62
C ALA A 10 -3.54 -9.15 9.73
N TYR A 11 -3.10 -8.65 8.55
CA TYR A 11 -1.99 -9.23 7.78
C TYR A 11 -0.60 -9.10 8.38
N ASN A 12 -0.44 -8.14 9.30
CA ASN A 12 0.80 -7.84 10.02
C ASN A 12 0.62 -8.04 11.55
N PRO A 13 0.13 -9.20 12.02
CA PRO A 13 -0.26 -9.41 13.42
C PRO A 13 0.89 -9.06 14.38
N GLY A 14 0.58 -8.17 15.32
CA GLY A 14 1.51 -7.47 16.20
C GLY A 14 1.56 -5.95 15.99
N VAL A 15 1.27 -5.45 14.78
CA VAL A 15 1.29 -4.00 14.49
C VAL A 15 0.17 -3.18 15.16
N SER A 16 0.51 -1.99 15.66
CA SER A 16 -0.47 -0.99 16.13
C SER A 16 -1.33 -0.49 14.96
N ASN A 17 -2.66 -0.48 15.11
CA ASN A 17 -3.52 0.06 14.07
C ASN A 17 -3.33 1.57 13.90
N GLU A 18 -3.05 2.34 14.96
CA GLU A 18 -2.77 3.78 14.85
C GLU A 18 -1.57 4.03 13.93
N PHE A 19 -0.49 3.25 14.10
CA PHE A 19 0.70 3.28 13.25
C PHE A 19 0.36 2.85 11.82
N LEU A 20 -0.33 1.70 11.66
CA LEU A 20 -0.71 1.14 10.36
C LEU A 20 -1.67 2.07 9.58
N MET A 21 -2.55 2.75 10.30
CA MET A 21 -3.47 3.75 9.76
C MET A 21 -2.72 4.97 9.22
N LYS A 22 -1.61 5.39 9.88
CA LYS A 22 -0.73 6.46 9.36
C LYS A 22 -0.14 6.07 8.01
N ILE A 23 0.23 4.80 7.86
CA ILE A 23 0.74 4.29 6.59
C ILE A 23 -0.34 4.38 5.48
N GLN A 24 -1.59 4.00 5.78
CA GLN A 24 -2.69 4.00 4.81
C GLN A 24 -2.92 5.40 4.22
N THR A 25 -3.04 6.41 5.09
CA THR A 25 -3.22 7.82 4.70
C THR A 25 -1.99 8.44 4.02
N ALA A 26 -0.77 7.97 4.34
CA ALA A 26 0.46 8.39 3.67
C ALA A 26 0.52 7.87 2.21
N ILE A 27 0.20 6.60 1.96
CA ILE A 27 0.15 6.06 0.58
C ILE A 27 -0.99 6.70 -0.20
N SER A 28 -2.15 6.78 0.42
CA SER A 28 -3.35 7.47 -0.08
C SER A 28 -3.10 8.93 -0.48
N SER A 29 -2.05 9.56 0.05
CA SER A 29 -1.63 10.91 -0.36
C SER A 29 -1.09 10.93 -1.81
N LYS A 30 -0.27 9.92 -2.17
CA LYS A 30 0.49 9.89 -3.44
C LYS A 30 -0.06 8.86 -4.43
N ASN A 31 -0.94 7.97 -3.98
CA ASN A 31 -1.65 6.99 -4.80
C ASN A 31 -2.49 7.70 -5.87
N ARG A 32 -2.24 7.31 -7.11
CA ARG A 32 -2.91 7.78 -8.34
C ARG A 32 -3.02 6.65 -9.36
N TYR A 33 -4.17 6.57 -10.04
CA TYR A 33 -4.47 5.52 -11.01
C TYR A 33 -3.90 5.70 -12.43
N PRO A 34 -3.37 4.65 -13.09
CA PRO A 34 -2.66 4.77 -14.36
C PRO A 34 -3.62 5.01 -15.54
N LYS A 35 -3.52 6.14 -16.23
CA LYS A 35 -4.44 6.58 -17.30
C LYS A 35 -4.60 5.51 -18.40
N MET A 36 -3.51 4.83 -18.75
CA MET A 36 -3.46 3.69 -19.68
C MET A 36 -4.43 2.54 -19.37
N ALA A 37 -4.66 2.21 -18.08
CA ALA A 37 -5.69 1.24 -17.70
C ALA A 37 -7.10 1.85 -17.77
N GLN A 38 -7.27 3.13 -17.46
CA GLN A 38 -8.57 3.80 -17.44
C GLN A 38 -9.15 4.00 -18.86
N ILE A 39 -8.30 3.96 -19.90
CA ILE A 39 -8.68 3.92 -21.33
C ILE A 39 -9.63 2.74 -21.65
N ARG A 40 -9.57 1.65 -20.88
CA ARG A 40 -10.48 0.48 -20.97
C ARG A 40 -11.29 0.23 -19.69
N GLY A 41 -10.82 0.69 -18.54
CA GLY A 41 -11.46 0.51 -17.24
C GLY A 41 -11.02 -0.76 -16.52
N ILE A 42 -9.75 -1.16 -16.65
CA ILE A 42 -9.17 -2.26 -15.84
C ILE A 42 -9.30 -1.93 -14.34
N GLU A 43 -9.53 -2.97 -13.55
CA GLU A 43 -9.75 -2.91 -12.11
C GLU A 43 -9.22 -4.15 -11.37
N GLY A 44 -9.04 -4.01 -10.07
CA GLY A 44 -8.83 -5.11 -9.13
C GLY A 44 -8.10 -4.69 -7.85
N GLU A 45 -7.35 -5.63 -7.26
CA GLU A 45 -6.66 -5.46 -5.98
C GLU A 45 -5.17 -5.81 -6.12
N VAL A 46 -4.33 -5.14 -5.35
CA VAL A 46 -2.88 -5.37 -5.18
C VAL A 46 -2.50 -5.53 -3.70
N LEU A 47 -1.58 -6.43 -3.34
CA LEU A 47 -1.04 -6.56 -1.97
C LEU A 47 0.48 -6.28 -1.98
N VAL A 48 0.83 -5.02 -1.66
CA VAL A 48 2.23 -4.53 -1.69
C VAL A 48 2.83 -4.67 -0.29
N SER A 49 4.13 -4.94 -0.22
CA SER A 49 4.94 -4.99 1.01
C SER A 49 6.23 -4.17 0.94
N PHE A 50 6.82 -3.96 2.11
CA PHE A 50 8.07 -3.25 2.32
C PHE A 50 8.76 -3.64 3.64
N THR A 51 10.02 -3.22 3.80
CA THR A 51 10.74 -3.23 5.08
C THR A 51 11.07 -1.82 5.55
N ILE A 52 10.85 -1.52 6.83
CA ILE A 52 11.39 -0.32 7.47
C ILE A 52 12.49 -0.75 8.44
N ASN A 53 13.75 -0.43 8.16
CA ASN A 53 14.90 -0.68 9.05
C ASN A 53 14.88 0.18 10.32
N ALA A 54 15.67 -0.20 11.31
CA ALA A 54 15.86 0.55 12.56
C ALA A 54 16.45 1.95 12.34
N ASP A 55 17.07 2.18 11.17
CA ASP A 55 17.52 3.48 10.67
C ASP A 55 16.40 4.44 10.23
N GLY A 56 15.14 4.03 10.36
CA GLY A 56 13.95 4.87 10.13
C GLY A 56 13.56 5.07 8.66
N SER A 57 14.29 4.46 7.72
CA SER A 57 14.11 4.60 6.27
C SER A 57 13.45 3.37 5.65
N VAL A 58 12.70 3.51 4.56
CA VAL A 58 11.98 2.41 3.91
C VAL A 58 12.79 1.75 2.78
N THR A 59 12.72 0.44 2.63
CA THR A 59 13.55 -0.35 1.72
C THR A 59 12.78 -1.62 1.32
N ASP A 60 13.29 -2.36 0.34
CA ASP A 60 12.70 -3.64 -0.04
C ASP A 60 11.24 -3.59 -0.53
N ILE A 61 10.83 -2.45 -1.10
CA ILE A 61 9.46 -2.22 -1.56
C ILE A 61 9.16 -3.11 -2.77
N LYS A 62 8.09 -3.92 -2.71
CA LYS A 62 7.73 -4.96 -3.72
C LYS A 62 6.24 -5.32 -3.69
N VAL A 63 5.73 -5.94 -4.77
CA VAL A 63 4.46 -6.69 -4.74
C VAL A 63 4.70 -8.11 -4.23
N VAL A 64 3.88 -8.55 -3.27
CA VAL A 64 3.89 -9.94 -2.76
C VAL A 64 2.81 -10.77 -3.46
N LYS A 65 1.59 -10.25 -3.45
CA LYS A 65 0.40 -10.89 -4.06
C LYS A 65 -0.48 -9.89 -4.79
N SER A 66 -1.37 -10.41 -5.62
CA SER A 66 -2.16 -9.61 -6.57
C SER A 66 -3.49 -10.25 -6.94
N ASN A 67 -4.38 -9.41 -7.47
CA ASN A 67 -5.70 -9.74 -8.05
C ASN A 67 -6.01 -8.76 -9.22
N THR A 68 -4.98 -8.29 -9.93
CA THR A 68 -5.05 -7.41 -11.11
C THR A 68 -3.81 -7.47 -12.03
N THR A 69 -3.85 -6.78 -13.17
CA THR A 69 -2.76 -6.70 -14.17
C THR A 69 -1.49 -6.03 -13.59
N ASP A 70 -0.31 -6.42 -14.09
CA ASP A 70 0.96 -5.74 -13.79
C ASP A 70 1.05 -4.24 -14.11
N ILE A 71 0.17 -3.71 -14.97
CA ILE A 71 0.03 -2.26 -15.20
C ILE A 71 -0.47 -1.57 -13.91
N LEU A 72 -1.47 -2.17 -13.24
CA LEU A 72 -2.08 -1.66 -12.01
C LEU A 72 -1.27 -2.07 -10.76
N ASN A 73 -0.70 -3.28 -10.71
CA ASN A 73 0.17 -3.70 -9.61
C ASN A 73 1.34 -2.73 -9.36
N HIS A 74 1.88 -2.17 -10.45
CA HIS A 74 3.02 -1.26 -10.41
C HIS A 74 2.62 0.16 -10.02
N ALA A 75 1.42 0.60 -10.42
CA ALA A 75 0.87 1.88 -9.99
C ALA A 75 0.55 1.90 -8.48
N ALA A 76 0.16 0.74 -7.93
CA ALA A 76 -0.01 0.58 -6.48
C ALA A 76 1.34 0.65 -5.75
N LEU A 77 2.36 -0.05 -6.26
CA LEU A 77 3.72 0.02 -5.74
C LEU A 77 4.33 1.43 -5.84
N GLU A 78 4.07 2.17 -6.92
CA GLU A 78 4.47 3.57 -7.10
C GLU A 78 3.95 4.50 -5.99
N ALA A 79 2.81 4.19 -5.38
CA ALA A 79 2.32 4.92 -4.22
C ALA A 79 3.16 4.60 -2.97
N ILE A 80 3.65 3.36 -2.81
CA ILE A 80 4.63 3.03 -1.76
C ILE A 80 5.98 3.73 -2.04
N LYS A 81 6.51 3.69 -3.27
CA LYS A 81 7.74 4.41 -3.66
C LYS A 81 7.72 5.91 -3.30
N SER A 82 6.58 6.58 -3.51
CA SER A 82 6.41 8.02 -3.29
C SER A 82 5.95 8.38 -1.85
N ALA A 83 5.33 7.44 -1.13
CA ALA A 83 4.99 7.59 0.28
C ALA A 83 6.10 7.17 1.26
N ALA A 84 7.10 6.39 0.83
CA ALA A 84 8.23 5.96 1.65
C ALA A 84 8.90 7.11 2.43
N HIS A 85 9.17 8.24 1.76
CA HIS A 85 9.69 9.49 2.34
C HIS A 85 8.84 10.11 3.47
N LEU A 86 7.57 9.68 3.62
CA LEU A 86 6.58 10.19 4.59
C LEU A 86 6.39 9.29 5.82
N PHE A 87 6.88 8.05 5.79
CA PHE A 87 6.62 7.05 6.84
C PHE A 87 7.24 7.35 8.23
N PRO A 88 6.67 6.85 9.35
CA PRO A 88 7.26 6.97 10.68
C PRO A 88 8.55 6.15 10.85
N LYS A 89 9.31 6.43 11.92
CA LYS A 89 10.61 5.81 12.23
C LYS A 89 10.51 4.81 13.41
N PRO A 90 10.49 3.49 13.17
CA PRO A 90 10.52 2.45 14.20
C PRO A 90 11.91 2.35 14.87
N GLU A 91 12.00 1.59 15.95
CA GLU A 91 13.24 1.40 16.73
C GLU A 91 13.92 0.04 16.40
N GLU A 92 13.54 -0.60 15.30
CA GLU A 92 13.96 -1.94 14.87
C GLU A 92 13.71 -2.08 13.36
N THR A 93 14.26 -3.12 12.73
CA THR A 93 13.77 -3.57 11.42
C THR A 93 12.38 -4.25 11.51
N VAL A 94 11.43 -3.82 10.69
CA VAL A 94 10.03 -4.28 10.69
C VAL A 94 9.43 -4.41 9.28
N HIS A 95 8.56 -5.39 9.11
CA HIS A 95 7.96 -5.86 7.85
C HIS A 95 6.46 -5.55 7.83
N LEU A 96 6.01 -4.86 6.78
CA LEU A 96 4.62 -4.44 6.60
C LEU A 96 4.09 -4.77 5.21
N LYS A 97 2.78 -5.05 5.12
CA LYS A 97 2.00 -5.27 3.90
C LYS A 97 0.74 -4.40 3.95
N ILE A 98 0.44 -3.69 2.86
CA ILE A 98 -0.74 -2.84 2.70
C ILE A 98 -1.48 -3.25 1.41
N PRO A 99 -2.78 -3.55 1.46
CA PRO A 99 -3.59 -3.76 0.26
C PRO A 99 -4.06 -2.43 -0.36
N ILE A 100 -3.91 -2.33 -1.68
CA ILE A 100 -4.36 -1.18 -2.52
C ILE A 100 -5.38 -1.69 -3.56
N ALA A 101 -6.40 -0.90 -3.91
CA ALA A 101 -7.42 -1.28 -4.89
C ALA A 101 -7.76 -0.16 -5.89
N TYR A 102 -8.12 -0.57 -7.11
CA TYR A 102 -8.43 0.31 -8.24
C TYR A 102 -9.72 -0.09 -8.96
N SER A 103 -10.72 0.81 -9.08
CA SER A 103 -11.92 0.55 -9.88
C SER A 103 -12.65 1.82 -10.34
N LEU A 104 -13.09 1.84 -11.60
CA LEU A 104 -14.03 2.85 -12.13
C LEU A 104 -15.49 2.45 -11.87
N LYS A 105 -15.79 1.15 -11.93
CA LYS A 105 -17.05 0.54 -11.44
C LYS A 105 -17.08 0.49 -9.90
N GLU A 106 -18.28 0.34 -9.33
CA GLU A 106 -18.48 0.20 -7.88
C GLU A 106 -19.71 -0.69 -7.56
N ASP A 107 -19.56 -2.01 -7.75
CA ASP A 107 -20.59 -3.04 -7.53
C ASP A 107 -20.17 -4.23 -6.66
#